data_6N95
#
_entry.id   6N95
#
_cell.length_a   86.927
_cell.length_b   114.421
_cell.length_c   193.430
_cell.angle_alpha   90.000
_cell.angle_beta   90.000
_cell.angle_gamma   90.000
#
_symmetry.space_group_name_H-M   'P 21 21 21'
#
loop_
_entity.id
_entity.type
_entity.pdbx_description
1 polymer 'Methylmalonyl-CoA decarboxylase'
2 non-polymer (2S)-sulfonatepropionyl-CoA
3 non-polymer (2R)-sulfonatepropionyl-CoA
4 non-polymer 'NICKEL (II) ION'
5 non-polymer 'POTASSIUM ION'
6 non-polymer 'TETRAETHYLENE GLYCOL'
7 non-polymer DI(HYDROXYETHYL)ETHER
8 non-polymer 'TRIETHYLENE GLYCOL'
9 water water
#
_entity_poly.entity_id   1
_entity_poly.type   'polypeptide(L)'
_entity_poly.pdbx_seq_one_letter_code
;MAYQYVNVVTINKVAVIEFNYGRKLNALSKVFIDDLMQALSDLNRPEIRCIILRAPSGSKVFSAGHDIHELPSGGRDPLS
YDDPLRQITRMIQKFPKPIISMVEGSVWGGAFEMIMSSDLIIAASTSTFSMTPVNLGVPYNLVGIHNLTRDAGFHIVKEL
IFTASPITAQRALAVGILNHVVEVEELEDFTLQMAHHISEKAPLAIAVIKEELRVLGEAHTMNSDEFERIQGMRRAVYDS
EDYQEGMNAFLEKRKPNFVGH
;
_entity_poly.pdbx_strand_id   A,B,C,D,E,F
#
# COMPACT_ATOMS: atom_id res chain seq x y z
N ALA A 2 19.36 -19.92 34.50
CA ALA A 2 18.09 -19.78 35.24
C ALA A 2 17.59 -18.34 35.13
N TYR A 3 16.31 -18.17 35.43
CA TYR A 3 15.59 -16.89 35.23
C TYR A 3 14.81 -16.69 36.50
N GLN A 4 14.61 -15.44 36.92
CA GLN A 4 13.81 -15.16 38.12
C GLN A 4 12.34 -15.49 37.85
N TYR A 5 11.81 -15.20 36.66
CA TYR A 5 10.34 -15.16 36.47
C TYR A 5 9.81 -16.18 35.46
N VAL A 6 10.68 -17.02 34.91
CA VAL A 6 10.27 -18.18 34.08
C VAL A 6 11.11 -19.39 34.47
N ASN A 7 10.55 -20.56 34.21
CA ASN A 7 11.26 -21.85 34.31
C ASN A 7 11.21 -22.51 32.92
N VAL A 8 12.36 -22.99 32.44
CA VAL A 8 12.49 -23.60 31.09
C VAL A 8 12.83 -25.07 31.26
N VAL A 9 12.12 -25.96 30.56
CA VAL A 9 12.53 -27.39 30.46
C VAL A 9 12.64 -27.71 28.97
N THR A 10 13.58 -28.58 28.64
CA THR A 10 13.82 -29.06 27.27
C THR A 10 13.46 -30.54 27.26
N ILE A 11 12.64 -30.95 26.30
CA ILE A 11 12.27 -32.37 26.10
C ILE A 11 12.61 -32.66 24.64
N ASN A 12 13.76 -33.25 24.40
CA ASN A 12 14.28 -33.56 23.03
C ASN A 12 14.51 -32.23 22.30
N LYS A 13 13.73 -31.90 21.25
CA LYS A 13 13.95 -30.63 20.52
C LYS A 13 12.88 -29.59 20.89
N VAL A 14 12.03 -29.88 21.88
CA VAL A 14 10.97 -28.93 22.29
C VAL A 14 11.42 -28.24 23.58
N ALA A 15 11.26 -26.92 23.65
CA ALA A 15 11.47 -26.14 24.89
C ALA A 15 10.12 -25.62 25.41
N VAL A 16 9.88 -25.80 26.71
CA VAL A 16 8.66 -25.34 27.41
C VAL A 16 9.05 -24.18 28.34
N ILE A 17 8.54 -22.98 28.06
CA ILE A 17 8.77 -21.79 28.92
C ILE A 17 7.54 -21.66 29.80
N GLU A 18 7.73 -21.85 31.10
CA GLU A 18 6.63 -21.83 32.07
C GLU A 18 6.74 -20.55 32.88
N PHE A 19 5.66 -19.79 32.92
CA PHE A 19 5.66 -18.54 33.71
C PHE A 19 5.93 -18.88 35.18
N ASN A 20 6.65 -18.00 35.85
CA ASN A 20 6.88 -18.11 37.31
C ASN A 20 6.67 -16.72 37.95
N TYR A 21 5.47 -16.18 37.82
CA TYR A 21 5.16 -14.84 38.34
C TYR A 21 3.75 -14.88 38.93
N GLY A 22 3.41 -15.99 39.59
CA GLY A 22 2.08 -16.34 40.13
C GLY A 22 1.63 -15.34 41.17
N ARG A 23 2.60 -14.63 41.76
CA ARG A 23 2.38 -13.62 42.82
CA ARG A 23 2.42 -13.61 42.82
C ARG A 23 1.64 -12.41 42.25
N LYS A 24 1.78 -12.16 40.94
CA LYS A 24 1.00 -11.10 40.26
C LYS A 24 0.22 -11.71 39.07
N LEU A 25 -0.11 -12.99 39.20
CA LEU A 25 -0.93 -13.77 38.23
C LEU A 25 -0.36 -13.63 36.82
N ASN A 26 0.96 -13.63 36.71
CA ASN A 26 1.71 -13.67 35.42
C ASN A 26 1.36 -12.42 34.60
N ALA A 27 1.02 -11.32 35.28
CA ALA A 27 0.82 -10.01 34.65
C ALA A 27 2.13 -9.70 33.94
N LEU A 28 2.02 -9.07 32.79
CA LEU A 28 3.13 -8.81 31.86
C LEU A 28 3.93 -7.58 32.30
N SER A 29 4.46 -7.61 33.52
CA SER A 29 5.41 -6.59 34.04
C SER A 29 6.68 -6.57 33.18
N LYS A 30 7.36 -5.42 33.12
CA LYS A 30 8.63 -5.27 32.37
CA LYS A 30 8.61 -5.28 32.35
C LYS A 30 9.56 -6.43 32.74
N VAL A 31 9.71 -6.70 34.02
CA VAL A 31 10.79 -7.68 34.41
C VAL A 31 10.40 -9.11 34.04
N PHE A 32 9.13 -9.42 34.03
CA PHE A 32 8.63 -10.75 33.61
C PHE A 32 8.90 -10.90 32.11
N ILE A 33 8.50 -9.91 31.33
CA ILE A 33 8.68 -9.91 29.86
C ILE A 33 10.17 -9.91 29.55
N ASP A 34 11.02 -9.16 30.27
CA ASP A 34 12.49 -9.25 30.01
C ASP A 34 12.98 -10.70 30.12
N ASP A 35 12.51 -11.46 31.11
CA ASP A 35 12.93 -12.87 31.31
C ASP A 35 12.34 -13.77 30.22
N LEU A 36 11.09 -13.55 29.81
CA LEU A 36 10.47 -14.34 28.73
CA LEU A 36 10.46 -14.33 28.72
C LEU A 36 11.28 -14.13 27.43
N MET A 37 11.65 -12.89 27.14
CA MET A 37 12.41 -12.56 25.93
C MET A 37 13.83 -13.13 26.04
N GLN A 38 14.45 -13.04 27.22
CA GLN A 38 15.82 -13.60 27.42
C GLN A 38 15.77 -15.11 27.16
N ALA A 39 14.79 -15.80 27.72
CA ALA A 39 14.64 -17.27 27.59
C ALA A 39 14.41 -17.67 26.11
N LEU A 40 13.54 -16.95 25.37
CA LEU A 40 13.38 -17.19 23.92
C LEU A 40 14.70 -16.99 23.20
N SER A 41 15.35 -15.86 23.41
CA SER A 41 16.67 -15.59 22.76
C SER A 41 17.66 -16.73 23.07
N ASP A 42 17.72 -17.20 24.32
CA ASP A 42 18.66 -18.27 24.75
C ASP A 42 18.30 -19.59 24.04
N LEU A 43 17.04 -19.78 23.61
CA LEU A 43 16.57 -21.00 22.93
C LEU A 43 16.61 -20.83 21.41
N ASN A 44 17.11 -19.74 20.89
CA ASN A 44 17.20 -19.54 19.42
C ASN A 44 18.49 -20.23 18.92
N ARG A 45 18.49 -21.57 18.91
CA ARG A 45 19.64 -22.43 18.53
C ARG A 45 19.11 -23.61 17.72
N PRO A 46 19.94 -24.19 16.83
CA PRO A 46 19.47 -25.19 15.87
C PRO A 46 18.84 -26.44 16.51
N GLU A 47 19.29 -26.82 17.68
CA GLU A 47 18.83 -28.07 18.33
C GLU A 47 17.47 -27.84 19.01
N ILE A 48 16.96 -26.61 19.04
CA ILE A 48 15.57 -26.38 19.51
C ILE A 48 14.68 -26.13 18.31
N ARG A 49 13.54 -26.78 18.20
CA ARG A 49 12.71 -26.71 16.97
CA ARG A 49 12.72 -26.69 16.96
C ARG A 49 11.30 -26.18 17.24
N CYS A 50 10.85 -26.14 18.49
CA CYS A 50 9.46 -25.74 18.82
C CYS A 50 9.46 -25.24 20.26
N ILE A 51 8.72 -24.16 20.50
CA ILE A 51 8.55 -23.55 21.85
C ILE A 51 7.10 -23.74 22.24
N ILE A 52 6.89 -24.07 23.50
CA ILE A 52 5.58 -23.99 24.18
C ILE A 52 5.68 -22.94 25.26
N LEU A 53 4.71 -22.01 25.28
CA LEU A 53 4.48 -21.05 26.37
C LEU A 53 3.35 -21.64 27.22
N ARG A 54 3.50 -21.63 28.55
CA ARG A 54 2.47 -22.14 29.48
C ARG A 54 2.55 -21.44 30.84
N ALA A 55 1.44 -21.45 31.55
CA ALA A 55 1.37 -21.18 33.00
C ALA A 55 1.62 -22.49 33.72
N PRO A 56 2.02 -22.43 35.00
CA PRO A 56 2.15 -23.64 35.78
C PRO A 56 0.83 -24.42 35.81
N SER A 57 0.96 -25.74 35.92
CA SER A 57 -0.14 -26.71 36.07
C SER A 57 -1.05 -26.26 37.22
N GLY A 58 -2.36 -26.26 36.98
CA GLY A 58 -3.41 -25.92 37.97
C GLY A 58 -3.64 -24.44 38.11
N SER A 59 -3.00 -23.58 37.30
CA SER A 59 -3.19 -22.11 37.39
C SER A 59 -4.65 -21.79 37.13
N LYS A 60 -5.23 -20.89 37.93
CA LYS A 60 -6.60 -20.38 37.70
C LYS A 60 -6.52 -19.25 36.67
N VAL A 61 -5.45 -18.49 36.77
CA VAL A 61 -5.18 -17.35 35.86
C VAL A 61 -3.93 -17.68 35.04
N PHE A 62 -4.12 -17.82 33.72
CA PHE A 62 -2.99 -18.02 32.78
C PHE A 62 -2.13 -16.76 32.82
N SER A 63 -2.74 -15.59 32.63
CA SER A 63 -2.06 -14.28 32.79
C SER A 63 -3.13 -13.21 32.93
N ALA A 64 -2.93 -12.30 33.87
CA ALA A 64 -3.85 -11.18 34.17
C ALA A 64 -3.67 -10.02 33.18
N GLY A 65 -2.79 -10.14 32.20
CA GLY A 65 -2.61 -9.20 31.10
C GLY A 65 -1.55 -8.21 31.40
N HIS A 66 -1.58 -7.07 30.72
CA HIS A 66 -0.58 -5.99 30.98
CA HIS A 66 -0.60 -5.98 30.97
C HIS A 66 -0.62 -5.66 32.47
N ASP A 67 0.52 -5.30 33.02
CA ASP A 67 0.58 -4.85 34.44
C ASP A 67 -0.03 -3.45 34.46
N ILE A 68 -1.23 -3.32 34.99
CA ILE A 68 -1.97 -2.02 35.05
C ILE A 68 -1.14 -0.96 35.77
N HIS A 69 -0.35 -1.35 36.75
CA HIS A 69 0.50 -0.42 37.54
C HIS A 69 1.60 0.20 36.70
N GLU A 70 2.02 -0.47 35.63
CA GLU A 70 3.08 0.04 34.74
C GLU A 70 2.49 0.86 33.59
N LEU A 71 1.18 0.94 33.42
CA LEU A 71 0.56 1.87 32.44
C LEU A 71 0.79 3.31 32.92
N PRO A 72 1.04 4.27 32.02
CA PRO A 72 1.18 5.68 32.43
C PRO A 72 -0.13 6.29 32.99
N SER A 73 -0.01 7.38 33.74
CA SER A 73 -1.12 7.94 34.57
C SER A 73 -2.07 8.81 33.75
N GLY A 74 -1.63 9.20 32.57
CA GLY A 74 -2.42 10.11 31.71
C GLY A 74 -1.49 10.94 30.88
N GLY A 75 -1.88 11.28 29.65
CA GLY A 75 -1.09 12.20 28.81
C GLY A 75 0.08 11.52 28.13
N ARG A 76 0.23 10.20 28.27
CA ARG A 76 1.32 9.45 27.61
C ARG A 76 0.73 8.25 26.90
N ASP A 77 1.32 7.87 25.77
CA ASP A 77 0.80 6.69 25.05
C ASP A 77 1.06 5.48 25.93
N PRO A 78 0.03 4.70 26.34
CA PRO A 78 0.25 3.50 27.14
C PRO A 78 0.74 2.27 26.34
N LEU A 79 0.73 2.37 25.01
CA LEU A 79 1.15 1.20 24.18
C LEU A 79 2.10 1.65 23.09
N SER A 80 3.19 2.28 23.51
CA SER A 80 4.22 2.82 22.59
CA SER A 80 4.23 2.82 22.59
C SER A 80 5.08 1.64 22.11
N TYR A 81 5.80 1.83 21.04
CA TYR A 81 6.53 0.74 20.34
C TYR A 81 7.45 -0.05 21.29
N ASP A 82 8.07 0.60 22.28
CA ASP A 82 9.02 -0.03 23.24
C ASP A 82 8.33 -0.59 24.48
N ASP A 83 7.02 -0.48 24.63
CA ASP A 83 6.28 -1.12 25.75
C ASP A 83 6.59 -2.62 25.74
N PRO A 84 6.78 -3.25 26.91
CA PRO A 84 7.05 -4.70 26.92
C PRO A 84 6.05 -5.57 26.16
N LEU A 85 4.74 -5.35 26.27
CA LEU A 85 3.73 -6.13 25.48
C LEU A 85 4.05 -5.97 23.99
N ARG A 86 4.39 -4.75 23.55
CA ARG A 86 4.63 -4.48 22.10
C ARG A 86 5.91 -5.20 21.69
N GLN A 87 6.90 -5.27 22.59
CA GLN A 87 8.17 -5.97 22.32
CA GLN A 87 8.17 -5.97 22.31
C GLN A 87 7.96 -7.48 22.17
N ILE A 88 7.23 -8.10 23.11
CA ILE A 88 7.13 -9.58 23.16
C ILE A 88 6.31 -10.09 21.97
N THR A 89 5.25 -9.38 21.54
CA THR A 89 4.48 -9.80 20.35
C THR A 89 5.36 -9.74 19.12
N ARG A 90 6.15 -8.67 18.92
CA ARG A 90 7.08 -8.62 17.79
C ARG A 90 8.04 -9.80 17.90
N MET A 91 8.57 -10.06 19.10
CA MET A 91 9.62 -11.11 19.20
C MET A 91 9.04 -12.50 18.88
N ILE A 92 7.85 -12.81 19.41
CA ILE A 92 7.14 -14.08 19.12
C ILE A 92 6.92 -14.19 17.61
N GLN A 93 6.45 -13.12 16.97
CA GLN A 93 6.06 -13.18 15.56
C GLN A 93 7.30 -13.34 14.68
N LYS A 94 8.45 -12.82 15.10
CA LYS A 94 9.69 -12.84 14.28
C LYS A 94 10.54 -14.04 14.66
N PHE A 95 10.15 -14.77 15.67
CA PHE A 95 10.96 -15.92 16.16
C PHE A 95 10.93 -17.03 15.13
N PRO A 96 12.10 -17.55 14.68
CA PRO A 96 12.12 -18.47 13.54
C PRO A 96 11.70 -19.93 13.82
N LYS A 97 11.10 -20.19 14.98
CA LYS A 97 10.57 -21.51 15.37
C LYS A 97 9.11 -21.28 15.71
N PRO A 98 8.25 -22.29 15.55
CA PRO A 98 6.88 -22.19 16.02
C PRO A 98 6.86 -22.03 17.55
N ILE A 99 5.97 -21.16 17.98
CA ILE A 99 5.61 -20.89 19.38
C ILE A 99 4.14 -21.25 19.55
N ILE A 100 3.91 -22.29 20.34
CA ILE A 100 2.57 -22.80 20.72
C ILE A 100 2.19 -22.26 22.12
N SER A 101 1.08 -21.56 22.21
CA SER A 101 0.52 -21.15 23.52
C SER A 101 -0.32 -22.32 24.07
N MET A 102 0.07 -22.85 25.22
CA MET A 102 -0.68 -23.96 25.88
C MET A 102 -1.39 -23.38 27.11
N VAL A 103 -2.70 -23.22 27.02
CA VAL A 103 -3.50 -22.34 27.95
C VAL A 103 -4.32 -23.18 28.90
N GLU A 104 -4.05 -22.95 30.18
CA GLU A 104 -4.84 -23.38 31.33
C GLU A 104 -5.10 -22.12 32.13
N GLY A 105 -6.35 -21.90 32.45
CA GLY A 105 -6.81 -20.76 33.26
C GLY A 105 -7.33 -19.63 32.38
N SER A 106 -7.55 -18.48 33.00
CA SER A 106 -8.18 -17.30 32.38
C SER A 106 -7.09 -16.42 31.75
N VAL A 107 -7.40 -15.83 30.59
CA VAL A 107 -6.47 -15.03 29.78
C VAL A 107 -7.13 -13.66 29.65
N TRP A 108 -6.38 -12.59 29.92
CA TRP A 108 -6.90 -11.21 29.96
C TRP A 108 -6.08 -10.26 29.07
N GLY A 109 -6.75 -9.44 28.26
CA GLY A 109 -6.16 -8.20 27.70
C GLY A 109 -4.91 -8.47 26.89
N GLY A 110 -3.82 -7.76 27.23
CA GLY A 110 -2.53 -7.92 26.54
C GLY A 110 -2.08 -9.37 26.48
N ALA A 111 -2.48 -10.21 27.44
CA ALA A 111 -2.08 -11.62 27.40
C ALA A 111 -2.88 -12.36 26.33
N PHE A 112 -4.11 -11.93 26.09
CA PHE A 112 -4.91 -12.47 24.99
C PHE A 112 -4.26 -12.09 23.65
N GLU A 113 -3.85 -10.85 23.51
CA GLU A 113 -3.08 -10.43 22.32
C GLU A 113 -1.78 -11.26 22.21
N MET A 114 -1.08 -11.46 23.32
CA MET A 114 0.19 -12.23 23.28
C MET A 114 -0.06 -13.63 22.71
N ILE A 115 -1.05 -14.38 23.20
CA ILE A 115 -1.29 -15.75 22.69
C ILE A 115 -1.79 -15.66 21.23
N MET A 116 -2.56 -14.64 20.86
CA MET A 116 -3.05 -14.49 19.48
C MET A 116 -1.84 -14.28 18.54
N SER A 117 -0.77 -13.65 19.03
CA SER A 117 0.46 -13.35 18.26
C SER A 117 1.25 -14.65 18.07
N SER A 118 0.99 -15.69 18.88
CA SER A 118 1.73 -16.96 18.76
C SER A 118 1.16 -17.79 17.59
N ASP A 119 1.80 -18.90 17.28
CA ASP A 119 1.53 -19.64 16.02
C ASP A 119 0.31 -20.55 16.17
N LEU A 120 0.20 -21.23 17.30
CA LEU A 120 -0.89 -22.19 17.62
CA LEU A 120 -0.93 -22.15 17.61
C LEU A 120 -1.37 -21.92 19.05
N ILE A 121 -2.63 -22.20 19.35
CA ILE A 121 -3.18 -22.11 20.72
C ILE A 121 -3.94 -23.42 20.98
N ILE A 122 -3.48 -24.17 21.96
CA ILE A 122 -4.14 -25.38 22.50
C ILE A 122 -4.52 -25.07 23.94
N ALA A 123 -5.78 -25.28 24.30
CA ALA A 123 -6.32 -24.79 25.57
C ALA A 123 -7.10 -25.91 26.26
N ALA A 124 -7.11 -25.82 27.58
CA ALA A 124 -7.98 -26.60 28.48
C ALA A 124 -9.44 -26.26 28.19
N SER A 125 -10.34 -27.22 28.39
CA SER A 125 -11.80 -27.02 28.21
C SER A 125 -12.32 -26.00 29.20
N THR A 126 -11.60 -25.70 30.30
CA THR A 126 -12.06 -24.75 31.35
C THR A 126 -11.45 -23.36 31.20
N SER A 127 -10.59 -23.16 30.21
CA SER A 127 -9.88 -21.88 30.00
C SER A 127 -10.88 -20.87 29.48
N THR A 128 -10.66 -19.58 29.78
CA THR A 128 -11.52 -18.47 29.34
C THR A 128 -10.65 -17.33 28.80
N PHE A 129 -11.25 -16.47 27.99
CA PHE A 129 -10.54 -15.45 27.20
C PHE A 129 -11.36 -14.18 27.21
N SER A 130 -10.68 -13.07 27.52
CA SER A 130 -11.36 -11.75 27.45
CA SER A 130 -11.28 -11.71 27.67
C SER A 130 -10.36 -10.67 27.02
N MET A 131 -10.90 -9.71 26.30
CA MET A 131 -10.13 -8.53 25.81
C MET A 131 -10.65 -7.31 26.58
N THR A 132 -9.80 -6.62 27.33
CA THR A 132 -10.22 -5.71 28.44
C THR A 132 -10.00 -4.21 28.25
N PRO A 133 -9.48 -3.63 27.14
CA PRO A 133 -9.22 -2.18 27.11
C PRO A 133 -10.45 -1.32 27.43
N VAL A 134 -11.62 -1.74 27.03
CA VAL A 134 -12.83 -0.91 27.26
C VAL A 134 -13.23 -0.95 28.74
N ASN A 135 -12.65 -1.84 29.55
CA ASN A 135 -12.86 -1.87 31.04
C ASN A 135 -12.06 -0.73 31.69
N LEU A 136 -11.00 -0.25 31.05
CA LEU A 136 -10.03 0.66 31.66
C LEU A 136 -9.97 1.99 30.92
N GLY A 137 -10.62 2.11 29.75
CA GLY A 137 -10.53 3.32 28.94
C GLY A 137 -9.25 3.43 28.15
N VAL A 138 -8.61 2.31 27.83
CA VAL A 138 -7.28 2.28 27.13
C VAL A 138 -7.47 2.34 25.61
N PRO A 139 -6.77 3.27 24.91
CA PRO A 139 -6.77 3.35 23.45
C PRO A 139 -5.75 2.31 22.94
N TYR A 140 -6.22 1.11 22.68
CA TYR A 140 -5.38 0.05 22.08
C TYR A 140 -4.76 0.63 20.80
N ASN A 141 -3.60 0.12 20.42
CA ASN A 141 -2.84 0.62 19.25
C ASN A 141 -3.18 -0.23 18.04
N LEU A 142 -2.90 0.33 16.86
CA LEU A 142 -3.21 -0.31 15.55
C LEU A 142 -2.53 -1.67 15.43
N VAL A 143 -1.26 -1.77 15.80
CA VAL A 143 -0.56 -3.06 15.62
C VAL A 143 -1.26 -4.10 16.50
N GLY A 144 -1.57 -3.75 17.74
CA GLY A 144 -2.15 -4.65 18.74
C GLY A 144 -3.53 -5.11 18.30
N ILE A 145 -4.37 -4.18 17.82
CA ILE A 145 -5.69 -4.55 17.28
C ILE A 145 -5.53 -5.46 16.07
N HIS A 146 -4.59 -5.15 15.17
CA HIS A 146 -4.36 -5.96 13.95
C HIS A 146 -4.05 -7.42 14.36
N ASN A 147 -3.28 -7.60 15.41
CA ASN A 147 -2.89 -8.93 15.94
C ASN A 147 -4.12 -9.73 16.36
N LEU A 148 -5.27 -9.09 16.62
CA LEU A 148 -6.51 -9.79 17.04
C LEU A 148 -7.44 -10.12 15.86
N THR A 149 -7.08 -9.79 14.61
CA THR A 149 -8.02 -9.83 13.47
C THR A 149 -7.70 -10.98 12.51
N ARG A 150 -6.76 -11.88 12.80
CA ARG A 150 -6.25 -12.86 11.79
C ARG A 150 -6.87 -14.25 11.98
N ASP A 151 -7.76 -14.40 12.94
CA ASP A 151 -8.34 -15.71 13.33
C ASP A 151 -9.87 -15.66 13.23
N ALA A 152 -10.54 -14.94 14.10
CA ALA A 152 -12.03 -14.76 14.07
C ALA A 152 -12.40 -13.56 13.18
N GLY A 153 -13.62 -13.50 12.68
CA GLY A 153 -14.06 -12.40 11.83
C GLY A 153 -14.32 -11.12 12.61
N PHE A 154 -14.59 -10.03 11.90
CA PHE A 154 -14.72 -8.68 12.50
C PHE A 154 -15.83 -8.66 13.54
N HIS A 155 -17.02 -9.14 13.19
CA HIS A 155 -18.17 -9.11 14.15
C HIS A 155 -17.76 -9.78 15.46
N ILE A 156 -17.07 -10.91 15.39
CA ILE A 156 -16.67 -11.64 16.61
C ILE A 156 -15.65 -10.81 17.40
N VAL A 157 -14.68 -10.22 16.71
CA VAL A 157 -13.61 -9.44 17.38
C VAL A 157 -14.25 -8.22 18.05
N LYS A 158 -15.18 -7.57 17.38
CA LYS A 158 -15.88 -6.42 17.96
C LYS A 158 -16.73 -6.80 19.18
N GLU A 159 -17.44 -7.91 19.13
CA GLU A 159 -18.15 -8.42 20.31
C GLU A 159 -17.13 -8.58 21.44
N LEU A 160 -16.01 -9.26 21.19
CA LEU A 160 -14.99 -9.52 22.25
CA LEU A 160 -15.00 -9.53 22.25
C LEU A 160 -14.53 -8.19 22.85
N ILE A 161 -14.19 -7.23 22.02
CA ILE A 161 -13.59 -5.96 22.54
C ILE A 161 -14.67 -5.08 23.13
N PHE A 162 -15.82 -4.89 22.47
CA PHE A 162 -16.82 -3.92 22.97
C PHE A 162 -17.48 -4.38 24.29
N THR A 163 -17.62 -5.68 24.51
CA THR A 163 -18.26 -6.25 25.73
C THR A 163 -17.21 -6.47 26.80
N ALA A 164 -15.96 -6.75 26.42
CA ALA A 164 -14.92 -7.23 27.34
C ALA A 164 -15.41 -8.49 28.09
N SER A 165 -16.38 -9.23 27.57
CA SER A 165 -16.97 -10.41 28.23
C SER A 165 -16.10 -11.63 27.92
N PRO A 166 -15.84 -12.50 28.91
CA PRO A 166 -15.05 -13.69 28.66
C PRO A 166 -15.85 -14.64 27.79
N ILE A 167 -15.13 -15.37 26.94
CA ILE A 167 -15.69 -16.48 26.16
C ILE A 167 -15.04 -17.77 26.61
N THR A 168 -15.77 -18.85 26.43
CA THR A 168 -15.31 -20.21 26.76
C THR A 168 -14.32 -20.70 25.71
N ALA A 169 -13.57 -21.73 26.08
CA ALA A 169 -12.68 -22.42 25.16
C ALA A 169 -13.52 -22.94 24.00
N GLN A 170 -14.72 -23.44 24.30
CA GLN A 170 -15.60 -24.04 23.27
C GLN A 170 -15.93 -22.97 22.22
N ARG A 171 -16.30 -21.78 22.68
CA ARG A 171 -16.69 -20.73 21.72
C ARG A 171 -15.44 -20.23 20.98
N ALA A 172 -14.30 -20.12 21.66
CA ALA A 172 -13.03 -19.67 21.08
C ALA A 172 -12.60 -20.67 20.00
N LEU A 173 -12.89 -21.98 20.18
CA LEU A 173 -12.63 -23.00 19.15
C LEU A 173 -13.56 -22.77 17.94
N ALA A 174 -14.83 -22.57 18.19
CA ALA A 174 -15.85 -22.50 17.11
C ALA A 174 -15.57 -21.30 16.21
N VAL A 175 -15.13 -20.17 16.76
CA VAL A 175 -14.96 -18.92 15.97
C VAL A 175 -13.57 -18.85 15.33
N GLY A 176 -12.65 -19.74 15.62
CA GLY A 176 -11.36 -19.91 14.94
C GLY A 176 -10.15 -19.35 15.69
N ILE A 177 -10.32 -18.93 16.95
CA ILE A 177 -9.22 -18.44 17.81
C ILE A 177 -8.30 -19.61 18.22
N LEU A 178 -8.83 -20.74 18.65
CA LEU A 178 -8.03 -21.87 19.17
C LEU A 178 -7.83 -22.91 18.06
N ASN A 179 -6.75 -23.65 18.14
CA ASN A 179 -6.55 -24.84 17.26
C ASN A 179 -7.27 -26.06 17.84
N HIS A 180 -7.10 -26.27 19.14
CA HIS A 180 -7.63 -27.48 19.82
C HIS A 180 -8.06 -27.14 21.23
N VAL A 181 -9.06 -27.87 21.71
CA VAL A 181 -9.48 -27.81 23.13
C VAL A 181 -9.42 -29.24 23.67
N VAL A 182 -8.79 -29.39 24.82
CA VAL A 182 -8.70 -30.74 25.42
CA VAL A 182 -8.43 -30.68 25.47
C VAL A 182 -8.94 -30.63 26.92
N GLU A 183 -9.31 -31.76 27.52
CA GLU A 183 -9.45 -31.84 28.99
C GLU A 183 -8.09 -31.48 29.61
N VAL A 184 -8.10 -30.69 30.68
CA VAL A 184 -6.86 -30.18 31.34
C VAL A 184 -5.87 -31.31 31.63
N GLU A 185 -6.34 -32.50 32.03
CA GLU A 185 -5.41 -33.63 32.36
C GLU A 185 -4.65 -34.07 31.10
N GLU A 186 -5.18 -33.83 29.90
CA GLU A 186 -4.57 -34.30 28.62
C GLU A 186 -3.78 -33.15 27.94
N LEU A 187 -3.86 -31.95 28.46
CA LEU A 187 -3.37 -30.72 27.77
C LEU A 187 -1.87 -30.83 27.50
N GLU A 188 -1.09 -31.12 28.54
CA GLU A 188 0.38 -31.12 28.46
C GLU A 188 0.83 -32.13 27.41
N ASP A 189 0.40 -33.38 27.54
CA ASP A 189 0.91 -34.40 26.59
C ASP A 189 0.33 -34.22 25.17
N PHE A 190 -0.91 -33.75 25.00
CA PHE A 190 -1.46 -33.41 23.66
C PHE A 190 -0.56 -32.38 22.94
N THR A 191 -0.23 -31.29 23.63
CA THR A 191 0.58 -30.18 23.11
C THR A 191 2.01 -30.66 22.81
N LEU A 192 2.61 -31.44 23.71
CA LEU A 192 3.97 -31.95 23.52
C LEU A 192 3.99 -32.88 22.31
N GLN A 193 2.97 -33.74 22.13
CA GLN A 193 2.96 -34.63 20.95
C GLN A 193 2.98 -33.79 19.67
N MET A 194 2.22 -32.70 19.64
CA MET A 194 2.15 -31.85 18.44
C MET A 194 3.50 -31.18 18.30
N ALA A 195 4.10 -30.68 19.39
CA ALA A 195 5.42 -30.01 19.30
C ALA A 195 6.50 -30.99 18.80
N HIS A 196 6.48 -32.23 19.30
CA HIS A 196 7.52 -33.21 18.89
CA HIS A 196 7.49 -33.23 18.90
C HIS A 196 7.32 -33.52 17.39
N HIS A 197 6.07 -33.60 16.93
CA HIS A 197 5.79 -33.87 15.50
C HIS A 197 6.36 -32.76 14.61
N ILE A 198 6.07 -31.51 14.96
CA ILE A 198 6.56 -30.32 14.20
C ILE A 198 8.08 -30.36 14.19
N SER A 199 8.69 -30.80 15.30
CA SER A 199 10.17 -30.76 15.50
CA SER A 199 10.18 -30.76 15.49
C SER A 199 10.89 -31.77 14.58
N GLU A 200 10.16 -32.69 13.95
CA GLU A 200 10.75 -33.65 12.96
C GLU A 200 10.72 -33.00 11.55
N LYS A 201 10.02 -31.88 11.35
CA LYS A 201 9.87 -31.24 10.02
C LYS A 201 11.03 -30.30 9.71
N ALA A 202 11.08 -29.77 8.48
CA ALA A 202 12.21 -28.94 7.98
C ALA A 202 12.20 -27.54 8.61
N PRO A 203 13.14 -27.23 9.52
CA PRO A 203 13.02 -26.00 10.29
C PRO A 203 13.21 -24.72 9.46
N LEU A 204 13.98 -24.79 8.38
CA LEU A 204 14.27 -23.61 7.56
C LEU A 204 13.02 -23.30 6.74
N ALA A 205 12.30 -24.33 6.31
CA ALA A 205 11.00 -24.19 5.59
C ALA A 205 9.98 -23.58 6.54
N ILE A 206 9.87 -24.16 7.73
CA ILE A 206 8.97 -23.59 8.76
C ILE A 206 9.31 -22.12 8.94
N ALA A 207 10.59 -21.77 9.11
CA ALA A 207 10.96 -20.40 9.47
C ALA A 207 10.54 -19.46 8.33
N VAL A 208 10.81 -19.82 7.09
CA VAL A 208 10.55 -18.86 5.97
C VAL A 208 9.04 -18.77 5.75
N ILE A 209 8.27 -19.84 5.93
CA ILE A 209 6.79 -19.78 5.77
C ILE A 209 6.20 -18.93 6.92
N LYS A 210 6.70 -19.12 8.15
CA LYS A 210 6.25 -18.28 9.29
C LYS A 210 6.49 -16.80 8.94
N GLU A 211 7.67 -16.46 8.42
CA GLU A 211 8.02 -15.05 8.10
C GLU A 211 7.16 -14.53 6.93
N GLU A 212 6.90 -15.37 5.93
CA GLU A 212 5.98 -14.99 4.83
C GLU A 212 4.59 -14.70 5.37
N LEU A 213 4.08 -15.56 6.25
CA LEU A 213 2.77 -15.28 6.88
C LEU A 213 2.84 -13.98 7.70
N ARG A 214 3.93 -13.76 8.40
CA ARG A 214 4.00 -12.54 9.22
C ARG A 214 3.87 -11.31 8.32
N VAL A 215 4.65 -11.27 7.23
CA VAL A 215 4.74 -10.13 6.28
CA VAL A 215 4.70 -10.05 6.40
C VAL A 215 3.37 -9.92 5.64
N LEU A 216 2.75 -11.01 5.22
CA LEU A 216 1.42 -10.94 4.55
C LEU A 216 0.39 -10.46 5.58
N GLY A 217 0.44 -10.94 6.85
CA GLY A 217 -0.43 -10.45 7.93
C GLY A 217 -0.31 -8.96 8.18
N GLU A 218 0.89 -8.42 8.05
CA GLU A 218 1.18 -7.00 8.32
C GLU A 218 0.83 -6.11 7.13
N ALA A 219 0.65 -6.69 5.96
CA ALA A 219 0.58 -5.97 4.68
C ALA A 219 -0.80 -5.36 4.46
N HIS A 220 -1.36 -4.69 5.48
CA HIS A 220 -2.51 -3.77 5.32
C HIS A 220 -1.95 -2.36 5.46
N THR A 221 -1.87 -1.62 4.37
CA THR A 221 -1.07 -0.40 4.32
C THR A 221 -2.01 0.80 4.28
N MET A 222 -1.55 1.89 4.84
CA MET A 222 -2.30 3.15 4.88
CA MET A 222 -2.29 3.15 4.92
C MET A 222 -1.31 4.30 4.69
N ASN A 223 -1.81 5.48 4.37
CA ASN A 223 -0.93 6.67 4.20
C ASN A 223 -0.67 7.33 5.57
N SER A 224 0.29 8.24 5.58
CA SER A 224 0.80 8.87 6.80
C SER A 224 -0.35 9.65 7.47
N ASP A 225 -1.17 10.32 6.68
CA ASP A 225 -2.28 11.12 7.21
C ASP A 225 -3.23 10.23 8.05
N GLU A 226 -3.59 9.07 7.53
CA GLU A 226 -4.53 8.17 8.24
CA GLU A 226 -4.49 8.10 8.21
C GLU A 226 -3.87 7.73 9.55
N PHE A 227 -2.61 7.37 9.55
CA PHE A 227 -1.94 6.95 10.80
CA PHE A 227 -1.91 6.96 10.80
C PHE A 227 -1.92 8.11 11.79
N GLU A 228 -1.52 9.32 11.35
CA GLU A 228 -1.43 10.42 12.32
C GLU A 228 -2.84 10.81 12.82
N ARG A 229 -3.88 10.63 12.00
CA ARG A 229 -5.26 10.91 12.40
C ARG A 229 -5.61 9.94 13.54
N ILE A 230 -5.34 8.67 13.32
CA ILE A 230 -5.55 7.64 14.37
C ILE A 230 -4.73 8.00 15.63
N GLN A 231 -3.48 8.41 15.49
CA GLN A 231 -2.64 8.70 16.67
C GLN A 231 -3.23 9.89 17.42
N GLY A 232 -3.77 10.90 16.71
CA GLY A 232 -4.45 12.05 17.34
C GLY A 232 -5.69 11.59 18.14
N MET A 233 -6.45 10.66 17.59
CA MET A 233 -7.66 10.10 18.26
CA MET A 233 -7.65 10.08 18.26
C MET A 233 -7.22 9.32 19.51
N ARG A 234 -6.16 8.50 19.41
CA ARG A 234 -5.66 7.75 20.57
C ARG A 234 -5.21 8.74 21.66
N ARG A 235 -4.52 9.79 21.27
CA ARG A 235 -4.02 10.79 22.24
C ARG A 235 -5.18 11.45 22.98
N ALA A 236 -6.27 11.78 22.28
CA ALA A 236 -7.47 12.34 22.93
C ALA A 236 -7.96 11.32 23.95
N VAL A 237 -7.87 10.02 23.71
CA VAL A 237 -8.35 9.02 24.69
C VAL A 237 -7.33 8.96 25.84
N TYR A 238 -6.01 8.93 25.62
CA TYR A 238 -5.09 8.78 26.78
C TYR A 238 -4.98 10.13 27.52
N ASP A 239 -5.53 11.21 26.97
CA ASP A 239 -5.62 12.53 27.64
C ASP A 239 -6.98 12.66 28.38
N SER A 240 -7.91 11.70 28.25
CA SER A 240 -9.32 11.89 28.66
C SER A 240 -9.48 11.70 30.18
N GLU A 241 -10.55 12.27 30.72
CA GLU A 241 -10.93 12.01 32.12
C GLU A 241 -11.27 10.54 32.25
N ASP A 242 -11.91 9.95 31.25
CA ASP A 242 -12.28 8.51 31.33
C ASP A 242 -11.04 7.62 31.50
N TYR A 243 -9.90 7.91 30.85
CA TYR A 243 -8.67 7.07 30.97
C TYR A 243 -8.24 7.11 32.44
N GLN A 244 -8.20 8.31 33.03
CA GLN A 244 -7.81 8.45 34.47
C GLN A 244 -8.83 7.72 35.36
N GLU A 245 -10.14 7.83 35.06
CA GLU A 245 -11.21 7.16 35.84
C GLU A 245 -10.98 5.66 35.75
N GLY A 246 -10.66 5.14 34.56
CA GLY A 246 -10.44 3.68 34.40
C GLY A 246 -9.29 3.17 35.27
N MET A 247 -8.14 3.84 35.23
CA MET A 247 -6.94 3.47 36.05
C MET A 247 -7.30 3.62 37.54
N ASN A 248 -7.96 4.70 37.95
CA ASN A 248 -8.27 4.96 39.39
CA ASN A 248 -8.29 4.96 39.39
C ASN A 248 -9.26 3.87 39.89
N ALA A 249 -10.30 3.57 39.11
CA ALA A 249 -11.31 2.55 39.47
C ALA A 249 -10.62 1.21 39.71
N PHE A 250 -9.63 0.86 38.91
CA PHE A 250 -8.92 -0.44 39.11
C PHE A 250 -8.13 -0.38 40.43
N LEU A 251 -7.38 0.68 40.63
CA LEU A 251 -6.52 0.91 41.82
C LEU A 251 -7.40 0.85 43.08
N GLU A 252 -8.59 1.45 43.03
CA GLU A 252 -9.52 1.58 44.18
C GLU A 252 -10.50 0.41 44.21
N LYS A 253 -10.37 -0.56 43.30
CA LYS A 253 -11.16 -1.80 43.31
C LYS A 253 -12.65 -1.46 43.26
N ARG A 254 -13.06 -0.60 42.33
CA ARG A 254 -14.47 -0.15 42.22
C ARG A 254 -14.86 -0.13 40.74
N LYS A 255 -16.14 0.03 40.47
CA LYS A 255 -16.73 0.12 39.13
C LYS A 255 -16.43 1.50 38.55
N PRO A 256 -15.82 1.63 37.35
CA PRO A 256 -15.60 2.94 36.75
C PRO A 256 -16.94 3.58 36.36
N ASN A 257 -16.99 4.91 36.45
CA ASN A 257 -18.09 5.76 35.92
CA ASN A 257 -18.11 5.71 35.91
C ASN A 257 -17.58 6.52 34.72
N PHE A 258 -17.73 5.98 33.51
CA PHE A 258 -17.23 6.63 32.27
C PHE A 258 -18.31 7.60 31.78
N VAL A 259 -17.91 8.77 31.29
CA VAL A 259 -18.81 9.88 30.86
C VAL A 259 -18.51 10.35 29.44
N GLY A 260 -17.47 9.86 28.79
CA GLY A 260 -17.22 10.13 27.38
C GLY A 260 -16.45 11.41 27.19
N HIS A 261 -15.63 11.80 28.16
CA HIS A 261 -14.60 12.86 27.95
C HIS A 261 -13.41 12.57 28.86
N ALA B 2 -9.86 -33.56 -28.04
CA ALA B 2 -9.61 -34.48 -26.92
C ALA B 2 -8.34 -34.02 -26.22
N TYR B 3 -8.06 -34.60 -25.07
CA TYR B 3 -6.87 -34.25 -24.26
C TYR B 3 -6.32 -35.58 -23.82
N GLN B 4 -5.01 -35.63 -23.62
CA GLN B 4 -4.40 -36.89 -23.17
C GLN B 4 -4.69 -37.09 -21.68
N TYR B 5 -4.65 -36.03 -20.86
CA TYR B 5 -4.58 -36.12 -19.38
C TYR B 5 -5.84 -35.60 -18.66
N VAL B 6 -6.87 -35.17 -19.39
CA VAL B 6 -8.18 -34.84 -18.79
C VAL B 6 -9.27 -35.32 -19.74
N ASN B 7 -10.47 -35.53 -19.19
CA ASN B 7 -11.72 -35.81 -19.94
C ASN B 7 -12.70 -34.67 -19.67
N VAL B 8 -13.29 -34.08 -20.70
CA VAL B 8 -14.26 -32.98 -20.49
C VAL B 8 -15.66 -33.46 -20.87
N VAL B 9 -16.64 -33.20 -20.00
CA VAL B 9 -18.08 -33.45 -20.27
C VAL B 9 -18.80 -32.12 -20.10
N THR B 10 -19.72 -31.80 -20.97
CA THR B 10 -20.61 -30.64 -20.75
C THR B 10 -22.04 -31.15 -20.55
N ILE B 11 -22.70 -30.57 -19.57
CA ILE B 11 -24.15 -30.78 -19.29
CA ILE B 11 -24.15 -30.79 -19.27
C ILE B 11 -24.80 -29.40 -19.36
N ASN B 12 -25.37 -29.09 -20.51
CA ASN B 12 -25.89 -27.74 -20.85
C ASN B 12 -24.80 -26.70 -20.53
N LYS B 13 -24.96 -25.87 -19.50
CA LYS B 13 -24.03 -24.72 -19.24
C LYS B 13 -22.88 -25.11 -18.29
N VAL B 14 -22.87 -26.34 -17.76
CA VAL B 14 -21.86 -26.80 -16.76
C VAL B 14 -20.83 -27.67 -17.50
N ALA B 15 -19.54 -27.43 -17.30
CA ALA B 15 -18.47 -28.26 -17.86
C ALA B 15 -17.78 -28.93 -16.68
N VAL B 16 -17.55 -30.22 -16.81
CA VAL B 16 -16.82 -31.02 -15.79
C VAL B 16 -15.49 -31.42 -16.40
N ILE B 17 -14.40 -30.99 -15.78
CA ILE B 17 -13.04 -31.35 -16.21
C ILE B 17 -12.56 -32.46 -15.27
N GLU B 18 -12.36 -33.67 -15.78
CA GLU B 18 -12.02 -34.83 -14.93
C GLU B 18 -10.58 -35.21 -15.18
N PHE B 19 -9.78 -35.33 -14.14
CA PHE B 19 -8.37 -35.75 -14.27
C PHE B 19 -8.32 -37.11 -14.95
N ASN B 20 -7.35 -37.30 -15.81
CA ASN B 20 -7.04 -38.62 -16.42
C ASN B 20 -5.53 -38.85 -16.31
N TYR B 21 -5.00 -38.93 -15.09
CA TYR B 21 -3.55 -39.10 -14.84
C TYR B 21 -3.36 -39.98 -13.61
N GLY B 22 -4.25 -40.97 -13.49
CA GLY B 22 -4.34 -41.88 -12.34
C GLY B 22 -3.05 -42.66 -12.15
N ARG B 23 -2.35 -42.96 -13.24
CA ARG B 23 -1.05 -43.67 -13.24
C ARG B 23 -0.10 -42.99 -12.25
N LYS B 24 -0.14 -41.67 -12.18
CA LYS B 24 0.73 -40.82 -11.31
C LYS B 24 -0.10 -40.10 -10.23
N LEU B 25 -1.26 -40.65 -9.91
CA LEU B 25 -2.18 -40.16 -8.85
C LEU B 25 -2.43 -38.65 -9.04
N ASN B 26 -2.63 -38.26 -10.29
CA ASN B 26 -2.94 -36.88 -10.73
C ASN B 26 -1.91 -35.92 -10.15
N ALA B 27 -0.65 -36.35 -10.02
CA ALA B 27 0.44 -35.45 -9.64
C ALA B 27 0.48 -34.29 -10.64
N LEU B 28 0.91 -33.11 -10.21
CA LEU B 28 0.85 -31.89 -11.04
C LEU B 28 2.12 -31.79 -11.91
N SER B 29 2.35 -32.79 -12.77
CA SER B 29 3.36 -32.72 -13.87
C SER B 29 3.00 -31.62 -14.85
N LYS B 30 4.01 -31.13 -15.56
CA LYS B 30 3.82 -30.11 -16.60
C LYS B 30 2.82 -30.59 -17.64
N VAL B 31 2.89 -31.85 -18.10
CA VAL B 31 2.00 -32.30 -19.23
C VAL B 31 0.53 -32.36 -18.77
N PHE B 32 0.27 -32.74 -17.53
CA PHE B 32 -1.08 -32.77 -16.91
C PHE B 32 -1.60 -31.33 -16.76
N ILE B 33 -0.81 -30.44 -16.18
CA ILE B 33 -1.24 -29.03 -15.99
C ILE B 33 -1.45 -28.35 -17.34
N ASP B 34 -0.59 -28.58 -18.33
CA ASP B 34 -0.81 -27.95 -19.65
C ASP B 34 -2.17 -28.38 -20.21
N ASP B 35 -2.53 -29.66 -20.10
CA ASP B 35 -3.84 -30.19 -20.58
C ASP B 35 -4.99 -29.55 -19.81
N LEU B 36 -4.86 -29.46 -18.49
CA LEU B 36 -5.87 -28.80 -17.64
CA LEU B 36 -5.90 -28.82 -17.66
C LEU B 36 -6.06 -27.36 -18.10
N MET B 37 -4.96 -26.65 -18.34
CA MET B 37 -5.08 -25.22 -18.73
C MET B 37 -5.65 -25.08 -20.13
N GLN B 38 -5.35 -26.02 -21.03
CA GLN B 38 -5.89 -25.94 -22.41
C GLN B 38 -7.39 -26.22 -22.34
N ALA B 39 -7.80 -27.19 -21.54
CA ALA B 39 -9.22 -27.57 -21.39
C ALA B 39 -10.00 -26.38 -20.81
N LEU B 40 -9.42 -25.69 -19.81
CA LEU B 40 -10.09 -24.47 -19.26
C LEU B 40 -10.23 -23.41 -20.34
N SER B 41 -9.13 -23.11 -21.03
CA SER B 41 -9.08 -22.10 -22.11
C SER B 41 -10.14 -22.45 -23.17
N ASP B 42 -10.24 -23.71 -23.53
CA ASP B 42 -11.23 -24.14 -24.56
C ASP B 42 -12.67 -23.92 -24.06
N LEU B 43 -12.89 -23.91 -22.74
CA LEU B 43 -14.26 -23.76 -22.13
C LEU B 43 -14.59 -22.28 -21.88
N ASN B 44 -13.71 -21.35 -22.22
CA ASN B 44 -13.94 -19.91 -21.97
C ASN B 44 -14.78 -19.38 -23.13
N ARG B 45 -16.03 -19.77 -23.15
CA ARG B 45 -17.03 -19.45 -24.21
C ARG B 45 -18.32 -19.10 -23.52
N PRO B 46 -19.16 -18.27 -24.19
CA PRO B 46 -20.38 -17.73 -23.57
C PRO B 46 -21.41 -18.79 -23.14
N GLU B 47 -21.44 -19.96 -23.79
CA GLU B 47 -22.44 -21.02 -23.52
C GLU B 47 -22.01 -21.86 -22.30
N ILE B 48 -20.80 -21.66 -21.77
CA ILE B 48 -20.39 -22.38 -20.55
C ILE B 48 -20.42 -21.36 -19.41
N ARG B 49 -21.02 -21.72 -18.29
CA ARG B 49 -21.25 -20.75 -17.19
C ARG B 49 -20.63 -21.17 -15.87
N CYS B 50 -20.25 -22.43 -15.70
CA CYS B 50 -19.70 -22.95 -14.44
C CYS B 50 -18.82 -24.17 -14.74
N ILE B 51 -17.68 -24.26 -14.09
CA ILE B 51 -16.68 -25.35 -14.26
C ILE B 51 -16.62 -26.15 -12.95
N ILE B 52 -16.61 -27.49 -13.09
CA ILE B 52 -16.28 -28.43 -11.99
C ILE B 52 -14.95 -29.10 -12.32
N LEU B 53 -14.02 -29.09 -11.38
CA LEU B 53 -12.78 -29.91 -11.47
C LEU B 53 -12.98 -31.13 -10.59
N ARG B 54 -12.63 -32.31 -11.07
CA ARG B 54 -12.82 -33.53 -10.25
C ARG B 54 -11.75 -34.55 -10.62
N ALA B 55 -11.51 -35.47 -9.70
CA ALA B 55 -10.89 -36.75 -9.99
C ALA B 55 -11.98 -37.73 -10.40
N PRO B 56 -11.57 -38.80 -11.09
CA PRO B 56 -12.49 -39.88 -11.46
C PRO B 56 -13.19 -40.43 -10.23
N SER B 57 -14.45 -40.84 -10.41
CA SER B 57 -15.29 -41.49 -9.37
C SER B 57 -14.51 -42.65 -8.73
N GLY B 58 -14.53 -42.73 -7.41
CA GLY B 58 -13.85 -43.78 -6.61
C GLY B 58 -12.36 -43.53 -6.40
N SER B 59 -11.80 -42.40 -6.85
CA SER B 59 -10.35 -42.10 -6.64
C SER B 59 -10.03 -42.11 -5.14
N LYS B 60 -8.96 -42.79 -4.76
CA LYS B 60 -8.39 -42.79 -3.39
CA LYS B 60 -8.46 -42.77 -3.36
CA LYS B 60 -8.44 -42.76 -3.36
C LYS B 60 -7.62 -41.49 -3.18
N VAL B 61 -6.95 -41.05 -4.24
CA VAL B 61 -6.06 -39.85 -4.24
C VAL B 61 -6.61 -38.87 -5.27
N PHE B 62 -7.11 -37.74 -4.80
CA PHE B 62 -7.59 -36.64 -5.67
C PHE B 62 -6.40 -36.13 -6.48
N SER B 63 -5.31 -35.78 -5.79
CA SER B 63 -4.03 -35.42 -6.43
C SER B 63 -2.90 -35.52 -5.41
N ALA B 64 -1.77 -36.09 -5.83
CA ALA B 64 -0.59 -36.32 -4.98
C ALA B 64 0.26 -35.07 -4.91
N GLY B 65 -0.20 -33.98 -5.50
CA GLY B 65 0.49 -32.67 -5.42
C GLY B 65 1.55 -32.56 -6.50
N HIS B 66 2.51 -31.67 -6.30
CA HIS B 66 3.63 -31.45 -7.24
C HIS B 66 4.27 -32.80 -7.57
N ASP B 67 4.60 -32.98 -8.83
CA ASP B 67 5.50 -34.08 -9.26
C ASP B 67 6.89 -33.85 -8.67
N ILE B 68 7.35 -34.70 -7.75
CA ILE B 68 8.62 -34.42 -7.01
C ILE B 68 9.78 -34.58 -7.99
N HIS B 69 9.67 -35.43 -9.01
CA HIS B 69 10.71 -35.56 -10.07
C HIS B 69 10.86 -34.26 -10.88
N GLU B 70 9.88 -33.37 -10.94
CA GLU B 70 9.97 -32.10 -11.72
C GLU B 70 10.36 -30.92 -10.83
N LEU B 71 10.52 -31.11 -9.51
CA LEU B 71 10.97 -30.04 -8.58
C LEU B 71 12.45 -29.83 -8.82
N PRO B 72 12.88 -28.60 -9.18
CA PRO B 72 14.29 -28.24 -9.18
C PRO B 72 14.90 -28.54 -7.80
N SER B 73 15.92 -29.40 -7.76
CA SER B 73 16.73 -29.72 -6.56
C SER B 73 18.08 -29.00 -6.63
N GLY B 74 18.36 -28.28 -7.73
CA GLY B 74 19.52 -27.37 -7.83
C GLY B 74 19.42 -26.25 -6.80
N GLY B 75 20.26 -25.23 -6.94
CA GLY B 75 20.07 -23.92 -6.28
C GLY B 75 19.05 -23.08 -7.05
N ARG B 76 17.98 -23.73 -7.56
CA ARG B 76 16.93 -23.13 -8.42
C ARG B 76 15.60 -23.07 -7.68
N ASP B 77 14.81 -22.03 -7.96
CA ASP B 77 13.52 -21.79 -7.27
C ASP B 77 12.51 -22.80 -7.78
N PRO B 78 12.00 -23.67 -6.89
CA PRO B 78 10.99 -24.65 -7.29
C PRO B 78 9.60 -24.06 -7.62
N LEU B 79 9.30 -22.82 -7.20
CA LEU B 79 7.95 -22.23 -7.38
C LEU B 79 8.08 -20.82 -7.94
N SER B 80 8.76 -20.72 -9.06
CA SER B 80 8.90 -19.44 -9.78
C SER B 80 7.62 -19.18 -10.58
N TYR B 81 7.51 -17.97 -11.09
CA TYR B 81 6.26 -17.41 -11.63
C TYR B 81 5.69 -18.33 -12.71
N ASP B 82 6.53 -18.94 -13.56
CA ASP B 82 5.97 -19.66 -14.72
C ASP B 82 6.04 -21.16 -14.47
N ASP B 83 6.24 -21.60 -13.23
CA ASP B 83 6.06 -23.02 -12.87
C ASP B 83 4.57 -23.39 -13.08
N PRO B 84 4.27 -24.59 -13.58
CA PRO B 84 2.88 -24.95 -13.90
C PRO B 84 1.84 -24.75 -12.77
N LEU B 85 2.17 -25.10 -11.53
CA LEU B 85 1.26 -24.87 -10.37
C LEU B 85 0.95 -23.37 -10.28
N ARG B 86 1.96 -22.50 -10.42
CA ARG B 86 1.80 -21.04 -10.27
C ARG B 86 0.97 -20.54 -11.44
N GLN B 87 1.15 -21.10 -12.65
CA GLN B 87 0.36 -20.71 -13.84
CA GLN B 87 0.36 -20.73 -13.85
C GLN B 87 -1.11 -21.12 -13.64
N ILE B 88 -1.39 -22.32 -13.19
CA ILE B 88 -2.81 -22.76 -13.16
C ILE B 88 -3.61 -22.04 -12.03
N THR B 89 -2.99 -21.72 -10.91
CA THR B 89 -3.69 -20.98 -9.81
C THR B 89 -4.05 -19.59 -10.32
N ARG B 90 -3.13 -18.91 -11.00
CA ARG B 90 -3.47 -17.60 -11.61
C ARG B 90 -4.62 -17.81 -12.60
N MET B 91 -4.51 -18.79 -13.47
CA MET B 91 -5.55 -18.97 -14.51
C MET B 91 -6.92 -19.27 -13.87
N ILE B 92 -6.99 -20.14 -12.86
CA ILE B 92 -8.25 -20.43 -12.12
C ILE B 92 -8.80 -19.11 -11.54
N GLN B 93 -7.95 -18.31 -10.90
CA GLN B 93 -8.38 -17.07 -10.23
C GLN B 93 -8.89 -16.03 -11.23
N LYS B 94 -8.30 -15.95 -12.41
CA LYS B 94 -8.62 -14.91 -13.43
C LYS B 94 -9.72 -15.42 -14.36
N PHE B 95 -10.06 -16.68 -14.29
CA PHE B 95 -11.11 -17.30 -15.15
C PHE B 95 -12.47 -16.66 -14.89
N PRO B 96 -13.19 -16.18 -15.92
CA PRO B 96 -14.37 -15.34 -15.70
C PRO B 96 -15.65 -16.11 -15.39
N LYS B 97 -15.52 -17.36 -14.97
CA LYS B 97 -16.65 -18.24 -14.60
C LYS B 97 -16.25 -18.86 -13.29
N PRO B 98 -17.23 -19.22 -12.45
CA PRO B 98 -16.89 -19.92 -11.22
C PRO B 98 -16.28 -21.30 -11.55
N ILE B 99 -15.28 -21.68 -10.76
CA ILE B 99 -14.65 -23.03 -10.80
C ILE B 99 -14.84 -23.68 -9.44
N ILE B 100 -15.55 -24.80 -9.41
CA ILE B 100 -15.86 -25.60 -8.21
C ILE B 100 -14.94 -26.81 -8.21
N SER B 101 -14.17 -26.97 -7.13
CA SER B 101 -13.38 -28.20 -6.89
C SER B 101 -14.31 -29.23 -6.23
N MET B 102 -14.52 -30.37 -6.87
CA MET B 102 -15.33 -31.46 -6.31
C MET B 102 -14.42 -32.59 -5.90
N VAL B 103 -14.19 -32.72 -4.60
CA VAL B 103 -13.03 -33.52 -4.10
C VAL B 103 -13.49 -34.86 -3.54
N GLU B 104 -12.98 -35.92 -4.16
CA GLU B 104 -13.05 -37.30 -3.65
C GLU B 104 -11.59 -37.72 -3.54
N GLY B 105 -11.20 -38.20 -2.37
CA GLY B 105 -9.86 -38.74 -2.16
C GLY B 105 -9.00 -37.80 -1.36
N SER B 106 -7.74 -38.14 -1.18
CA SER B 106 -6.76 -37.33 -0.45
C SER B 106 -6.19 -36.23 -1.36
N VAL B 107 -5.96 -35.05 -0.78
CA VAL B 107 -5.38 -33.87 -1.45
C VAL B 107 -4.06 -33.55 -0.78
N TRP B 108 -3.02 -33.28 -1.56
CA TRP B 108 -1.63 -33.12 -1.04
C TRP B 108 -0.96 -31.88 -1.62
N GLY B 109 -0.39 -31.03 -0.78
CA GLY B 109 0.65 -30.06 -1.20
C GLY B 109 0.13 -29.06 -2.22
N GLY B 110 0.79 -28.95 -3.37
CA GLY B 110 0.36 -28.02 -4.43
C GLY B 110 -1.07 -28.27 -4.87
N ALA B 111 -1.58 -29.50 -4.79
CA ALA B 111 -2.98 -29.78 -5.17
C ALA B 111 -3.93 -29.10 -4.16
N PHE B 112 -3.54 -28.99 -2.90
CA PHE B 112 -4.32 -28.28 -1.86
C PHE B 112 -4.34 -26.79 -2.22
N GLU B 113 -3.19 -26.23 -2.59
CA GLU B 113 -3.18 -24.81 -2.97
C GLU B 113 -4.11 -24.66 -4.19
N MET B 114 -4.03 -25.59 -5.13
CA MET B 114 -4.86 -25.48 -6.35
C MET B 114 -6.36 -25.41 -6.01
N ILE B 115 -6.89 -26.29 -5.17
CA ILE B 115 -8.36 -26.26 -4.88
C ILE B 115 -8.66 -25.04 -4.02
N MET B 116 -7.72 -24.60 -3.19
CA MET B 116 -7.92 -23.35 -2.41
C MET B 116 -8.01 -22.14 -3.34
N SER B 117 -7.36 -22.15 -4.49
CA SER B 117 -7.42 -21.01 -5.48
C SER B 117 -8.76 -21.02 -6.23
N SER B 118 -9.52 -22.11 -6.17
CA SER B 118 -10.83 -22.22 -6.85
C SER B 118 -11.90 -21.53 -6.01
N ASP B 119 -13.09 -21.41 -6.52
CA ASP B 119 -14.11 -20.48 -5.95
C ASP B 119 -14.91 -21.17 -4.85
N LEU B 120 -15.18 -22.47 -5.00
CA LEU B 120 -15.95 -23.26 -4.03
C LEU B 120 -15.29 -24.62 -3.95
N ILE B 121 -15.36 -25.25 -2.79
CA ILE B 121 -14.90 -26.65 -2.62
C ILE B 121 -16.02 -27.45 -2.01
N ILE B 122 -16.42 -28.51 -2.69
CA ILE B 122 -17.44 -29.47 -2.20
C ILE B 122 -16.77 -30.83 -2.14
N ALA B 123 -16.83 -31.49 -1.00
CA ALA B 123 -15.96 -32.67 -0.74
C ALA B 123 -16.75 -33.84 -0.19
N ALA B 124 -16.30 -35.06 -0.51
CA ALA B 124 -16.76 -36.31 0.12
C ALA B 124 -16.41 -36.31 1.62
N SER B 125 -17.20 -36.95 2.42
CA SER B 125 -16.98 -37.05 3.87
C SER B 125 -15.69 -37.82 4.14
N THR B 126 -15.18 -38.59 3.19
CA THR B 126 -13.95 -39.41 3.37
C THR B 126 -12.69 -38.71 2.85
N SER B 127 -12.82 -37.52 2.24
CA SER B 127 -11.67 -36.82 1.67
C SER B 127 -10.82 -36.25 2.82
N THR B 128 -9.53 -36.07 2.56
CA THR B 128 -8.56 -35.54 3.53
C THR B 128 -7.64 -34.56 2.79
N PHE B 129 -7.01 -33.67 3.55
CA PHE B 129 -6.28 -32.50 3.04
C PHE B 129 -4.98 -32.31 3.82
N SER B 130 -3.83 -32.19 3.13
CA SER B 130 -2.49 -32.00 3.75
C SER B 130 -1.75 -30.95 2.97
N MET B 131 -1.03 -30.11 3.67
CA MET B 131 -0.11 -29.13 3.06
C MET B 131 1.30 -29.52 3.50
N THR B 132 2.13 -29.91 2.54
CA THR B 132 3.35 -30.73 2.77
C THR B 132 4.72 -30.04 2.61
N PRO B 133 4.92 -28.74 2.32
CA PRO B 133 6.26 -28.25 2.06
C PRO B 133 7.26 -28.53 3.20
N VAL B 134 6.81 -28.56 4.45
CA VAL B 134 7.76 -28.78 5.58
C VAL B 134 8.22 -30.25 5.64
N ASN B 135 7.58 -31.16 4.93
CA ASN B 135 8.07 -32.56 4.84
C ASN B 135 9.31 -32.65 3.96
N LEU B 136 9.48 -31.72 3.00
CA LEU B 136 10.57 -31.75 2.00
C LEU B 136 11.59 -30.65 2.22
N GLY B 137 11.28 -29.63 3.03
CA GLY B 137 12.15 -28.47 3.17
C GLY B 137 11.93 -27.43 2.09
N VAL B 138 10.77 -27.41 1.46
CA VAL B 138 10.43 -26.45 0.38
C VAL B 138 10.13 -25.07 0.98
N PRO B 139 10.76 -23.99 0.47
CA PRO B 139 10.38 -22.63 0.82
C PRO B 139 9.20 -22.21 -0.06
N TYR B 140 7.99 -22.53 0.36
CA TYR B 140 6.76 -22.16 -0.39
C TYR B 140 6.79 -20.64 -0.65
N ASN B 141 6.31 -20.23 -1.82
CA ASN B 141 6.45 -18.82 -2.27
C ASN B 141 5.32 -17.97 -1.67
N LEU B 142 5.50 -16.65 -1.64
CA LEU B 142 4.56 -15.69 -1.04
C LEU B 142 3.17 -15.84 -1.65
N VAL B 143 3.08 -15.78 -2.98
CA VAL B 143 1.75 -15.87 -3.66
C VAL B 143 1.07 -17.19 -3.22
N GLY B 144 1.82 -18.30 -3.19
CA GLY B 144 1.30 -19.63 -2.85
C GLY B 144 0.73 -19.65 -1.43
N ILE B 145 1.47 -19.10 -0.49
CA ILE B 145 1.03 -19.02 0.92
C ILE B 145 -0.20 -18.12 1.02
N HIS B 146 -0.16 -16.98 0.37
CA HIS B 146 -1.29 -16.02 0.35
CA HIS B 146 -1.30 -16.04 0.40
C HIS B 146 -2.57 -16.78 -0.07
N ASN B 147 -2.45 -17.65 -1.06
CA ASN B 147 -3.61 -18.39 -1.60
C ASN B 147 -4.22 -19.32 -0.53
N LEU B 148 -3.47 -19.66 0.53
CA LEU B 148 -3.97 -20.53 1.63
C LEU B 148 -4.58 -19.74 2.79
N THR B 149 -4.58 -18.39 2.75
CA THR B 149 -4.95 -17.55 3.91
C THR B 149 -6.30 -16.85 3.79
N ARG B 150 -7.12 -17.15 2.81
CA ARG B 150 -8.40 -16.41 2.64
C ARG B 150 -9.63 -17.17 3.16
N ASP B 151 -9.44 -18.31 3.83
CA ASP B 151 -10.55 -19.20 4.22
C ASP B 151 -10.46 -19.47 5.74
N ALA B 152 -9.52 -20.26 6.19
CA ALA B 152 -9.27 -20.49 7.63
C ALA B 152 -8.35 -19.41 8.20
N GLY B 153 -8.35 -19.28 9.51
CA GLY B 153 -7.54 -18.29 10.21
C GLY B 153 -6.08 -18.67 10.31
N PHE B 154 -5.27 -17.73 10.79
CA PHE B 154 -3.81 -17.85 10.77
C PHE B 154 -3.39 -19.04 11.64
N HIS B 155 -3.97 -19.22 12.83
CA HIS B 155 -3.58 -20.35 13.74
C HIS B 155 -3.84 -21.68 13.06
N ILE B 156 -4.96 -21.76 12.34
CA ILE B 156 -5.33 -23.02 11.63
C ILE B 156 -4.36 -23.25 10.48
N VAL B 157 -4.08 -22.22 9.69
CA VAL B 157 -3.15 -22.35 8.54
C VAL B 157 -1.78 -22.82 9.05
N LYS B 158 -1.30 -22.23 10.14
CA LYS B 158 0.01 -22.54 10.69
C LYS B 158 0.04 -24.00 11.18
N GLU B 159 -1.01 -24.45 11.84
CA GLU B 159 -1.10 -25.87 12.25
C GLU B 159 -0.97 -26.73 10.99
N LEU B 160 -1.75 -26.46 9.97
CA LEU B 160 -1.76 -27.29 8.75
CA LEU B 160 -1.77 -27.31 8.77
C LEU B 160 -0.35 -27.36 8.18
N ILE B 161 0.32 -26.21 8.09
CA ILE B 161 1.60 -26.13 7.37
C ILE B 161 2.71 -26.70 8.25
N PHE B 162 2.71 -26.35 9.53
CA PHE B 162 3.86 -26.69 10.39
C PHE B 162 3.79 -28.16 10.75
N THR B 163 2.61 -28.77 10.77
CA THR B 163 2.47 -30.22 11.10
C THR B 163 2.57 -31.06 9.84
N ALA B 164 2.20 -30.51 8.69
CA ALA B 164 1.89 -31.26 7.44
C ALA B 164 0.93 -32.43 7.71
N SER B 165 0.15 -32.39 8.78
CA SER B 165 -0.76 -33.52 9.14
C SER B 165 -2.05 -33.37 8.33
N PRO B 166 -2.64 -34.47 7.83
CA PRO B 166 -3.92 -34.39 7.12
C PRO B 166 -5.07 -33.99 8.04
N ILE B 167 -6.03 -33.27 7.50
CA ILE B 167 -7.28 -33.01 8.27
C ILE B 167 -8.42 -33.68 7.53
N THR B 168 -9.49 -33.97 8.25
CA THR B 168 -10.71 -34.57 7.71
C THR B 168 -11.48 -33.50 6.96
N ALA B 169 -12.39 -33.95 6.13
CA ALA B 169 -13.43 -33.13 5.49
C ALA B 169 -14.21 -32.40 6.56
N GLN B 170 -14.51 -33.07 7.66
CA GLN B 170 -15.34 -32.50 8.74
C GLN B 170 -14.58 -31.33 9.37
N ARG B 171 -13.31 -31.51 9.67
CA ARG B 171 -12.54 -30.40 10.25
C ARG B 171 -12.34 -29.28 9.21
N ALA B 172 -12.10 -29.63 7.95
CA ALA B 172 -11.94 -28.64 6.87
C ALA B 172 -13.22 -27.80 6.71
N LEU B 173 -14.39 -28.39 6.90
CA LEU B 173 -15.68 -27.65 6.85
C LEU B 173 -15.74 -26.75 8.08
N ALA B 174 -15.40 -27.26 9.26
CA ALA B 174 -15.53 -26.49 10.53
C ALA B 174 -14.64 -25.27 10.47
N VAL B 175 -13.47 -25.34 9.86
CA VAL B 175 -12.53 -24.19 9.91
C VAL B 175 -12.72 -23.24 8.72
N GLY B 176 -13.63 -23.49 7.78
CA GLY B 176 -13.93 -22.54 6.70
C GLY B 176 -13.24 -22.85 5.37
N ILE B 177 -12.48 -23.94 5.28
CA ILE B 177 -11.84 -24.34 4.00
C ILE B 177 -12.91 -24.79 2.97
N LEU B 178 -13.85 -25.62 3.39
CA LEU B 178 -14.83 -26.26 2.49
C LEU B 178 -16.16 -25.52 2.54
N ASN B 179 -16.91 -25.59 1.45
CA ASN B 179 -18.30 -25.09 1.40
C ASN B 179 -19.26 -26.16 1.96
N HIS B 180 -19.12 -27.39 1.53
CA HIS B 180 -20.08 -28.49 1.87
C HIS B 180 -19.32 -29.79 1.91
N VAL B 181 -19.80 -30.67 2.77
CA VAL B 181 -19.32 -32.05 2.88
C VAL B 181 -20.52 -32.93 2.63
N VAL B 182 -20.41 -33.88 1.74
CA VAL B 182 -21.55 -34.81 1.42
C VAL B 182 -20.99 -36.24 1.36
N GLU B 183 -21.84 -37.23 1.64
CA GLU B 183 -21.53 -38.67 1.42
C GLU B 183 -21.11 -38.87 -0.03
N VAL B 184 -20.13 -39.72 -0.30
CA VAL B 184 -19.52 -39.85 -1.65
C VAL B 184 -20.59 -40.16 -2.71
N GLU B 185 -21.60 -40.97 -2.38
CA GLU B 185 -22.68 -41.37 -3.33
CA GLU B 185 -22.69 -41.37 -3.32
C GLU B 185 -23.50 -40.13 -3.77
N GLU B 186 -23.55 -39.07 -2.95
CA GLU B 186 -24.35 -37.85 -3.22
C GLU B 186 -23.47 -36.73 -3.83
N LEU B 187 -22.15 -36.88 -3.84
CA LEU B 187 -21.18 -35.79 -4.19
C LEU B 187 -21.46 -35.19 -5.58
N GLU B 188 -21.47 -36.05 -6.60
CA GLU B 188 -21.62 -35.63 -8.00
C GLU B 188 -22.94 -34.87 -8.17
N ASP B 189 -24.03 -35.43 -7.70
CA ASP B 189 -25.37 -34.81 -7.89
C ASP B 189 -25.46 -33.47 -7.12
N PHE B 190 -24.96 -33.43 -5.90
CA PHE B 190 -24.98 -32.19 -5.08
C PHE B 190 -24.21 -31.08 -5.81
N THR B 191 -23.04 -31.43 -6.34
CA THR B 191 -22.14 -30.46 -7.01
C THR B 191 -22.75 -30.02 -8.34
N LEU B 192 -23.28 -30.94 -9.13
CA LEU B 192 -23.96 -30.57 -10.40
C LEU B 192 -25.15 -29.68 -10.12
N GLN B 193 -25.98 -29.98 -9.14
CA GLN B 193 -27.16 -29.08 -8.91
C GLN B 193 -26.68 -27.68 -8.53
N MET B 194 -25.60 -27.57 -7.78
CA MET B 194 -25.12 -26.22 -7.39
C MET B 194 -24.61 -25.51 -8.64
N ALA B 195 -23.89 -26.19 -9.54
CA ALA B 195 -23.32 -25.58 -10.75
C ALA B 195 -24.47 -25.22 -11.67
N HIS B 196 -25.50 -26.06 -11.79
CA HIS B 196 -26.64 -25.72 -12.72
CA HIS B 196 -26.63 -25.72 -12.73
C HIS B 196 -27.33 -24.46 -12.21
N HIS B 197 -27.48 -24.35 -10.92
CA HIS B 197 -28.14 -23.20 -10.27
C HIS B 197 -27.33 -21.93 -10.57
N ILE B 198 -26.03 -21.97 -10.32
CA ILE B 198 -25.15 -20.80 -10.61
C ILE B 198 -25.30 -20.40 -12.08
N SER B 199 -25.37 -21.37 -12.98
CA SER B 199 -25.39 -21.17 -14.43
C SER B 199 -26.66 -20.45 -14.87
N GLU B 200 -27.66 -20.33 -14.01
CA GLU B 200 -28.89 -19.56 -14.35
C GLU B 200 -28.70 -18.08 -14.00
N LYS B 201 -27.60 -17.73 -13.36
CA LYS B 201 -27.44 -16.35 -12.83
C LYS B 201 -26.69 -15.49 -13.84
N ALA B 202 -26.56 -14.19 -13.58
CA ALA B 202 -25.99 -13.22 -14.55
C ALA B 202 -24.47 -13.43 -14.65
N PRO B 203 -23.96 -13.94 -15.79
CA PRO B 203 -22.54 -14.25 -15.88
C PRO B 203 -21.59 -13.05 -15.87
N LEU B 204 -22.03 -11.90 -16.37
CA LEU B 204 -21.15 -10.70 -16.40
C LEU B 204 -21.04 -10.14 -14.99
N ALA B 205 -22.09 -10.31 -14.19
CA ALA B 205 -22.12 -9.91 -12.77
C ALA B 205 -21.20 -10.86 -12.00
N ILE B 206 -21.35 -12.16 -12.22
CA ILE B 206 -20.43 -13.16 -11.60
C ILE B 206 -18.98 -12.80 -11.94
N ALA B 207 -18.67 -12.58 -13.20
CA ALA B 207 -17.27 -12.39 -13.64
C ALA B 207 -16.68 -11.14 -12.97
N VAL B 208 -17.42 -10.02 -12.94
CA VAL B 208 -16.83 -8.78 -12.37
C VAL B 208 -16.71 -8.94 -10.85
N ILE B 209 -17.66 -9.57 -10.16
CA ILE B 209 -17.55 -9.76 -8.69
C ILE B 209 -16.39 -10.70 -8.38
N LYS B 210 -16.22 -11.77 -9.16
CA LYS B 210 -15.07 -12.68 -8.96
C LYS B 210 -13.76 -11.88 -9.11
N GLU B 211 -13.68 -11.00 -10.11
CA GLU B 211 -12.45 -10.23 -10.39
C GLU B 211 -12.25 -9.22 -9.26
N GLU B 212 -13.30 -8.58 -8.77
CA GLU B 212 -13.23 -7.66 -7.61
C GLU B 212 -12.71 -8.44 -6.40
N LEU B 213 -13.22 -9.62 -6.11
CA LEU B 213 -12.71 -10.43 -4.98
C LEU B 213 -11.23 -10.78 -5.21
N ARG B 214 -10.86 -11.18 -6.42
CA ARG B 214 -9.46 -11.55 -6.72
C ARG B 214 -8.54 -10.38 -6.38
N VAL B 215 -8.88 -9.18 -6.84
CA VAL B 215 -7.93 -8.04 -6.65
CA VAL B 215 -8.06 -7.95 -6.67
C VAL B 215 -7.96 -7.57 -5.17
N LEU B 216 -9.09 -7.64 -4.49
CA LEU B 216 -9.11 -7.33 -3.04
C LEU B 216 -8.29 -8.39 -2.29
N GLY B 217 -8.38 -9.65 -2.69
CA GLY B 217 -7.61 -10.76 -2.08
C GLY B 217 -6.11 -10.61 -2.29
N GLU B 218 -5.70 -10.04 -3.41
CA GLU B 218 -4.27 -9.80 -3.71
C GLU B 218 -3.76 -8.52 -3.04
N ALA B 219 -4.64 -7.64 -2.58
CA ALA B 219 -4.28 -6.23 -2.26
C ALA B 219 -3.65 -6.17 -0.86
N HIS B 220 -2.75 -7.08 -0.55
CA HIS B 220 -1.86 -6.99 0.63
C HIS B 220 -0.51 -6.55 0.06
N THR B 221 -0.13 -5.30 0.27
CA THR B 221 0.98 -4.69 -0.45
C THR B 221 2.18 -4.51 0.50
N MET B 222 3.37 -4.56 -0.05
CA MET B 222 4.63 -4.37 0.70
CA MET B 222 4.63 -4.38 0.69
C MET B 222 5.63 -3.66 -0.22
N ASN B 223 6.71 -3.16 0.37
CA ASN B 223 7.72 -2.43 -0.42
C ASN B 223 8.72 -3.45 -1.00
N SER B 224 9.54 -2.98 -1.92
CA SER B 224 10.50 -3.81 -2.68
C SER B 224 11.50 -4.43 -1.74
N ASP B 225 11.89 -3.71 -0.68
CA ASP B 225 12.94 -4.21 0.24
C ASP B 225 12.37 -5.46 0.95
N GLU B 226 11.10 -5.40 1.32
CA GLU B 226 10.47 -6.51 2.07
C GLU B 226 10.45 -7.74 1.16
N PHE B 227 10.01 -7.57 -0.08
CA PHE B 227 9.96 -8.68 -1.06
CA PHE B 227 9.95 -8.70 -1.02
C PHE B 227 11.35 -9.27 -1.28
N GLU B 228 12.35 -8.41 -1.48
CA GLU B 228 13.71 -8.92 -1.81
C GLU B 228 14.31 -9.63 -0.59
N ARG B 229 13.97 -9.16 0.61
CA ARG B 229 14.46 -9.80 1.86
C ARG B 229 13.86 -11.21 1.96
N ILE B 230 12.56 -11.35 1.65
CA ILE B 230 11.86 -12.68 1.66
C ILE B 230 12.51 -13.55 0.59
N GLN B 231 12.74 -13.00 -0.60
CA GLN B 231 13.37 -13.77 -1.71
C GLN B 231 14.74 -14.30 -1.25
N GLY B 232 15.53 -13.49 -0.57
CA GLY B 232 16.84 -13.89 -0.02
C GLY B 232 16.70 -15.05 0.97
N MET B 233 15.72 -14.98 1.88
CA MET B 233 15.47 -16.07 2.84
C MET B 233 15.07 -17.33 2.07
N ARG B 234 14.22 -17.23 1.04
CA ARG B 234 13.73 -18.42 0.29
C ARG B 234 14.94 -19.07 -0.39
N ARG B 235 15.83 -18.25 -0.97
CA ARG B 235 17.01 -18.77 -1.71
C ARG B 235 17.89 -19.52 -0.72
N ALA B 236 18.06 -19.00 0.50
CA ALA B 236 18.89 -19.70 1.52
C ALA B 236 18.25 -21.06 1.83
N VAL B 237 16.95 -21.18 1.73
CA VAL B 237 16.26 -22.47 2.00
C VAL B 237 16.47 -23.37 0.79
N TYR B 238 16.28 -22.88 -0.43
CA TYR B 238 16.41 -23.81 -1.61
C TYR B 238 17.90 -24.11 -1.85
N ASP B 239 18.85 -23.39 -1.24
CA ASP B 239 20.31 -23.69 -1.33
C ASP B 239 20.74 -24.59 -0.17
N SER B 240 19.84 -24.99 0.74
CA SER B 240 20.20 -25.62 2.03
C SER B 240 20.49 -27.11 1.81
N GLU B 241 21.27 -27.70 2.69
CA GLU B 241 21.44 -29.18 2.74
C GLU B 241 20.09 -29.83 3.05
N ASP B 242 19.31 -29.24 3.95
CA ASP B 242 17.99 -29.77 4.36
C ASP B 242 17.11 -29.95 3.14
N TYR B 243 17.14 -29.00 2.20
CA TYR B 243 16.28 -29.09 1.00
C TYR B 243 16.68 -30.35 0.20
N GLN B 244 17.99 -30.56 0.02
CA GLN B 244 18.57 -31.76 -0.66
C GLN B 244 18.07 -33.03 0.06
N GLU B 245 18.29 -33.07 1.38
CA GLU B 245 17.88 -34.21 2.25
C GLU B 245 16.37 -34.47 2.12
N GLY B 246 15.53 -33.44 2.20
CA GLY B 246 14.09 -33.63 1.99
C GLY B 246 13.77 -34.31 0.66
N MET B 247 14.37 -33.85 -0.43
CA MET B 247 14.08 -34.41 -1.77
C MET B 247 14.55 -35.87 -1.81
N ASN B 248 15.80 -36.11 -1.43
CA ASN B 248 16.43 -37.45 -1.47
C ASN B 248 15.63 -38.42 -0.58
N ALA B 249 15.30 -37.99 0.64
CA ALA B 249 14.51 -38.80 1.58
C ALA B 249 13.19 -39.21 0.92
N PHE B 250 12.48 -38.28 0.26
CA PHE B 250 11.16 -38.59 -0.31
C PHE B 250 11.34 -39.69 -1.37
N LEU B 251 12.29 -39.50 -2.28
CA LEU B 251 12.54 -40.41 -3.43
C LEU B 251 12.95 -41.79 -2.91
N GLU B 252 13.77 -41.83 -1.85
CA GLU B 252 14.36 -43.07 -1.27
C GLU B 252 13.42 -43.70 -0.25
N LYS B 253 12.23 -43.13 -0.04
CA LYS B 253 11.17 -43.67 0.86
C LYS B 253 11.75 -43.91 2.26
N ARG B 254 12.38 -42.89 2.85
CA ARG B 254 12.87 -42.89 4.25
C ARG B 254 12.55 -41.54 4.86
N LYS B 255 12.70 -41.47 6.18
CA LYS B 255 12.43 -40.27 6.98
C LYS B 255 13.61 -39.34 6.71
N PRO B 256 13.41 -38.04 6.41
CA PRO B 256 14.53 -37.12 6.31
C PRO B 256 15.15 -36.83 7.69
N ASN B 257 16.44 -36.53 7.69
CA ASN B 257 17.12 -36.08 8.94
C ASN B 257 17.42 -34.58 8.77
N PHE B 258 16.52 -33.67 9.18
CA PHE B 258 16.77 -32.21 9.02
C PHE B 258 17.63 -31.65 10.15
N VAL B 259 18.59 -30.79 9.82
CA VAL B 259 19.59 -30.28 10.80
C VAL B 259 19.57 -28.76 10.88
N GLY B 260 18.84 -28.06 10.01
CA GLY B 260 18.77 -26.60 10.13
C GLY B 260 19.89 -25.86 9.43
N HIS B 261 20.49 -26.45 8.40
CA HIS B 261 21.29 -25.71 7.39
C HIS B 261 21.20 -26.44 6.05
N ALA C 2 -39.57 14.27 15.14
CA ALA C 2 -39.34 12.82 15.06
C ALA C 2 -39.24 12.44 13.58
N TYR C 3 -39.52 11.18 13.26
CA TYR C 3 -39.16 10.63 11.92
C TYR C 3 -40.36 9.91 11.35
N GLN C 4 -40.60 10.13 10.07
CA GLN C 4 -41.65 9.42 9.33
C GLN C 4 -41.26 7.95 9.21
N TYR C 5 -40.01 7.64 8.83
CA TYR C 5 -39.69 6.27 8.36
C TYR C 5 -38.93 5.44 9.39
N VAL C 6 -38.63 5.97 10.57
CA VAL C 6 -38.05 5.15 11.69
C VAL C 6 -38.72 5.58 13.00
N ASN C 7 -38.68 4.70 14.00
CA ASN C 7 -39.11 5.00 15.39
C ASN C 7 -37.90 4.77 16.29
N VAL C 8 -37.65 5.66 17.23
CA VAL C 8 -36.48 5.57 18.14
C VAL C 8 -36.99 5.45 19.58
N VAL C 9 -36.48 4.48 20.32
CA VAL C 9 -36.82 4.31 21.76
C VAL C 9 -35.48 4.33 22.49
N THR C 10 -35.32 5.17 23.49
CA THR C 10 -34.08 5.21 24.29
C THR C 10 -34.33 4.54 25.64
N ILE C 11 -33.51 3.54 25.98
CA ILE C 11 -33.52 2.88 27.29
C ILE C 11 -32.16 3.07 27.95
N ASN C 12 -32.11 3.95 28.96
CA ASN C 12 -30.87 4.32 29.66
C ASN C 12 -29.91 4.87 28.59
N LYS C 13 -28.85 4.14 28.22
CA LYS C 13 -27.82 4.64 27.26
C LYS C 13 -27.93 3.91 25.91
N VAL C 14 -28.94 3.07 25.74
CA VAL C 14 -29.16 2.29 24.48
C VAL C 14 -30.28 2.94 23.68
N ALA C 15 -30.06 3.18 22.38
CA ALA C 15 -31.13 3.66 21.49
C ALA C 15 -31.45 2.53 20.50
N VAL C 16 -32.73 2.26 20.34
CA VAL C 16 -33.25 1.21 19.45
C VAL C 16 -33.92 1.93 18.29
N ILE C 17 -33.36 1.77 17.10
CA ILE C 17 -33.92 2.42 15.90
C ILE C 17 -34.71 1.32 15.19
N GLU C 18 -36.03 1.51 15.12
CA GLU C 18 -36.95 0.53 14.48
C GLU C 18 -37.37 1.06 13.12
N PHE C 19 -37.23 0.23 12.09
CA PHE C 19 -37.68 0.60 10.73
C PHE C 19 -39.20 0.78 10.72
N ASN C 20 -39.67 1.79 10.01
CA ASN C 20 -41.11 2.07 9.86
C ASN C 20 -41.42 2.30 8.36
N TYR C 21 -40.98 1.40 7.49
CA TYR C 21 -41.19 1.48 6.04
C TYR C 21 -41.76 0.15 5.57
N GLY C 22 -42.64 -0.43 6.37
CA GLY C 22 -43.25 -1.73 6.08
C GLY C 22 -43.99 -1.77 4.74
N ARG C 23 -44.45 -0.63 4.22
CA ARG C 23 -45.14 -0.49 2.91
C ARG C 23 -44.30 -1.19 1.83
N LYS C 24 -42.96 -0.99 1.88
CA LYS C 24 -42.01 -1.55 0.90
C LYS C 24 -41.05 -2.54 1.59
N LEU C 25 -41.50 -3.19 2.65
CA LEU C 25 -40.71 -4.21 3.39
C LEU C 25 -39.32 -3.63 3.66
N ASN C 26 -39.25 -2.37 4.08
CA ASN C 26 -38.03 -1.69 4.54
C ASN C 26 -36.95 -1.75 3.45
N ALA C 27 -37.37 -1.77 2.18
CA ALA C 27 -36.48 -1.52 1.03
C ALA C 27 -35.73 -0.21 1.28
N LEU C 28 -34.49 -0.12 0.79
CA LEU C 28 -33.57 1.00 1.07
C LEU C 28 -33.84 2.17 0.13
N SER C 29 -35.09 2.63 0.06
CA SER C 29 -35.43 3.89 -0.66
C SER C 29 -34.66 5.05 -0.04
N LYS C 30 -34.39 6.08 -0.80
CA LYS C 30 -33.72 7.30 -0.31
C LYS C 30 -34.48 7.90 0.88
N VAL C 31 -35.81 8.00 0.84
CA VAL C 31 -36.56 8.71 1.94
C VAL C 31 -36.35 7.93 3.26
N PHE C 32 -36.30 6.61 3.19
CA PHE C 32 -36.12 5.75 4.38
C PHE C 32 -34.68 5.90 4.88
N ILE C 33 -33.72 5.75 3.98
CA ILE C 33 -32.30 5.83 4.42
C ILE C 33 -32.00 7.22 4.95
N ASP C 34 -32.54 8.27 4.33
CA ASP C 34 -32.34 9.65 4.81
C ASP C 34 -32.85 9.75 6.27
N ASP C 35 -34.00 9.15 6.61
CA ASP C 35 -34.54 9.21 7.99
C ASP C 35 -33.66 8.34 8.92
N LEU C 36 -33.19 7.21 8.44
CA LEU C 36 -32.28 6.34 9.23
C LEU C 36 -30.98 7.09 9.56
N MET C 37 -30.41 7.79 8.59
CA MET C 37 -29.16 8.51 8.82
C MET C 37 -29.42 9.71 9.73
N GLN C 38 -30.56 10.39 9.56
CA GLN C 38 -30.88 11.53 10.45
C GLN C 38 -31.02 11.05 11.89
N ALA C 39 -31.75 9.95 12.12
CA ALA C 39 -31.99 9.42 13.48
C ALA C 39 -30.65 9.02 14.10
N LEU C 40 -29.79 8.38 13.30
CA LEU C 40 -28.45 7.98 13.77
C LEU C 40 -27.62 9.20 14.11
N SER C 41 -27.63 10.22 13.25
CA SER C 41 -26.87 11.45 13.50
C SER C 41 -27.33 12.15 14.80
N ASP C 42 -28.64 12.16 15.01
CA ASP C 42 -29.30 12.83 16.15
C ASP C 42 -28.92 12.09 17.45
N LEU C 43 -28.52 10.81 17.34
CA LEU C 43 -28.12 9.98 18.49
C LEU C 43 -26.62 10.07 18.76
N ASN C 44 -25.88 10.89 18.03
CA ASN C 44 -24.43 11.00 18.24
C ASN C 44 -24.20 12.01 19.36
N ARG C 45 -24.47 11.61 20.59
CA ARG C 45 -24.46 12.45 21.81
C ARG C 45 -23.77 11.64 22.89
N PRO C 46 -23.08 12.26 23.85
CA PRO C 46 -22.29 11.49 24.80
C PRO C 46 -23.09 10.53 25.71
N GLU C 47 -24.37 10.82 25.98
CA GLU C 47 -25.26 9.99 26.85
C GLU C 47 -25.83 8.78 26.09
N ILE C 48 -25.61 8.68 24.78
CA ILE C 48 -26.00 7.46 24.01
C ILE C 48 -24.72 6.63 23.82
N ARG C 49 -24.76 5.33 24.09
CA ARG C 49 -23.52 4.50 24.15
CA ARG C 49 -23.50 4.54 24.11
C ARG C 49 -23.60 3.32 23.17
N CYS C 50 -24.78 2.97 22.73
CA CYS C 50 -24.96 1.78 21.89
C CYS C 50 -26.26 1.92 21.12
N ILE C 51 -26.25 1.50 19.87
CA ILE C 51 -27.41 1.57 18.95
C ILE C 51 -27.79 0.14 18.61
N ILE C 52 -29.10 -0.10 18.54
CA ILE C 52 -29.69 -1.32 17.93
C ILE C 52 -30.49 -0.88 16.70
N LEU C 53 -30.28 -1.55 15.58
CA LEU C 53 -31.13 -1.42 14.37
C LEU C 53 -32.03 -2.67 14.37
N ARG C 54 -33.33 -2.50 14.10
CA ARG C 54 -34.26 -3.64 14.05
C ARG C 54 -35.38 -3.30 13.10
N ALA C 55 -36.00 -4.34 12.58
CA ALA C 55 -37.36 -4.27 12.01
C ALA C 55 -38.38 -4.44 13.14
N PRO C 56 -39.64 -4.03 12.92
CA PRO C 56 -40.70 -4.26 13.91
C PRO C 56 -40.77 -5.74 14.31
N SER C 57 -41.04 -5.95 15.57
CA SER C 57 -41.31 -7.28 16.16
C SER C 57 -42.32 -8.02 15.28
N GLY C 58 -42.02 -9.26 14.91
CA GLY C 58 -42.95 -10.07 14.10
C GLY C 58 -42.70 -9.92 12.61
N SER C 59 -41.76 -9.10 12.14
CA SER C 59 -41.54 -8.89 10.68
C SER C 59 -41.12 -10.20 10.01
N LYS C 60 -41.77 -10.54 8.90
CA LYS C 60 -41.36 -11.64 7.99
CA LYS C 60 -41.35 -11.65 7.99
C LYS C 60 -40.09 -11.23 7.23
N VAL C 61 -40.02 -9.94 6.84
CA VAL C 61 -38.91 -9.37 6.05
C VAL C 61 -38.24 -8.24 6.85
N PHE C 62 -37.00 -8.46 7.24
CA PHE C 62 -36.17 -7.44 7.90
C PHE C 62 -36.04 -6.24 6.96
N SER C 63 -35.50 -6.50 5.77
CA SER C 63 -35.35 -5.50 4.67
C SER C 63 -35.28 -6.25 3.34
N ALA C 64 -36.07 -5.79 2.36
CA ALA C 64 -36.09 -6.37 0.99
C ALA C 64 -34.93 -5.83 0.13
N GLY C 65 -34.00 -5.12 0.73
CA GLY C 65 -32.79 -4.69 0.00
C GLY C 65 -33.00 -3.40 -0.74
N HIS C 66 -32.13 -3.14 -1.71
CA HIS C 66 -32.12 -1.87 -2.46
C HIS C 66 -33.51 -1.68 -3.11
N ASP C 67 -34.02 -0.46 -3.11
CA ASP C 67 -35.27 -0.12 -3.82
C ASP C 67 -35.02 -0.26 -5.32
N ILE C 68 -35.67 -1.22 -5.97
CA ILE C 68 -35.40 -1.57 -7.39
C ILE C 68 -35.81 -0.41 -8.30
N HIS C 69 -36.83 0.35 -7.92
CA HIS C 69 -37.34 1.53 -8.66
C HIS C 69 -36.34 2.68 -8.62
N GLU C 70 -35.40 2.68 -7.67
CA GLU C 70 -34.41 3.77 -7.52
C GLU C 70 -33.06 3.32 -8.04
N LEU C 71 -32.91 2.06 -8.47
CA LEU C 71 -31.67 1.60 -9.18
C LEU C 71 -31.68 2.16 -10.60
N PRO C 72 -30.62 2.88 -11.02
CA PRO C 72 -30.51 3.38 -12.39
C PRO C 72 -30.42 2.26 -13.45
N SER C 73 -31.24 2.38 -14.51
CA SER C 73 -31.12 1.69 -15.84
C SER C 73 -30.28 2.58 -16.75
N GLY C 74 -30.27 2.30 -18.06
CA GLY C 74 -29.62 3.15 -19.07
C GLY C 74 -28.30 3.71 -18.58
N GLY C 75 -27.39 2.83 -18.16
CA GLY C 75 -25.93 3.05 -18.23
C GLY C 75 -25.40 4.07 -17.23
N ARG C 76 -26.13 4.38 -16.14
CA ARG C 76 -25.54 5.04 -14.94
C ARG C 76 -25.06 3.95 -13.97
N ASP C 77 -24.02 4.23 -13.19
CA ASP C 77 -23.56 3.29 -12.14
C ASP C 77 -24.66 3.21 -11.09
N PRO C 78 -25.20 2.01 -10.77
CA PRO C 78 -26.24 1.90 -9.74
C PRO C 78 -25.75 2.04 -8.28
N LEU C 79 -24.44 1.99 -8.07
CA LEU C 79 -23.84 1.91 -6.73
C LEU C 79 -22.72 2.93 -6.65
N SER C 80 -23.04 4.14 -7.04
CA SER C 80 -22.10 5.29 -6.98
C SER C 80 -21.95 5.77 -5.53
N TYR C 81 -20.99 6.64 -5.30
CA TYR C 81 -20.47 6.96 -3.95
C TYR C 81 -21.60 7.55 -3.09
N ASP C 82 -22.52 8.31 -3.69
CA ASP C 82 -23.58 9.00 -2.89
C ASP C 82 -24.92 8.27 -3.06
N ASP C 83 -24.96 7.04 -3.54
CA ASP C 83 -26.19 6.19 -3.48
C ASP C 83 -26.52 6.02 -2.00
N PRO C 84 -27.82 6.02 -1.60
CA PRO C 84 -28.19 5.83 -0.19
C PRO C 84 -27.50 4.65 0.51
N LEU C 85 -27.40 3.49 -0.14
CA LEU C 85 -26.81 2.26 0.47
C LEU C 85 -25.33 2.56 0.80
N ARG C 86 -24.63 3.23 -0.12
CA ARG C 86 -23.18 3.53 0.00
C ARG C 86 -23.04 4.55 1.14
N GLN C 87 -23.94 5.51 1.25
CA GLN C 87 -23.92 6.50 2.37
C GLN C 87 -24.16 5.85 3.73
N ILE C 88 -25.16 4.98 3.83
CA ILE C 88 -25.54 4.39 5.15
C ILE C 88 -24.43 3.46 5.65
N THR C 89 -23.77 2.68 4.79
CA THR C 89 -22.69 1.81 5.25
C THR C 89 -21.52 2.67 5.73
N ARG C 90 -21.15 3.75 5.03
CA ARG C 90 -20.06 4.60 5.53
C ARG C 90 -20.44 5.16 6.89
N MET C 91 -21.67 5.63 7.02
CA MET C 91 -22.11 6.28 8.27
C MET C 91 -22.11 5.29 9.44
N ILE C 92 -22.61 4.09 9.20
CA ILE C 92 -22.57 3.01 10.24
C ILE C 92 -21.13 2.72 10.64
N GLN C 93 -20.21 2.58 9.69
CA GLN C 93 -18.81 2.19 10.00
C GLN C 93 -18.08 3.35 10.69
N LYS C 94 -18.43 4.60 10.39
CA LYS C 94 -17.73 5.77 11.00
C LYS C 94 -18.41 6.21 12.30
N PHE C 95 -19.55 5.63 12.65
CA PHE C 95 -20.31 6.04 13.85
C PHE C 95 -19.50 5.66 15.08
N PRO C 96 -19.24 6.59 16.01
CA PRO C 96 -18.34 6.32 17.13
C PRO C 96 -18.97 5.49 18.26
N LYS C 97 -20.11 4.87 18.03
CA LYS C 97 -20.76 3.94 19.01
C LYS C 97 -20.96 2.61 18.32
N PRO C 98 -20.96 1.49 19.05
CA PRO C 98 -21.35 0.23 18.45
C PRO C 98 -22.77 0.31 17.90
N ILE C 99 -22.98 -0.35 16.79
CA ILE C 99 -24.27 -0.50 16.12
C ILE C 99 -24.48 -2.00 15.96
N ILE C 100 -25.49 -2.49 16.66
CA ILE C 100 -25.91 -3.90 16.66
C ILE C 100 -27.12 -4.02 15.74
N SER C 101 -27.01 -4.91 14.75
CA SER C 101 -28.14 -5.31 13.91
C SER C 101 -28.84 -6.46 14.64
N MET C 102 -30.09 -6.26 14.99
CA MET C 102 -30.94 -7.27 15.69
C MET C 102 -31.96 -7.75 14.68
N VAL C 103 -31.71 -8.91 14.10
CA VAL C 103 -32.41 -9.33 12.89
C VAL C 103 -33.53 -10.35 13.20
N GLU C 104 -34.72 -10.00 12.77
CA GLU C 104 -35.89 -10.90 12.69
C GLU C 104 -36.36 -10.83 11.24
N GLY C 105 -36.55 -11.95 10.58
CA GLY C 105 -37.08 -11.98 9.21
C GLY C 105 -35.96 -12.16 8.19
N SER C 106 -36.30 -12.00 6.93
CA SER C 106 -35.43 -12.27 5.77
C SER C 106 -34.68 -10.98 5.40
N VAL C 107 -33.41 -11.15 5.09
CA VAL C 107 -32.47 -10.07 4.73
C VAL C 107 -31.97 -10.26 3.30
N TRP C 108 -32.07 -9.22 2.48
CA TRP C 108 -31.84 -9.31 1.01
C TRP C 108 -30.84 -8.27 0.55
N GLY C 109 -29.87 -8.72 -0.23
CA GLY C 109 -29.01 -7.86 -1.06
C GLY C 109 -28.38 -6.72 -0.28
N GLY C 110 -28.61 -5.49 -0.71
CA GLY C 110 -28.00 -4.31 -0.10
C GLY C 110 -28.27 -4.29 1.40
N ALA C 111 -29.42 -4.81 1.87
CA ALA C 111 -29.66 -4.87 3.33
C ALA C 111 -28.73 -5.89 4.00
N PHE C 112 -28.28 -6.91 3.28
CA PHE C 112 -27.30 -7.87 3.84
C PHE C 112 -25.98 -7.10 3.98
N GLU C 113 -25.57 -6.36 2.97
CA GLU C 113 -24.33 -5.54 3.11
C GLU C 113 -24.51 -4.58 4.28
N MET C 114 -25.67 -3.93 4.39
CA MET C 114 -25.92 -2.99 5.51
C MET C 114 -25.64 -3.64 6.86
N ILE C 115 -26.25 -4.81 7.15
CA ILE C 115 -26.02 -5.47 8.46
C ILE C 115 -24.56 -5.93 8.56
N MET C 116 -23.95 -6.36 7.44
CA MET C 116 -22.52 -6.78 7.53
C MET C 116 -21.63 -5.59 7.90
N SER C 117 -22.00 -4.38 7.49
CA SER C 117 -21.23 -3.15 7.80
C SER C 117 -21.37 -2.75 9.27
N SER C 118 -22.41 -3.22 9.97
CA SER C 118 -22.62 -2.96 11.41
C SER C 118 -21.63 -3.82 12.25
N ASP C 119 -21.57 -3.54 13.54
CA ASP C 119 -20.51 -4.06 14.45
C ASP C 119 -20.80 -5.48 14.94
N LEU C 120 -22.05 -5.78 15.25
CA LEU C 120 -22.47 -7.12 15.77
C LEU C 120 -23.80 -7.44 15.09
N ILE C 121 -24.08 -8.72 14.90
CA ILE C 121 -25.38 -9.17 14.35
C ILE C 121 -25.87 -10.28 15.28
N ILE C 122 -27.04 -10.06 15.83
CA ILE C 122 -27.76 -11.03 16.66
C ILE C 122 -29.07 -11.32 15.91
N ALA C 123 -29.35 -12.59 15.69
CA ALA C 123 -30.47 -12.96 14.81
C ALA C 123 -31.40 -13.97 15.47
N ALA C 124 -32.65 -13.93 15.05
CA ALA C 124 -33.65 -14.98 15.34
C ALA C 124 -33.24 -16.24 14.59
N SER C 125 -33.61 -17.37 15.18
CA SER C 125 -33.35 -18.71 14.65
C SER C 125 -34.08 -18.88 13.31
N THR C 126 -35.11 -18.09 13.00
CA THR C 126 -35.91 -18.22 11.73
C THR C 126 -35.46 -17.20 10.68
N SER C 127 -34.51 -16.34 11.00
CA SER C 127 -33.97 -15.33 10.04
CA SER C 127 -34.00 -15.35 10.03
C SER C 127 -33.23 -16.04 8.89
N THR C 128 -33.19 -15.39 7.73
CA THR C 128 -32.52 -15.88 6.52
C THR C 128 -31.86 -14.71 5.77
N PHE C 129 -30.83 -15.04 5.00
CA PHE C 129 -29.84 -14.06 4.48
C PHE C 129 -29.53 -14.43 3.03
N SER C 130 -29.70 -13.51 2.09
CA SER C 130 -29.36 -13.73 0.66
CA SER C 130 -29.26 -13.74 0.70
C SER C 130 -28.62 -12.48 0.13
N MET C 131 -27.63 -12.69 -0.70
CA MET C 131 -26.92 -11.61 -1.42
C MET C 131 -27.27 -11.78 -2.88
N THR C 132 -27.95 -10.80 -3.47
CA THR C 132 -28.72 -10.97 -4.72
C THR C 132 -28.17 -10.35 -6.02
N PRO C 133 -27.01 -9.66 -6.15
CA PRO C 133 -26.69 -8.97 -7.40
C PRO C 133 -26.73 -9.86 -8.65
N VAL C 134 -26.38 -11.13 -8.53
CA VAL C 134 -26.32 -12.03 -9.73
C VAL C 134 -27.73 -12.41 -10.18
N ASN C 135 -28.77 -12.15 -9.38
CA ASN C 135 -30.18 -12.34 -9.82
C ASN C 135 -30.56 -11.22 -10.77
N LEU C 136 -29.92 -10.06 -10.66
CA LEU C 136 -30.33 -8.83 -11.40
C LEU C 136 -29.31 -8.48 -12.48
N GLY C 137 -28.10 -9.03 -12.45
CA GLY C 137 -26.99 -8.63 -13.33
C GLY C 137 -26.29 -7.36 -12.87
N VAL C 138 -26.39 -7.04 -11.58
CA VAL C 138 -25.74 -5.84 -11.00
C VAL C 138 -24.25 -6.07 -10.83
N PRO C 139 -23.39 -5.13 -11.29
CA PRO C 139 -21.97 -5.19 -10.95
C PRO C 139 -21.72 -4.50 -9.61
N TYR C 140 -21.81 -5.28 -8.55
CA TYR C 140 -21.63 -4.76 -7.18
C TYR C 140 -20.28 -4.03 -7.12
N ASN C 141 -20.18 -2.93 -6.38
CA ASN C 141 -18.95 -2.09 -6.40
C ASN C 141 -17.90 -2.69 -5.43
N LEU C 142 -16.66 -2.27 -5.58
CA LEU C 142 -15.52 -2.76 -4.76
C LEU C 142 -15.79 -2.59 -3.26
N VAL C 143 -16.12 -1.37 -2.84
CA VAL C 143 -16.34 -1.07 -1.39
C VAL C 143 -17.44 -2.00 -0.85
N GLY C 144 -18.52 -2.14 -1.59
CA GLY C 144 -19.65 -3.01 -1.20
C GLY C 144 -19.21 -4.45 -1.06
N ILE C 145 -18.44 -4.97 -2.02
CA ILE C 145 -17.93 -6.37 -1.96
C ILE C 145 -16.97 -6.51 -0.77
N HIS C 146 -16.06 -5.56 -0.56
CA HIS C 146 -15.07 -5.64 0.55
CA HIS C 146 -15.07 -5.58 0.55
C HIS C 146 -15.83 -5.73 1.88
N ASN C 147 -16.97 -5.06 2.00
CA ASN C 147 -17.81 -5.03 3.22
C ASN C 147 -18.35 -6.42 3.54
N LEU C 148 -18.34 -7.33 2.55
CA LEU C 148 -18.86 -8.70 2.71
C LEU C 148 -17.74 -9.70 3.02
N THR C 149 -16.47 -9.26 3.10
CA THR C 149 -15.31 -10.19 3.15
C THR C 149 -14.64 -10.27 4.51
N ARG C 150 -15.15 -9.60 5.54
CA ARG C 150 -14.43 -9.49 6.83
C ARG C 150 -14.89 -10.52 7.89
N ASP C 151 -15.81 -11.41 7.56
CA ASP C 151 -16.46 -12.33 8.53
C ASP C 151 -16.32 -13.77 8.06
N ALA C 152 -16.96 -14.17 6.98
CA ALA C 152 -16.77 -15.53 6.40
C ALA C 152 -15.60 -15.53 5.42
N GLY C 153 -15.08 -16.72 5.17
CA GLY C 153 -14.01 -16.92 4.19
C GLY C 153 -14.42 -16.74 2.73
N PHE C 154 -13.42 -16.64 1.86
CA PHE C 154 -13.61 -16.38 0.41
C PHE C 154 -14.56 -17.42 -0.20
N HIS C 155 -14.31 -18.70 0.03
CA HIS C 155 -15.16 -19.79 -0.57
C HIS C 155 -16.63 -19.60 -0.17
N ILE C 156 -16.91 -19.31 1.09
CA ILE C 156 -18.29 -19.12 1.60
C ILE C 156 -18.87 -17.88 0.93
N VAL C 157 -18.13 -16.77 0.90
CA VAL C 157 -18.64 -15.50 0.30
C VAL C 157 -19.00 -15.74 -1.17
N LYS C 158 -18.16 -16.44 -1.91
CA LYS C 158 -18.41 -16.74 -3.34
C LYS C 158 -19.62 -17.64 -3.50
N GLU C 159 -19.79 -18.64 -2.64
CA GLU C 159 -21.05 -19.42 -2.67
C GLU C 159 -22.24 -18.49 -2.46
N LEU C 160 -22.18 -17.65 -1.44
CA LEU C 160 -23.35 -16.75 -1.18
C LEU C 160 -23.65 -15.89 -2.39
N ILE C 161 -22.64 -15.31 -3.02
CA ILE C 161 -22.83 -14.33 -4.10
C ILE C 161 -23.17 -15.02 -5.42
N PHE C 162 -22.52 -16.12 -5.74
CA PHE C 162 -22.68 -16.77 -7.06
C PHE C 162 -24.01 -17.53 -7.10
N THR C 163 -24.49 -18.01 -5.97
CA THR C 163 -25.78 -18.75 -5.92
C THR C 163 -26.95 -17.79 -5.70
N ALA C 164 -26.72 -16.69 -4.97
CA ALA C 164 -27.79 -15.83 -4.45
C ALA C 164 -28.82 -16.66 -3.66
N SER C 165 -28.45 -17.80 -3.12
CA SER C 165 -29.34 -18.66 -2.34
C SER C 165 -29.38 -18.17 -0.91
N PRO C 166 -30.54 -18.25 -0.26
CA PRO C 166 -30.68 -17.91 1.15
C PRO C 166 -29.89 -18.89 1.99
N ILE C 167 -29.28 -18.39 3.06
CA ILE C 167 -28.75 -19.28 4.13
C ILE C 167 -29.53 -19.06 5.41
N THR C 168 -29.55 -20.08 6.23
CA THR C 168 -30.22 -20.06 7.53
C THR C 168 -29.37 -19.29 8.53
N ALA C 169 -29.99 -18.88 9.62
CA ALA C 169 -29.28 -18.25 10.74
C ALA C 169 -28.24 -19.23 11.28
N GLN C 170 -28.58 -20.51 11.35
CA GLN C 170 -27.66 -21.55 11.87
C GLN C 170 -26.39 -21.57 11.01
N ARG C 171 -26.53 -21.54 9.69
CA ARG C 171 -25.37 -21.61 8.81
C ARG C 171 -24.61 -20.29 8.90
N ALA C 172 -25.34 -19.16 8.96
CA ALA C 172 -24.70 -17.83 9.04
C ALA C 172 -23.85 -17.78 10.32
N LEU C 173 -24.32 -18.37 11.42
CA LEU C 173 -23.54 -18.43 12.68
C LEU C 173 -22.30 -19.32 12.45
N ALA C 174 -22.48 -20.45 11.77
CA ALA C 174 -21.41 -21.46 11.68
C ALA C 174 -20.28 -20.90 10.83
N VAL C 175 -20.57 -20.05 9.86
CA VAL C 175 -19.52 -19.53 8.95
C VAL C 175 -18.94 -18.22 9.45
N GLY C 176 -19.46 -17.65 10.52
CA GLY C 176 -18.85 -16.47 11.18
C GLY C 176 -19.52 -15.16 10.83
N ILE C 177 -20.65 -15.18 10.11
CA ILE C 177 -21.36 -13.94 9.73
C ILE C 177 -22.08 -13.39 10.98
N LEU C 178 -22.72 -14.22 11.81
CA LEU C 178 -23.54 -13.76 12.95
C LEU C 178 -22.76 -13.93 14.24
N ASN C 179 -23.05 -13.12 15.25
CA ASN C 179 -22.48 -13.28 16.60
C ASN C 179 -23.25 -14.37 17.38
N HIS C 180 -24.57 -14.28 17.37
CA HIS C 180 -25.48 -15.15 18.18
C HIS C 180 -26.77 -15.38 17.43
N VAL C 181 -27.34 -16.58 17.62
CA VAL C 181 -28.69 -16.94 17.14
C VAL C 181 -29.51 -17.33 18.38
N VAL C 182 -30.67 -16.71 18.54
CA VAL C 182 -31.59 -17.00 19.68
C VAL C 182 -33.00 -17.23 19.14
N GLU C 183 -33.83 -17.86 19.94
CA GLU C 183 -35.28 -17.99 19.64
C GLU C 183 -35.87 -16.59 19.57
N VAL C 184 -36.82 -16.38 18.69
CA VAL C 184 -37.36 -15.01 18.42
C VAL C 184 -37.88 -14.38 19.72
N GLU C 185 -38.46 -15.16 20.63
CA GLU C 185 -39.04 -14.68 21.92
CA GLU C 185 -39.04 -14.63 21.89
C GLU C 185 -37.93 -14.10 22.81
N GLU C 186 -36.67 -14.54 22.62
CA GLU C 186 -35.50 -14.13 23.46
C GLU C 186 -34.69 -13.00 22.77
N LEU C 187 -35.01 -12.66 21.52
CA LEU C 187 -34.17 -11.73 20.69
C LEU C 187 -33.99 -10.38 21.39
N GLU C 188 -35.07 -9.73 21.83
CA GLU C 188 -34.96 -8.40 22.47
C GLU C 188 -34.18 -8.47 23.77
N ASP C 189 -34.48 -9.45 24.62
CA ASP C 189 -33.84 -9.60 25.95
C ASP C 189 -32.32 -9.79 25.76
N PHE C 190 -31.93 -10.71 24.89
CA PHE C 190 -30.51 -11.07 24.65
C PHE C 190 -29.78 -9.80 24.16
N THR C 191 -30.36 -9.12 23.19
CA THR C 191 -29.70 -8.00 22.47
C THR C 191 -29.54 -6.84 23.44
N LEU C 192 -30.61 -6.50 24.17
CA LEU C 192 -30.61 -5.36 25.11
C LEU C 192 -29.65 -5.66 26.24
N GLN C 193 -29.65 -6.89 26.75
CA GLN C 193 -28.68 -7.22 27.82
C GLN C 193 -27.25 -6.89 27.33
N MET C 194 -26.87 -7.32 26.12
CA MET C 194 -25.52 -7.06 25.60
C MET C 194 -25.32 -5.55 25.38
N ALA C 195 -26.32 -4.87 24.83
CA ALA C 195 -26.19 -3.42 24.55
C ALA C 195 -26.01 -2.64 25.86
N HIS C 196 -26.80 -2.95 26.87
CA HIS C 196 -26.67 -2.31 28.21
C HIS C 196 -25.29 -2.60 28.79
N HIS C 197 -24.76 -3.80 28.61
CA HIS C 197 -23.42 -4.19 29.14
C HIS C 197 -22.35 -3.34 28.47
N ILE C 198 -22.39 -3.29 27.14
CA ILE C 198 -21.49 -2.41 26.33
C ILE C 198 -21.57 -0.96 26.82
N SER C 199 -22.74 -0.49 27.19
CA SER C 199 -22.96 0.92 27.58
C SER C 199 -22.29 1.25 28.92
N GLU C 200 -21.85 0.27 29.70
CA GLU C 200 -21.08 0.43 30.97
CA GLU C 200 -21.10 0.61 30.94
C GLU C 200 -19.61 0.71 30.64
N LYS C 201 -19.17 0.43 29.42
CA LYS C 201 -17.72 0.40 29.08
C LYS C 201 -17.25 1.79 28.66
N ALA C 202 -15.95 1.95 28.48
CA ALA C 202 -15.35 3.26 28.13
C ALA C 202 -15.66 3.61 26.67
N PRO C 203 -16.54 4.61 26.44
CA PRO C 203 -16.99 4.94 25.09
C PRO C 203 -15.87 5.49 24.20
N LEU C 204 -14.86 6.20 24.73
CA LEU C 204 -13.79 6.78 23.88
CA LEU C 204 -13.78 6.79 23.87
C LEU C 204 -12.83 5.67 23.42
N ALA C 205 -12.57 4.69 24.28
CA ALA C 205 -11.79 3.48 23.90
C ALA C 205 -12.57 2.71 22.83
N ILE C 206 -13.86 2.48 23.06
CA ILE C 206 -14.70 1.79 22.06
C ILE C 206 -14.60 2.55 20.72
N ALA C 207 -14.82 3.87 20.69
CA ALA C 207 -14.81 4.66 19.43
C ALA C 207 -13.47 4.52 18.70
N VAL C 208 -12.34 4.63 19.40
CA VAL C 208 -11.04 4.68 18.70
C VAL C 208 -10.74 3.27 18.20
N ILE C 209 -11.08 2.24 18.98
CA ILE C 209 -10.82 0.84 18.52
C ILE C 209 -11.71 0.54 17.32
N LYS C 210 -12.96 0.98 17.32
CA LYS C 210 -13.87 0.74 16.16
C LYS C 210 -13.22 1.39 14.92
N GLU C 211 -12.73 2.62 15.05
CA GLU C 211 -12.13 3.36 13.94
C GLU C 211 -10.83 2.69 13.48
N GLU C 212 -10.01 2.18 14.41
CA GLU C 212 -8.82 1.38 14.05
C GLU C 212 -9.21 0.18 13.20
N LEU C 213 -10.24 -0.54 13.62
CA LEU C 213 -10.69 -1.71 12.86
C LEU C 213 -11.21 -1.27 11.51
N ARG C 214 -11.93 -0.14 11.45
CA ARG C 214 -12.50 0.32 10.17
C ARG C 214 -11.32 0.57 9.21
N VAL C 215 -10.30 1.29 9.64
CA VAL C 215 -9.12 1.67 8.81
CA VAL C 215 -9.19 1.66 8.73
C VAL C 215 -8.37 0.41 8.39
N LEU C 216 -8.11 -0.50 9.33
CA LEU C 216 -7.41 -1.78 9.04
C LEU C 216 -8.22 -2.57 8.03
N GLY C 217 -9.54 -2.58 8.19
CA GLY C 217 -10.42 -3.31 7.28
C GLY C 217 -10.40 -2.76 5.87
N GLU C 218 -10.24 -1.44 5.73
CA GLU C 218 -10.19 -0.77 4.42
C GLU C 218 -8.79 -0.89 3.80
N ALA C 219 -7.77 -1.23 4.56
CA ALA C 219 -6.33 -1.08 4.15
C ALA C 219 -5.88 -2.21 3.20
N HIS C 220 -6.68 -2.54 2.20
CA HIS C 220 -6.33 -3.39 1.03
C HIS C 220 -6.15 -2.41 -0.12
N THR C 221 -4.92 -2.07 -0.47
CA THR C 221 -4.68 -0.95 -1.40
C THR C 221 -4.25 -1.48 -2.74
N MET C 222 -4.56 -0.69 -3.77
CA MET C 222 -4.26 -1.01 -5.17
CA MET C 222 -4.28 -1.01 -5.18
C MET C 222 -3.87 0.29 -5.89
N ASN C 223 -3.25 0.16 -7.03
CA ASN C 223 -2.84 1.34 -7.83
C ASN C 223 -4.03 1.82 -8.68
N SER C 224 -3.91 3.05 -9.20
CA SER C 224 -4.97 3.71 -9.98
C SER C 224 -5.33 2.85 -11.20
N ASP C 225 -4.35 2.23 -11.84
CA ASP C 225 -4.63 1.45 -13.07
C ASP C 225 -5.61 0.31 -12.73
N GLU C 226 -5.34 -0.43 -11.66
CA GLU C 226 -6.19 -1.55 -11.18
CA GLU C 226 -6.20 -1.57 -11.25
C GLU C 226 -7.63 -1.07 -10.96
N PHE C 227 -7.80 0.04 -10.23
CA PHE C 227 -9.14 0.62 -9.99
CA PHE C 227 -9.15 0.59 -9.98
C PHE C 227 -9.83 1.00 -11.30
N GLU C 228 -9.13 1.69 -12.20
CA GLU C 228 -9.77 2.16 -13.46
C GLU C 228 -10.13 0.94 -14.32
N ARG C 229 -9.33 -0.10 -14.28
CA ARG C 229 -9.60 -1.35 -15.05
C ARG C 229 -10.91 -1.97 -14.54
N ILE C 230 -11.02 -2.15 -13.23
CA ILE C 230 -12.27 -2.65 -12.55
C ILE C 230 -13.45 -1.76 -12.93
N GLN C 231 -13.29 -0.44 -12.89
CA GLN C 231 -14.38 0.51 -13.22
CA GLN C 231 -14.41 0.46 -13.21
C GLN C 231 -14.83 0.26 -14.67
N GLY C 232 -13.88 0.03 -15.59
CA GLY C 232 -14.20 -0.30 -16.99
C GLY C 232 -15.01 -1.58 -17.09
N MET C 233 -14.61 -2.60 -16.34
CA MET C 233 -15.38 -3.88 -16.31
C MET C 233 -16.79 -3.65 -15.75
N ARG C 234 -16.92 -2.90 -14.66
CA ARG C 234 -18.24 -2.56 -14.04
C ARG C 234 -19.13 -1.86 -15.05
N ARG C 235 -18.57 -0.89 -15.77
CA ARG C 235 -19.35 -0.15 -16.77
C ARG C 235 -19.88 -1.08 -17.87
N ALA C 236 -19.06 -1.98 -18.37
CA ALA C 236 -19.47 -2.97 -19.40
C ALA C 236 -20.66 -3.80 -18.88
N VAL C 237 -20.67 -4.15 -17.60
CA VAL C 237 -21.84 -4.87 -17.01
C VAL C 237 -23.04 -3.92 -16.90
N TYR C 238 -22.92 -2.72 -16.33
CA TYR C 238 -24.14 -1.89 -16.18
C TYR C 238 -24.57 -1.35 -17.55
N ASP C 239 -23.75 -1.47 -18.61
CA ASP C 239 -24.13 -1.19 -20.03
C ASP C 239 -24.74 -2.45 -20.68
N SER C 240 -24.80 -3.63 -20.05
CA SER C 240 -25.07 -4.91 -20.74
C SER C 240 -26.57 -5.04 -21.04
N GLU C 241 -26.93 -5.87 -22.01
CA GLU C 241 -28.34 -6.28 -22.22
C GLU C 241 -28.79 -7.10 -21.01
N ASP C 242 -27.90 -7.89 -20.41
CA ASP C 242 -28.23 -8.73 -19.22
C ASP C 242 -28.73 -7.86 -18.07
N TYR C 243 -28.09 -6.71 -17.83
CA TYR C 243 -28.46 -5.85 -16.70
C TYR C 243 -29.90 -5.37 -16.97
N GLN C 244 -30.20 -4.98 -18.19
CA GLN C 244 -31.57 -4.48 -18.53
C GLN C 244 -32.58 -5.61 -18.29
N GLU C 245 -32.22 -6.82 -18.71
CA GLU C 245 -33.06 -8.04 -18.56
C GLU C 245 -33.28 -8.33 -17.08
N GLY C 246 -32.21 -8.27 -16.27
CA GLY C 246 -32.35 -8.51 -14.83
C GLY C 246 -33.36 -7.56 -14.23
N MET C 247 -33.26 -6.27 -14.53
CA MET C 247 -34.18 -5.23 -13.97
C MET C 247 -35.60 -5.48 -14.47
N ASN C 248 -35.77 -5.69 -15.78
CA ASN C 248 -37.09 -5.90 -16.41
C ASN C 248 -37.74 -7.13 -15.81
N ALA C 249 -37.00 -8.23 -15.70
CA ALA C 249 -37.48 -9.50 -15.12
C ALA C 249 -37.97 -9.28 -13.68
N PHE C 250 -37.20 -8.57 -12.86
CA PHE C 250 -37.63 -8.28 -11.47
C PHE C 250 -38.96 -7.51 -11.49
N LEU C 251 -39.03 -6.40 -12.24
CA LEU C 251 -40.26 -5.55 -12.36
C LEU C 251 -41.44 -6.37 -12.90
N GLU C 252 -41.21 -7.34 -13.80
CA GLU C 252 -42.29 -8.10 -14.45
C GLU C 252 -42.57 -9.38 -13.67
N LYS C 253 -41.87 -9.61 -12.55
CA LYS C 253 -42.00 -10.81 -11.67
C LYS C 253 -41.89 -12.09 -12.50
N ARG C 254 -40.86 -12.18 -13.36
CA ARG C 254 -40.52 -13.39 -14.16
C ARG C 254 -39.05 -13.74 -13.95
N LYS C 255 -38.66 -14.93 -14.38
CA LYS C 255 -37.26 -15.44 -14.34
C LYS C 255 -36.47 -14.73 -15.42
N PRO C 256 -35.33 -14.08 -15.08
CA PRO C 256 -34.45 -13.53 -16.08
C PRO C 256 -33.83 -14.64 -16.93
N ASN C 257 -33.65 -14.33 -18.19
CA ASN C 257 -32.90 -15.15 -19.16
C ASN C 257 -31.60 -14.40 -19.53
N PHE C 258 -30.49 -14.69 -18.87
CA PHE C 258 -29.18 -14.02 -19.12
C PHE C 258 -28.43 -14.72 -20.25
N VAL C 259 -27.72 -13.96 -21.09
CA VAL C 259 -27.05 -14.50 -22.30
C VAL C 259 -25.57 -14.11 -22.36
N GLY C 260 -25.06 -13.27 -21.46
CA GLY C 260 -23.62 -12.98 -21.40
C GLY C 260 -23.23 -11.81 -22.26
N HIS C 261 -24.17 -10.93 -22.61
CA HIS C 261 -23.82 -9.59 -23.18
C HIS C 261 -24.86 -8.58 -22.71
N ALA D 2 1.65 -1.45 -44.63
CA ALA D 2 1.38 -0.01 -44.83
C ALA D 2 0.32 0.44 -43.82
N TYR D 3 0.33 1.72 -43.46
CA TYR D 3 -0.66 2.30 -42.52
C TYR D 3 -1.21 3.56 -43.14
N GLN D 4 -2.48 3.85 -42.89
CA GLN D 4 -3.13 5.06 -43.43
C GLN D 4 -2.62 6.33 -42.70
N TYR D 5 -2.36 6.25 -41.39
CA TYR D 5 -2.23 7.46 -40.54
C TYR D 5 -0.83 7.58 -39.94
N VAL D 6 0.06 6.63 -40.24
CA VAL D 6 1.49 6.76 -39.86
C VAL D 6 2.36 6.22 -41.00
N ASN D 7 3.63 6.59 -40.97
CA ASN D 7 4.68 6.11 -41.89
C ASN D 7 5.80 5.56 -41.04
N VAL D 8 6.26 4.35 -41.31
CA VAL D 8 7.28 3.67 -40.47
C VAL D 8 8.52 3.50 -41.35
N VAL D 9 9.68 3.94 -40.88
CA VAL D 9 11.00 3.68 -41.53
C VAL D 9 11.85 2.97 -40.51
N THR D 10 12.45 1.82 -40.80
CA THR D 10 13.42 1.17 -39.88
C THR D 10 14.79 1.21 -40.55
N ILE D 11 15.82 1.66 -39.85
CA ILE D 11 17.20 1.45 -40.34
C ILE D 11 17.98 0.74 -39.25
N ASN D 12 18.53 -0.42 -39.61
CA ASN D 12 19.30 -1.24 -38.65
C ASN D 12 18.29 -1.64 -37.58
N LYS D 13 18.43 -1.14 -36.36
CA LYS D 13 17.62 -1.60 -35.22
C LYS D 13 16.74 -0.47 -34.69
N VAL D 14 16.65 0.67 -35.37
CA VAL D 14 15.82 1.82 -34.93
C VAL D 14 14.62 1.92 -35.88
N ALA D 15 13.41 2.04 -35.32
CA ALA D 15 12.20 2.36 -36.10
C ALA D 15 11.74 3.76 -35.79
N VAL D 16 11.45 4.53 -36.85
CA VAL D 16 10.87 5.88 -36.69
C VAL D 16 9.42 5.80 -37.12
N ILE D 17 8.50 6.12 -36.22
CA ILE D 17 7.05 6.14 -36.52
C ILE D 17 6.69 7.60 -36.65
N GLU D 18 6.32 7.99 -37.85
CA GLU D 18 6.03 9.39 -38.20
C GLU D 18 4.53 9.53 -38.39
N PHE D 19 3.94 10.51 -37.71
CA PHE D 19 2.49 10.73 -37.81
C PHE D 19 2.17 11.15 -39.24
N ASN D 20 1.01 10.69 -39.73
CA ASN D 20 0.54 11.08 -41.09
C ASN D 20 -0.92 11.46 -40.96
N TYR D 21 -1.22 12.45 -40.13
CA TYR D 21 -2.60 12.90 -39.89
C TYR D 21 -2.60 14.40 -39.74
N GLY D 22 -1.70 15.10 -40.46
CA GLY D 22 -1.54 16.56 -40.30
C GLY D 22 -2.76 17.33 -40.79
N ARG D 23 -3.58 16.74 -41.65
CA ARG D 23 -4.86 17.44 -42.02
C ARG D 23 -5.74 17.65 -40.78
N LYS D 24 -5.54 16.87 -39.71
CA LYS D 24 -6.23 17.17 -38.42
C LYS D 24 -5.22 17.46 -37.31
N LEU D 25 -4.06 17.99 -37.66
CA LEU D 25 -2.98 18.36 -36.71
C LEU D 25 -2.68 17.18 -35.78
N ASN D 26 -2.72 15.96 -36.30
CA ASN D 26 -2.34 14.72 -35.55
C ASN D 26 -3.18 14.62 -34.26
N ALA D 27 -4.40 15.11 -34.31
CA ALA D 27 -5.36 14.93 -33.19
C ALA D 27 -5.49 13.44 -32.93
N LEU D 28 -5.71 13.08 -31.67
CA LEU D 28 -5.67 11.67 -31.21
C LEU D 28 -7.05 11.03 -31.47
N SER D 29 -7.48 11.01 -32.72
CA SER D 29 -8.70 10.29 -33.18
CA SER D 29 -8.72 10.29 -33.12
C SER D 29 -8.49 8.79 -32.96
N LYS D 30 -9.57 8.02 -32.76
CA LYS D 30 -9.45 6.56 -32.64
C LYS D 30 -8.73 5.98 -33.87
N VAL D 31 -9.05 6.41 -35.07
CA VAL D 31 -8.44 5.77 -36.28
C VAL D 31 -6.92 6.01 -36.29
N PHE D 32 -6.48 7.13 -35.74
CA PHE D 32 -5.05 7.51 -35.75
C PHE D 32 -4.36 6.68 -34.67
N ILE D 33 -4.90 6.70 -33.46
CA ILE D 33 -4.33 5.89 -32.35
C ILE D 33 -4.37 4.41 -32.72
N ASP D 34 -5.41 3.90 -33.39
CA ASP D 34 -5.45 2.44 -33.71
C ASP D 34 -4.26 2.11 -34.64
N ASP D 35 -3.93 2.99 -35.59
CA ASP D 35 -2.79 2.79 -36.52
C ASP D 35 -1.46 2.88 -35.76
N LEU D 36 -1.29 3.87 -34.89
CA LEU D 36 -0.05 4.00 -34.06
CA LEU D 36 -0.08 4.01 -34.02
C LEU D 36 0.16 2.72 -33.24
N MET D 37 -0.89 2.18 -32.62
CA MET D 37 -0.73 0.96 -31.79
C MET D 37 -0.46 -0.25 -32.69
N GLN D 38 -1.06 -0.32 -33.87
CA GLN D 38 -0.76 -1.47 -34.77
C GLN D 38 0.70 -1.41 -35.21
N ALA D 39 1.20 -0.22 -35.54
CA ALA D 39 2.59 0.02 -36.01
C ALA D 39 3.54 -0.39 -34.90
N LEU D 40 3.25 0.01 -33.66
CA LEU D 40 4.12 -0.36 -32.51
C LEU D 40 4.09 -1.86 -32.32
N SER D 41 2.91 -2.46 -32.32
CA SER D 41 2.77 -3.93 -32.18
C SER D 41 3.59 -4.67 -33.27
N ASP D 42 3.47 -4.23 -34.52
CA ASP D 42 4.23 -4.81 -35.67
C ASP D 42 5.75 -4.70 -35.43
N LEU D 43 6.21 -3.69 -34.69
CA LEU D 43 7.65 -3.45 -34.39
C LEU D 43 8.13 -4.17 -33.13
N ASN D 44 7.28 -4.94 -32.49
CA ASN D 44 7.65 -5.68 -31.25
C ASN D 44 8.31 -6.97 -31.69
N ARG D 45 9.52 -6.85 -32.23
CA ARG D 45 10.32 -7.94 -32.83
C ARG D 45 11.73 -7.78 -32.32
N PRO D 46 12.49 -8.89 -32.24
CA PRO D 46 13.82 -8.88 -31.63
C PRO D 46 14.86 -7.97 -32.30
N GLU D 47 14.75 -7.76 -33.60
CA GLU D 47 15.68 -6.95 -34.42
C GLU D 47 15.38 -5.45 -34.30
N ILE D 48 14.24 -5.06 -33.70
CA ILE D 48 13.98 -3.63 -33.39
C ILE D 48 14.33 -3.39 -31.93
N ARG D 49 15.11 -2.37 -31.66
CA ARG D 49 15.64 -2.12 -30.29
C ARG D 49 15.25 -0.75 -29.77
N CYS D 50 14.82 0.19 -30.61
CA CYS D 50 14.50 1.55 -30.13
C CYS D 50 13.48 2.16 -31.09
N ILE D 51 12.48 2.86 -30.56
CA ILE D 51 11.41 3.52 -31.37
C ILE D 51 11.58 4.99 -31.18
N ILE D 52 11.37 5.74 -32.25
CA ILE D 52 11.18 7.20 -32.21
C ILE D 52 9.76 7.48 -32.68
N LEU D 53 9.05 8.34 -31.95
CA LEU D 53 7.77 8.90 -32.42
C LEU D 53 8.03 10.32 -32.87
N ARG D 54 7.54 10.72 -34.02
CA ARG D 54 7.75 12.10 -34.50
C ARG D 54 6.57 12.53 -35.38
N ALA D 55 6.36 13.85 -35.46
CA ALA D 55 5.53 14.49 -36.51
C ALA D 55 6.42 14.77 -37.72
N PRO D 56 5.83 14.94 -38.91
CA PRO D 56 6.63 15.29 -40.10
C PRO D 56 7.52 16.51 -39.89
N SER D 57 8.68 16.56 -40.56
CA SER D 57 9.61 17.72 -40.55
CA SER D 57 9.58 17.73 -40.46
C SER D 57 8.84 18.99 -40.95
N GLY D 58 8.99 20.07 -40.20
CA GLY D 58 8.38 21.39 -40.40
C GLY D 58 7.01 21.54 -39.76
N SER D 59 6.48 20.51 -39.07
CA SER D 59 5.16 20.60 -38.38
C SER D 59 5.15 21.80 -37.43
N LYS D 60 4.10 22.60 -37.52
CA LYS D 60 3.81 23.67 -36.54
C LYS D 60 3.18 23.04 -35.29
N VAL D 61 2.41 21.98 -35.51
CA VAL D 61 1.64 21.29 -34.44
C VAL D 61 2.11 19.85 -34.43
N PHE D 62 2.82 19.45 -33.38
CA PHE D 62 3.16 18.04 -33.13
C PHE D 62 1.87 17.20 -33.03
N SER D 63 0.96 17.53 -32.11
CA SER D 63 -0.39 16.93 -31.96
C SER D 63 -1.30 17.91 -31.23
N ALA D 64 -2.50 18.11 -31.78
CA ALA D 64 -3.56 18.98 -31.19
C ALA D 64 -4.29 18.27 -30.04
N GLY D 65 -3.81 17.09 -29.63
CA GLY D 65 -4.33 16.34 -28.47
C GLY D 65 -5.57 15.55 -28.84
N HIS D 66 -6.37 15.20 -27.84
CA HIS D 66 -7.60 14.40 -28.03
C HIS D 66 -8.46 15.05 -29.11
N ASP D 67 -9.03 14.25 -29.99
CA ASP D 67 -10.01 14.77 -30.98
C ASP D 67 -11.28 15.21 -30.21
N ILE D 68 -11.56 16.50 -30.16
CA ILE D 68 -12.65 17.05 -29.31
C ILE D 68 -13.98 16.48 -29.78
N HIS D 69 -14.14 16.19 -31.08
CA HIS D 69 -15.37 15.59 -31.67
C HIS D 69 -15.62 14.19 -31.11
N GLU D 70 -14.60 13.45 -30.68
CA GLU D 70 -14.75 12.07 -30.18
C GLU D 70 -14.86 12.06 -28.65
N LEU D 71 -14.76 13.20 -27.97
CA LEU D 71 -15.05 13.29 -26.51
C LEU D 71 -16.55 13.11 -26.32
N PRO D 72 -16.98 12.19 -25.43
CA PRO D 72 -18.41 12.02 -25.15
C PRO D 72 -18.97 13.25 -24.40
N SER D 73 -20.19 13.66 -24.77
CA SER D 73 -20.95 14.78 -24.16
C SER D 73 -21.89 14.23 -23.09
N GLY D 74 -22.72 13.24 -23.44
CA GLY D 74 -23.93 12.85 -22.68
C GLY D 74 -23.66 11.96 -21.47
N GLY D 75 -22.88 12.46 -20.49
CA GLY D 75 -22.72 11.86 -19.13
C GLY D 75 -21.91 10.57 -19.11
N ARG D 76 -21.12 10.29 -20.15
CA ARG D 76 -20.15 9.17 -20.20
C ARG D 76 -18.76 9.71 -19.81
N ASP D 77 -17.93 8.90 -19.16
CA ASP D 77 -16.55 9.29 -18.77
C ASP D 77 -15.74 9.53 -20.03
N PRO D 78 -15.16 10.72 -20.23
CA PRO D 78 -14.34 10.97 -21.41
C PRO D 78 -12.98 10.28 -21.44
N LEU D 79 -12.54 9.77 -20.30
CA LEU D 79 -11.20 9.16 -20.18
C LEU D 79 -11.32 7.81 -19.49
N SER D 80 -12.19 6.96 -20.00
CA SER D 80 -12.35 5.62 -19.42
C SER D 80 -11.20 4.73 -19.87
N TYR D 81 -11.15 3.53 -19.32
CA TYR D 81 -9.93 2.70 -19.39
C TYR D 81 -9.66 2.32 -20.85
N ASP D 82 -10.71 2.14 -21.67
CA ASP D 82 -10.50 1.65 -23.06
C ASP D 82 -10.64 2.82 -24.06
N ASP D 83 -10.64 4.06 -23.61
CA ASP D 83 -10.44 5.25 -24.49
C ASP D 83 -9.07 5.13 -25.17
N PRO D 84 -8.97 5.47 -26.47
CA PRO D 84 -7.70 5.36 -27.20
C PRO D 84 -6.48 6.04 -26.56
N LEU D 85 -6.63 7.24 -25.99
CA LEU D 85 -5.50 7.89 -25.28
C LEU D 85 -5.04 6.98 -24.12
N ARG D 86 -5.98 6.38 -23.36
CA ARG D 86 -5.66 5.57 -22.17
C ARG D 86 -4.98 4.28 -22.66
N GLN D 87 -5.44 3.73 -23.77
CA GLN D 87 -4.84 2.51 -24.39
C GLN D 87 -3.40 2.77 -24.85
N ILE D 88 -3.14 3.86 -25.58
CA ILE D 88 -1.79 4.19 -26.16
CA ILE D 88 -1.77 4.05 -26.15
C ILE D 88 -0.77 4.39 -25.03
N THR D 89 -1.13 5.11 -23.98
CA THR D 89 -0.17 5.39 -22.87
C THR D 89 0.20 4.08 -22.18
N ARG D 90 -0.78 3.17 -21.94
CA ARG D 90 -0.43 1.87 -21.34
C ARG D 90 0.48 1.10 -22.29
N MET D 91 0.13 1.07 -23.57
CA MET D 91 0.92 0.35 -24.57
C MET D 91 2.36 0.91 -24.62
N ILE D 92 2.56 2.22 -24.67
CA ILE D 92 3.93 2.81 -24.68
C ILE D 92 4.68 2.35 -23.42
N GLN D 93 4.04 2.44 -22.25
CA GLN D 93 4.68 2.16 -20.95
C GLN D 93 5.04 0.69 -20.82
N LYS D 94 4.25 -0.20 -21.41
CA LYS D 94 4.47 -1.66 -21.31
C LYS D 94 5.37 -2.15 -22.43
N PHE D 95 5.66 -1.31 -23.41
CA PHE D 95 6.40 -1.75 -24.63
C PHE D 95 7.82 -2.08 -24.22
N PRO D 96 8.38 -3.27 -24.59
CA PRO D 96 9.65 -3.72 -24.02
C PRO D 96 10.88 -3.06 -24.66
N LYS D 97 10.69 -2.00 -25.45
CA LYS D 97 11.79 -1.23 -26.07
C LYS D 97 11.68 0.21 -25.62
N PRO D 98 12.76 0.99 -25.57
CA PRO D 98 12.64 2.41 -25.31
C PRO D 98 11.86 3.07 -26.46
N ILE D 99 11.05 4.04 -26.12
CA ILE D 99 10.27 4.88 -27.05
C ILE D 99 10.66 6.33 -26.76
N ILE D 100 11.28 6.98 -27.76
CA ILE D 100 11.71 8.40 -27.68
C ILE D 100 10.68 9.26 -28.40
N SER D 101 10.11 10.24 -27.72
CA SER D 101 9.29 11.28 -28.40
C SER D 101 10.24 12.35 -28.97
N MET D 102 10.23 12.53 -30.28
CA MET D 102 11.06 13.57 -30.92
C MET D 102 10.15 14.69 -31.38
N VAL D 103 10.19 15.81 -30.70
CA VAL D 103 9.10 16.82 -30.77
C VAL D 103 9.55 18.04 -31.56
N GLU D 104 8.77 18.34 -32.57
CA GLU D 104 8.82 19.62 -33.31
C GLU D 104 7.38 20.10 -33.33
N GLY D 105 7.19 21.36 -33.00
CA GLY D 105 5.87 21.98 -32.98
C GLY D 105 5.25 21.96 -31.59
N SER D 106 3.99 22.36 -31.54
CA SER D 106 3.22 22.54 -30.29
C SER D 106 2.55 21.22 -29.91
N VAL D 107 2.54 20.95 -28.61
CA VAL D 107 1.96 19.74 -27.99
C VAL D 107 0.83 20.16 -27.06
N TRP D 108 -0.32 19.51 -27.16
CA TRP D 108 -1.57 19.91 -26.45
C TRP D 108 -2.20 18.72 -25.74
N GLY D 109 -2.54 18.89 -24.45
CA GLY D 109 -3.50 18.05 -23.71
C GLY D 109 -3.13 16.59 -23.72
N GLY D 110 -4.00 15.71 -24.23
CA GLY D 110 -3.69 14.28 -24.28
C GLY D 110 -2.34 13.97 -24.93
N ALA D 111 -1.94 14.73 -25.94
CA ALA D 111 -0.65 14.52 -26.66
C ALA D 111 0.51 14.81 -25.69
N PHE D 112 0.36 15.77 -24.79
CA PHE D 112 1.38 16.06 -23.76
C PHE D 112 1.46 14.84 -22.83
N GLU D 113 0.32 14.32 -22.42
CA GLU D 113 0.37 13.08 -21.58
C GLU D 113 1.07 11.97 -22.35
N MET D 114 0.74 11.82 -23.62
CA MET D 114 1.30 10.74 -24.45
C MET D 114 2.82 10.83 -24.47
N ILE D 115 3.41 12.01 -24.74
CA ILE D 115 4.89 12.12 -24.76
C ILE D 115 5.42 11.94 -23.35
N MET D 116 4.68 12.36 -22.32
CA MET D 116 5.18 12.17 -20.91
C MET D 116 5.23 10.68 -20.57
N SER D 117 4.37 9.86 -21.15
CA SER D 117 4.35 8.40 -20.88
C SER D 117 5.52 7.72 -21.60
N SER D 118 6.15 8.37 -22.61
CA SER D 118 7.28 7.78 -23.35
C SER D 118 8.54 7.88 -22.47
N ASP D 119 9.62 7.30 -22.89
CA ASP D 119 10.81 7.06 -22.04
C ASP D 119 11.74 8.29 -22.06
N LEU D 120 11.93 8.89 -23.23
CA LEU D 120 12.77 10.12 -23.39
C LEU D 120 11.99 11.09 -24.27
N ILE D 121 12.21 12.38 -24.04
CA ILE D 121 11.68 13.44 -24.93
C ILE D 121 12.86 14.30 -25.35
N ILE D 122 13.06 14.43 -26.64
CA ILE D 122 14.05 15.35 -27.24
C ILE D 122 13.23 16.32 -28.09
N ALA D 123 13.46 17.61 -27.95
CA ALA D 123 12.58 18.62 -28.53
C ALA D 123 13.39 19.71 -29.24
N ALA D 124 12.80 20.25 -30.28
CA ALA D 124 13.23 21.52 -30.92
C ALA D 124 13.13 22.66 -29.94
N SER D 125 13.98 23.65 -30.15
CA SER D 125 14.02 24.84 -29.27
C SER D 125 12.75 25.66 -29.45
N THR D 126 12.02 25.49 -30.54
CA THR D 126 10.80 26.26 -30.86
C THR D 126 9.52 25.51 -30.42
N SER D 127 9.67 24.29 -29.92
CA SER D 127 8.51 23.47 -29.47
C SER D 127 7.90 24.09 -28.21
N THR D 128 6.60 23.90 -28.03
CA THR D 128 5.83 24.41 -26.88
C THR D 128 4.90 23.31 -26.38
N PHE D 129 4.50 23.42 -25.13
CA PHE D 129 3.78 22.33 -24.41
C PHE D 129 2.68 22.97 -23.57
N SER D 130 1.45 22.48 -23.73
CA SER D 130 0.26 22.93 -22.98
CA SER D 130 0.26 22.92 -22.98
C SER D 130 -0.54 21.72 -22.48
N MET D 131 -0.99 21.78 -21.24
CA MET D 131 -1.91 20.78 -20.65
C MET D 131 -3.25 21.50 -20.48
N THR D 132 -4.30 21.05 -21.17
CA THR D 132 -5.54 21.82 -21.47
C THR D 132 -6.84 21.38 -20.77
N PRO D 133 -6.97 20.36 -19.87
CA PRO D 133 -8.31 20.01 -19.37
C PRO D 133 -9.10 21.18 -18.76
N VAL D 134 -8.46 22.16 -18.12
CA VAL D 134 -9.20 23.26 -17.46
C VAL D 134 -9.73 24.24 -18.51
N ASN D 135 -9.27 24.15 -19.75
CA ASN D 135 -9.81 24.98 -20.85
C ASN D 135 -11.13 24.40 -21.32
N LEU D 136 -11.38 23.12 -21.04
CA LEU D 136 -12.57 22.42 -21.61
C LEU D 136 -13.51 21.95 -20.50
N GLY D 137 -13.06 21.95 -19.24
CA GLY D 137 -13.84 21.49 -18.08
C GLY D 137 -13.73 19.98 -17.90
N VAL D 138 -12.69 19.36 -18.45
CA VAL D 138 -12.50 17.88 -18.44
C VAL D 138 -11.96 17.44 -17.08
N PRO D 139 -12.58 16.45 -16.42
CA PRO D 139 -12.01 15.88 -15.20
C PRO D 139 -10.98 14.80 -15.57
N TYR D 140 -9.75 15.22 -15.73
CA TYR D 140 -8.63 14.30 -16.09
C TYR D 140 -8.64 13.14 -15.06
N ASN D 141 -8.35 11.93 -15.50
CA ASN D 141 -8.43 10.71 -14.67
C ASN D 141 -7.14 10.53 -13.86
N LEU D 142 -7.20 9.72 -12.79
CA LEU D 142 -6.08 9.50 -11.85
C LEU D 142 -4.86 8.99 -12.60
N VAL D 143 -5.01 7.96 -13.44
CA VAL D 143 -3.86 7.38 -14.18
C VAL D 143 -3.21 8.49 -15.02
N GLY D 144 -4.01 9.23 -15.75
CA GLY D 144 -3.53 10.28 -16.67
C GLY D 144 -2.76 11.34 -15.92
N ILE D 145 -3.32 11.84 -14.82
CA ILE D 145 -2.65 12.85 -13.96
C ILE D 145 -1.36 12.25 -13.41
N HIS D 146 -1.39 11.02 -12.97
CA HIS D 146 -0.18 10.35 -12.40
C HIS D 146 0.97 10.35 -13.45
N ASN D 147 0.64 10.10 -14.72
CA ASN D 147 1.59 10.10 -15.85
C ASN D 147 2.29 11.47 -15.97
N LEU D 148 1.74 12.54 -15.40
CA LEU D 148 2.30 13.91 -15.53
C LEU D 148 3.16 14.29 -14.34
N THR D 149 3.33 13.41 -13.34
CA THR D 149 3.92 13.77 -12.02
C THR D 149 5.29 13.16 -11.80
N ARG D 150 5.90 12.50 -12.78
CA ARG D 150 7.15 11.73 -12.55
C ARG D 150 8.38 12.51 -13.03
N ASP D 151 8.23 13.75 -13.46
CA ASP D 151 9.38 14.50 -14.07
C ASP D 151 9.55 15.85 -13.37
N ALA D 152 8.60 16.73 -13.47
CA ALA D 152 8.56 18.03 -12.78
C ALA D 152 7.86 17.87 -11.42
N GLY D 153 8.12 18.81 -10.52
CA GLY D 153 7.52 18.85 -9.19
C GLY D 153 6.06 19.25 -9.19
N PHE D 154 5.40 19.02 -8.06
CA PHE D 154 3.96 19.30 -7.89
C PHE D 154 3.63 20.76 -8.22
N HIS D 155 4.37 21.71 -7.66
CA HIS D 155 4.06 23.15 -7.95
C HIS D 155 4.11 23.43 -9.45
N ILE D 156 5.09 22.86 -10.16
CA ILE D 156 5.24 23.14 -11.61
C ILE D 156 4.05 22.48 -12.31
N VAL D 157 3.74 21.25 -11.97
CA VAL D 157 2.62 20.50 -12.58
C VAL D 157 1.31 21.26 -12.39
N LYS D 158 1.08 21.79 -11.20
CA LYS D 158 -0.15 22.55 -10.90
C LYS D 158 -0.21 23.87 -11.65
N GLU D 159 0.93 24.54 -11.87
CA GLU D 159 0.96 25.75 -12.74
C GLU D 159 0.52 25.35 -14.15
N LEU D 160 1.13 24.30 -14.70
CA LEU D 160 0.81 23.85 -16.09
C LEU D 160 -0.68 23.59 -16.21
N ILE D 161 -1.25 22.80 -15.28
CA ILE D 161 -2.67 22.39 -15.38
C ILE D 161 -3.60 23.57 -15.04
N PHE D 162 -3.34 24.31 -13.97
CA PHE D 162 -4.31 25.35 -13.56
C PHE D 162 -4.32 26.51 -14.56
N THR D 163 -3.18 26.84 -15.22
CA THR D 163 -3.13 27.98 -16.19
C THR D 163 -3.50 27.51 -17.58
N ALA D 164 -3.19 26.26 -17.88
CA ALA D 164 -3.27 25.69 -19.25
C ALA D 164 -2.38 26.54 -20.20
N SER D 165 -1.41 27.26 -19.69
CA SER D 165 -0.57 28.19 -20.49
C SER D 165 0.57 27.37 -21.11
N PRO D 166 0.98 27.68 -22.36
CA PRO D 166 2.06 26.96 -23.02
C PRO D 166 3.36 27.30 -22.28
N ILE D 167 4.23 26.30 -22.18
CA ILE D 167 5.63 26.61 -21.73
C ILE D 167 6.56 26.34 -22.91
N THR D 168 7.68 27.04 -22.91
CA THR D 168 8.75 26.87 -23.92
C THR D 168 9.50 25.55 -23.68
N ALA D 169 10.22 25.08 -24.70
CA ALA D 169 11.16 23.96 -24.57
C ALA D 169 12.23 24.32 -23.51
N GLN D 170 12.70 25.58 -23.46
CA GLN D 170 13.76 25.94 -22.49
C GLN D 170 13.24 25.72 -21.04
N ARG D 171 12.04 26.19 -20.77
CA ARG D 171 11.44 25.98 -19.44
C ARG D 171 11.13 24.49 -19.20
N ALA D 172 10.63 23.77 -20.22
CA ALA D 172 10.31 22.33 -20.07
C ALA D 172 11.60 21.57 -19.72
N LEU D 173 12.74 22.01 -20.28
CA LEU D 173 14.05 21.37 -19.97
C LEU D 173 14.46 21.70 -18.53
N ALA D 174 14.33 22.96 -18.13
CA ALA D 174 14.73 23.47 -16.80
C ALA D 174 13.97 22.73 -15.70
N VAL D 175 12.68 22.42 -15.90
CA VAL D 175 11.81 21.86 -14.83
C VAL D 175 11.87 20.32 -14.86
N GLY D 176 12.58 19.69 -15.79
CA GLY D 176 12.78 18.21 -15.77
C GLY D 176 11.90 17.44 -16.72
N ILE D 177 11.05 18.08 -17.50
CA ILE D 177 10.11 17.40 -18.43
C ILE D 177 10.91 16.83 -19.62
N LEU D 178 11.85 17.59 -20.18
CA LEU D 178 12.62 17.20 -21.42
C LEU D 178 14.00 16.66 -21.04
N ASN D 179 14.50 15.76 -21.87
CA ASN D 179 15.89 15.25 -21.76
C ASN D 179 16.83 16.27 -22.41
N HIS D 180 16.52 16.70 -23.62
CA HIS D 180 17.40 17.59 -24.41
C HIS D 180 16.56 18.57 -25.23
N VAL D 181 17.12 19.74 -25.46
CA VAL D 181 16.54 20.74 -26.41
C VAL D 181 17.64 21.04 -27.42
N VAL D 182 17.33 20.95 -28.70
CA VAL D 182 18.33 21.22 -29.77
C VAL D 182 17.66 22.12 -30.81
N GLU D 183 18.47 22.85 -31.58
CA GLU D 183 17.96 23.62 -32.74
C GLU D 183 17.26 22.64 -33.67
N VAL D 184 16.19 23.07 -34.32
CA VAL D 184 15.38 22.09 -35.11
C VAL D 184 16.23 21.41 -36.18
N GLU D 185 17.19 22.12 -36.79
CA GLU D 185 18.01 21.53 -37.87
C GLU D 185 18.89 20.40 -37.32
N GLU D 186 19.09 20.31 -36.01
CA GLU D 186 19.91 19.22 -35.37
CA GLU D 186 19.91 19.27 -35.32
C GLU D 186 19.01 18.13 -34.79
N LEU D 187 17.70 18.31 -34.80
CA LEU D 187 16.77 17.42 -34.05
C LEU D 187 16.87 15.97 -34.53
N GLU D 188 16.74 15.71 -35.82
CA GLU D 188 16.75 14.33 -36.36
CA GLU D 188 16.72 14.31 -36.33
C GLU D 188 18.11 13.69 -36.09
N ASP D 189 19.18 14.39 -36.38
CA ASP D 189 20.55 13.81 -36.24
C ASP D 189 20.82 13.50 -34.76
N PHE D 190 20.52 14.41 -33.85
CA PHE D 190 20.74 14.22 -32.41
C PHE D 190 19.97 12.98 -31.91
N THR D 191 18.70 12.90 -32.29
CA THR D 191 17.78 11.84 -31.82
C THR D 191 18.20 10.50 -32.43
N LEU D 192 18.52 10.47 -33.72
CA LEU D 192 18.93 9.19 -34.35
C LEU D 192 20.25 8.68 -33.73
N GLN D 193 21.17 9.58 -33.40
CA GLN D 193 22.45 9.18 -32.79
C GLN D 193 22.17 8.49 -31.45
N MET D 194 21.30 9.09 -30.66
CA MET D 194 20.96 8.51 -29.32
C MET D 194 20.23 7.18 -29.47
N ALA D 195 19.24 7.08 -30.35
CA ALA D 195 18.45 5.86 -30.59
C ALA D 195 19.38 4.75 -31.10
N HIS D 196 20.31 5.08 -31.98
CA HIS D 196 21.22 4.05 -32.55
C HIS D 196 22.20 3.61 -31.43
N HIS D 197 22.64 4.52 -30.57
CA HIS D 197 23.50 4.17 -29.40
C HIS D 197 22.74 3.20 -28.48
N ILE D 198 21.50 3.53 -28.16
CA ILE D 198 20.67 2.68 -27.25
C ILE D 198 20.56 1.27 -27.85
N SER D 199 20.43 1.18 -29.17
CA SER D 199 20.09 -0.09 -29.84
CA SER D 199 20.13 -0.05 -29.92
C SER D 199 21.29 -1.05 -29.82
N GLU D 200 22.47 -0.57 -29.39
CA GLU D 200 23.66 -1.47 -29.23
C GLU D 200 23.74 -2.05 -27.82
N LYS D 201 22.88 -1.58 -26.90
CA LYS D 201 22.88 -2.04 -25.48
C LYS D 201 22.01 -3.29 -25.33
N ALA D 202 22.07 -3.94 -24.16
CA ALA D 202 21.43 -5.24 -23.87
C ALA D 202 19.91 -5.08 -23.81
N PRO D 203 19.14 -5.57 -24.80
CA PRO D 203 17.71 -5.28 -24.89
C PRO D 203 16.93 -5.93 -23.74
N LEU D 204 17.40 -7.07 -23.23
CA LEU D 204 16.66 -7.75 -22.14
C LEU D 204 16.85 -6.98 -20.83
N ALA D 205 18.01 -6.39 -20.59
CA ALA D 205 18.26 -5.54 -19.41
C ALA D 205 17.39 -4.28 -19.57
N ILE D 206 17.42 -3.65 -20.75
CA ILE D 206 16.58 -2.44 -20.98
C ILE D 206 15.11 -2.78 -20.67
N ALA D 207 14.60 -3.90 -21.19
CA ALA D 207 13.18 -4.27 -21.06
C ALA D 207 12.79 -4.43 -19.59
N VAL D 208 13.57 -5.20 -18.83
CA VAL D 208 13.20 -5.46 -17.42
C VAL D 208 13.38 -4.18 -16.59
N ILE D 209 14.39 -3.33 -16.87
CA ILE D 209 14.57 -2.09 -16.09
C ILE D 209 13.42 -1.13 -16.41
N LYS D 210 13.01 -1.00 -17.66
CA LYS D 210 11.83 -0.18 -18.00
C LYS D 210 10.58 -0.69 -17.24
N GLU D 211 10.40 -1.99 -17.17
CA GLU D 211 9.22 -2.59 -16.51
C GLU D 211 9.29 -2.33 -15.01
N GLU D 212 10.46 -2.46 -14.40
CA GLU D 212 10.63 -2.15 -12.96
C GLU D 212 10.28 -0.69 -12.70
N LEU D 213 10.78 0.23 -13.53
CA LEU D 213 10.43 1.66 -13.38
C LEU D 213 8.91 1.84 -13.53
N ARG D 214 8.32 1.17 -14.49
CA ARG D 214 6.86 1.31 -14.75
C ARG D 214 6.08 0.90 -13.48
N VAL D 215 6.44 -0.22 -12.89
CA VAL D 215 5.78 -0.79 -11.67
CA VAL D 215 5.65 -0.69 -11.72
C VAL D 215 6.01 0.17 -10.50
N LEU D 216 7.25 0.63 -10.34
CA LEU D 216 7.56 1.53 -9.20
C LEU D 216 6.77 2.80 -9.40
N GLY D 217 6.74 3.30 -10.64
CA GLY D 217 6.02 4.56 -10.93
C GLY D 217 4.54 4.45 -10.61
N GLU D 218 3.94 3.28 -10.84
CA GLU D 218 2.51 3.07 -10.57
C GLU D 218 2.22 2.75 -9.11
N ALA D 219 3.23 2.45 -8.27
CA ALA D 219 3.07 1.84 -6.95
C ALA D 219 2.71 2.91 -5.92
N HIS D 220 1.80 3.83 -6.25
CA HIS D 220 1.13 4.77 -5.31
C HIS D 220 -0.26 4.20 -5.07
N THR D 221 -0.47 3.55 -3.94
CA THR D 221 -1.69 2.74 -3.72
C THR D 221 -2.65 3.48 -2.80
N MET D 222 -3.92 3.20 -2.96
CA MET D 222 -5.00 3.80 -2.14
CA MET D 222 -5.01 3.80 -2.16
C MET D 222 -6.09 2.73 -1.94
N ASN D 223 -6.97 2.98 -1.00
CA ASN D 223 -8.05 2.00 -0.70
C ASN D 223 -9.24 2.26 -1.65
N SER D 224 -10.17 1.30 -1.72
CA SER D 224 -11.31 1.33 -2.66
C SER D 224 -12.18 2.55 -2.36
N ASP D 225 -12.32 2.92 -1.09
CA ASP D 225 -13.20 4.06 -0.74
C ASP D 225 -12.61 5.32 -1.40
N GLU D 226 -11.30 5.52 -1.30
CA GLU D 226 -10.67 6.74 -1.89
C GLU D 226 -10.93 6.79 -3.39
N PHE D 227 -10.71 5.70 -4.10
CA PHE D 227 -10.93 5.65 -5.57
CA PHE D 227 -10.94 5.62 -5.57
C PHE D 227 -12.39 5.96 -5.87
N GLU D 228 -13.32 5.32 -5.17
CA GLU D 228 -14.75 5.52 -5.44
C GLU D 228 -15.14 6.96 -5.14
N ARG D 229 -14.57 7.57 -4.12
CA ARG D 229 -14.83 9.00 -3.79
C ARG D 229 -14.37 9.90 -4.95
N ILE D 230 -13.16 9.66 -5.45
CA ILE D 230 -12.60 10.41 -6.62
C ILE D 230 -13.50 10.17 -7.84
N GLN D 231 -13.96 8.94 -8.05
CA GLN D 231 -14.80 8.63 -9.25
C GLN D 231 -16.10 9.43 -9.16
N GLY D 232 -16.68 9.55 -7.97
CA GLY D 232 -17.89 10.37 -7.74
C GLY D 232 -17.63 11.82 -8.08
N MET D 233 -16.47 12.31 -7.67
CA MET D 233 -16.06 13.71 -7.94
C MET D 233 -15.96 13.91 -9.45
N ARG D 234 -15.30 12.98 -10.15
CA ARG D 234 -15.09 13.10 -11.62
C ARG D 234 -16.45 13.08 -12.32
N ARG D 235 -17.33 12.16 -11.92
CA ARG D 235 -18.67 12.06 -12.54
C ARG D 235 -19.43 13.40 -12.42
N ALA D 236 -19.38 14.06 -11.27
CA ALA D 236 -20.05 15.35 -11.05
C ALA D 236 -19.45 16.34 -12.06
N VAL D 237 -18.18 16.19 -12.38
CA VAL D 237 -17.55 17.13 -13.35
C VAL D 237 -18.05 16.76 -14.76
N TYR D 238 -18.03 15.51 -15.18
CA TYR D 238 -18.39 15.22 -16.60
C TYR D 238 -19.92 15.29 -16.77
N ASP D 239 -20.66 15.46 -15.68
CA ASP D 239 -22.13 15.72 -15.66
C ASP D 239 -22.40 17.22 -15.63
N SER D 240 -21.37 18.06 -15.60
CA SER D 240 -21.54 19.52 -15.32
C SER D 240 -21.98 20.25 -16.58
N GLU D 241 -22.66 21.38 -16.40
CA GLU D 241 -22.92 22.41 -17.46
C GLU D 241 -21.57 22.94 -17.95
N ASP D 242 -20.59 23.09 -17.07
CA ASP D 242 -19.26 23.60 -17.47
C ASP D 242 -18.61 22.69 -18.51
N TYR D 243 -18.70 21.37 -18.35
CA TYR D 243 -18.12 20.41 -19.32
C TYR D 243 -18.85 20.58 -20.66
N GLN D 244 -20.17 20.69 -20.65
CA GLN D 244 -20.96 20.90 -21.90
C GLN D 244 -20.52 22.23 -22.53
N GLU D 245 -20.35 23.27 -21.72
CA GLU D 245 -19.92 24.63 -22.17
C GLU D 245 -18.51 24.55 -22.77
N GLY D 246 -17.61 23.82 -22.12
CA GLY D 246 -16.26 23.59 -22.67
C GLY D 246 -16.28 23.04 -24.08
N MET D 247 -17.08 21.99 -24.33
CA MET D 247 -17.09 21.34 -25.67
CA MET D 247 -17.18 21.30 -25.65
C MET D 247 -17.79 22.26 -26.68
N ASN D 248 -18.91 22.87 -26.29
CA ASN D 248 -19.76 23.77 -27.12
C ASN D 248 -18.91 24.95 -27.58
N ALA D 249 -18.18 25.56 -26.64
CA ALA D 249 -17.27 26.70 -26.92
C ALA D 249 -16.23 26.26 -27.95
N PHE D 250 -15.67 25.04 -27.89
CA PHE D 250 -14.66 24.60 -28.89
C PHE D 250 -15.30 24.48 -30.27
N LEU D 251 -16.47 23.87 -30.35
CA LEU D 251 -17.15 23.64 -31.65
C LEU D 251 -17.57 24.98 -32.25
N GLU D 252 -17.93 25.96 -31.42
CA GLU D 252 -18.43 27.29 -31.87
C GLU D 252 -17.28 28.30 -32.03
N LYS D 253 -16.04 27.90 -31.78
CA LYS D 253 -14.80 28.71 -31.95
C LYS D 253 -14.94 29.99 -31.11
N ARG D 254 -15.34 29.84 -29.85
CA ARG D 254 -15.47 30.98 -28.93
C ARG D 254 -14.85 30.57 -27.60
N LYS D 255 -14.76 31.53 -26.70
CA LYS D 255 -14.18 31.31 -25.36
C LYS D 255 -15.26 30.83 -24.37
N PRO D 256 -15.00 29.73 -23.64
CA PRO D 256 -16.01 29.20 -22.73
C PRO D 256 -16.22 30.18 -21.59
N ASN D 257 -17.45 30.21 -21.08
CA ASN D 257 -17.77 30.94 -19.86
C ASN D 257 -18.09 29.93 -18.75
N PHE D 258 -17.14 29.66 -17.85
CA PHE D 258 -17.33 28.65 -16.79
C PHE D 258 -17.97 29.30 -15.58
N VAL D 259 -18.84 28.57 -14.90
CA VAL D 259 -19.66 29.14 -13.77
C VAL D 259 -19.62 28.26 -12.52
N GLY D 260 -19.02 27.07 -12.56
CA GLY D 260 -18.85 26.28 -11.33
C GLY D 260 -20.07 25.41 -11.02
N HIS D 261 -20.73 24.88 -12.06
CA HIS D 261 -21.84 23.88 -12.02
C HIS D 261 -21.89 23.16 -13.35
N ALA E 2 43.67 0.33 11.09
CA ALA E 2 42.69 -0.57 11.72
C ALA E 2 41.82 -1.24 10.64
N TYR E 3 41.90 -0.81 9.37
CA TYR E 3 41.17 -1.46 8.24
C TYR E 3 42.13 -1.62 7.07
N GLN E 4 42.04 -2.72 6.32
CA GLN E 4 42.97 -2.92 5.21
C GLN E 4 42.55 -2.02 4.05
N TYR E 5 41.25 -1.71 3.86
CA TYR E 5 40.78 -1.17 2.55
C TYR E 5 40.13 0.21 2.69
N VAL E 6 40.15 0.81 3.88
CA VAL E 6 39.70 2.20 4.11
C VAL E 6 40.62 2.83 5.15
N ASN E 7 40.70 4.15 5.11
CA ASN E 7 41.48 4.96 6.07
C ASN E 7 40.46 5.88 6.72
N VAL E 8 40.39 5.89 8.04
CA VAL E 8 39.37 6.74 8.73
C VAL E 8 40.09 7.85 9.47
N VAL E 9 39.58 9.06 9.34
CA VAL E 9 40.05 10.16 10.20
CA VAL E 9 40.06 10.24 10.12
C VAL E 9 38.83 10.84 10.79
N THR E 10 38.98 11.26 12.04
CA THR E 10 37.92 11.91 12.83
CA THR E 10 37.90 11.94 12.77
C THR E 10 38.39 13.34 13.08
N ILE E 11 37.56 14.34 12.78
CA ILE E 11 37.85 15.76 13.04
C ILE E 11 36.67 16.29 13.86
N ASN E 12 36.82 16.34 15.17
CA ASN E 12 35.72 16.71 16.09
C ASN E 12 34.59 15.71 15.88
N LYS E 13 33.46 16.14 15.32
CA LYS E 13 32.27 15.28 15.18
C LYS E 13 32.15 14.73 13.77
N VAL E 14 33.07 15.07 12.86
CA VAL E 14 33.03 14.61 11.45
C VAL E 14 33.98 13.44 11.28
N ALA E 15 33.50 12.36 10.69
CA ALA E 15 34.36 11.25 10.25
C ALA E 15 34.51 11.23 8.75
N VAL E 16 35.73 11.12 8.25
CA VAL E 16 36.04 10.93 6.82
C VAL E 16 36.48 9.49 6.61
N ILE E 17 35.74 8.74 5.79
CA ILE E 17 36.12 7.37 5.38
C ILE E 17 36.64 7.47 3.95
N GLU E 18 37.94 7.23 3.77
CA GLU E 18 38.62 7.33 2.48
C GLU E 18 38.89 5.92 1.97
N PHE E 19 38.48 5.63 0.72
CA PHE E 19 38.71 4.31 0.08
C PHE E 19 40.21 4.07 -0.01
N ASN E 20 40.64 2.84 0.25
CA ASN E 20 42.07 2.44 0.07
C ASN E 20 42.09 1.15 -0.73
N TYR E 21 41.59 1.21 -1.96
CA TYR E 21 41.46 0.05 -2.87
C TYR E 21 41.73 0.50 -4.30
N GLY E 22 42.69 1.41 -4.45
CA GLY E 22 43.11 2.00 -5.73
C GLY E 22 43.63 0.95 -6.69
N ARG E 23 44.22 -0.12 -6.20
CA ARG E 23 44.70 -1.21 -7.11
C ARG E 23 43.53 -1.80 -7.91
N LYS E 24 42.27 -1.70 -7.49
CA LYS E 24 41.12 -2.19 -8.30
CA LYS E 24 41.16 -2.16 -8.38
C LYS E 24 40.15 -1.02 -8.53
N LEU E 25 40.65 0.22 -8.48
CA LEU E 25 39.84 1.45 -8.76
C LEU E 25 38.60 1.47 -7.85
N ASN E 26 38.74 1.00 -6.61
CA ASN E 26 37.68 1.11 -5.57
C ASN E 26 36.43 0.36 -6.06
N ALA E 27 36.62 -0.67 -6.88
CA ALA E 27 35.56 -1.62 -7.27
C ALA E 27 34.96 -2.20 -5.98
N LEU E 28 33.66 -2.48 -5.98
CA LEU E 28 32.90 -2.82 -4.75
C LEU E 28 33.08 -4.32 -4.44
N SER E 29 34.32 -4.76 -4.30
CA SER E 29 34.71 -6.15 -3.92
C SER E 29 34.14 -6.40 -2.52
N LYS E 30 33.80 -7.64 -2.24
CA LYS E 30 33.29 -8.00 -0.89
C LYS E 30 34.28 -7.53 0.20
N VAL E 31 35.58 -7.76 0.04
CA VAL E 31 36.56 -7.41 1.11
C VAL E 31 36.61 -5.90 1.32
N PHE E 32 36.41 -5.11 0.26
CA PHE E 32 36.38 -3.64 0.36
C PHE E 32 35.12 -3.21 1.09
N ILE E 33 33.97 -3.71 0.65
CA ILE E 33 32.64 -3.32 1.23
C ILE E 33 32.57 -3.77 2.70
N ASP E 34 33.05 -4.96 3.04
CA ASP E 34 33.08 -5.43 4.45
C ASP E 34 33.85 -4.43 5.32
N ASP E 35 35.00 -3.93 4.88
CA ASP E 35 35.79 -2.92 5.61
C ASP E 35 35.02 -1.60 5.70
N LEU E 36 34.41 -1.14 4.60
CA LEU E 36 33.61 0.09 4.63
CA LEU E 36 33.56 0.08 4.59
C LEU E 36 32.48 -0.06 5.65
N MET E 37 31.77 -1.19 5.65
CA MET E 37 30.65 -1.41 6.59
C MET E 37 31.18 -1.50 8.02
N GLN E 38 32.28 -2.20 8.27
CA GLN E 38 32.88 -2.24 9.63
C GLN E 38 33.23 -0.84 10.09
N ALA E 39 33.89 -0.04 9.24
CA ALA E 39 34.26 1.35 9.57
C ALA E 39 33.02 2.16 9.93
N LEU E 40 31.96 2.13 9.12
CA LEU E 40 30.72 2.88 9.41
CA LEU E 40 30.74 2.90 9.41
C LEU E 40 30.18 2.45 10.77
N SER E 41 30.09 1.12 10.98
CA SER E 41 29.52 0.54 12.22
C SER E 41 30.34 1.05 13.41
N ASP E 42 31.66 1.08 13.28
CA ASP E 42 32.56 1.50 14.39
C ASP E 42 32.31 2.99 14.70
N LEU E 43 31.82 3.77 13.73
CA LEU E 43 31.55 5.23 13.86
C LEU E 43 30.13 5.51 14.36
N ASN E 44 29.32 4.49 14.58
CA ASN E 44 27.93 4.65 15.07
C ASN E 44 28.02 4.88 16.59
N ARG E 45 28.48 6.07 16.94
CA ARG E 45 28.80 6.53 18.31
CA ARG E 45 28.75 6.51 18.33
C ARG E 45 28.21 7.92 18.48
N PRO E 46 27.74 8.28 19.70
CA PRO E 46 27.11 9.57 19.96
C PRO E 46 27.90 10.83 19.58
N GLU E 47 29.21 10.76 19.68
CA GLU E 47 30.14 11.90 19.48
C GLU E 47 30.48 12.06 18.00
N ILE E 48 30.05 11.13 17.13
CA ILE E 48 30.17 11.30 15.66
C ILE E 48 28.82 11.78 15.13
N ARG E 49 28.83 12.81 14.31
CA ARG E 49 27.55 13.42 13.87
C ARG E 49 27.38 13.43 12.37
N CYS E 50 28.44 13.25 11.60
CA CYS E 50 28.38 13.36 10.13
C CYS E 50 29.51 12.53 9.55
N ILE E 51 29.24 11.81 8.48
CA ILE E 51 30.22 10.98 7.76
C ILE E 51 30.46 11.58 6.39
N ILE E 52 31.71 11.59 5.94
CA ILE E 52 32.09 11.85 4.53
C ILE E 52 32.68 10.57 3.97
N LEU E 53 32.19 10.11 2.82
CA LEU E 53 32.77 9.02 1.98
C LEU E 53 33.54 9.68 0.84
N ARG E 54 34.80 9.30 0.67
CA ARG E 54 35.61 9.90 -0.42
C ARG E 54 36.59 8.84 -0.95
N ALA E 55 37.04 9.12 -2.15
CA ALA E 55 38.24 8.50 -2.75
C ALA E 55 39.43 9.38 -2.36
N PRO E 56 40.66 8.82 -2.36
CA PRO E 56 41.83 9.63 -2.07
C PRO E 56 41.89 10.85 -3.01
N SER E 57 42.47 11.94 -2.51
CA SER E 57 42.64 13.19 -3.27
C SER E 57 43.41 12.89 -4.57
N GLY E 58 42.96 13.44 -5.69
CA GLY E 58 43.54 13.23 -7.02
C GLY E 58 43.04 12.03 -7.77
N SER E 59 42.15 11.19 -7.21
CA SER E 59 41.69 9.96 -7.90
C SER E 59 41.08 10.33 -9.25
N LYS E 60 41.48 9.62 -10.30
CA LYS E 60 40.80 9.62 -11.60
C LYS E 60 39.47 8.84 -11.53
N VAL E 61 39.44 7.74 -10.80
CA VAL E 61 38.24 6.86 -10.68
C VAL E 61 37.80 6.87 -9.22
N PHE E 62 36.63 7.42 -8.95
CA PHE E 62 36.05 7.40 -7.60
C PHE E 62 35.76 5.95 -7.23
N SER E 63 35.07 5.24 -8.13
CA SER E 63 34.81 3.77 -8.00
C SER E 63 34.38 3.23 -9.33
N ALA E 64 34.99 2.12 -9.72
CA ALA E 64 34.68 1.43 -10.98
C ALA E 64 33.42 0.58 -10.82
N GLY E 65 32.71 0.70 -9.71
CA GLY E 65 31.43 -0.01 -9.50
C GLY E 65 31.63 -1.45 -9.10
N HIS E 66 30.64 -2.28 -9.37
CA HIS E 66 30.61 -3.68 -8.85
C HIS E 66 31.86 -4.39 -9.36
N ASP E 67 32.50 -5.21 -8.54
CA ASP E 67 33.64 -6.04 -9.01
C ASP E 67 33.10 -7.04 -10.02
N ILE E 68 33.48 -6.94 -11.31
CA ILE E 68 32.86 -7.81 -12.35
C ILE E 68 33.27 -9.28 -12.12
N HIS E 69 34.41 -9.54 -11.49
CA HIS E 69 34.85 -10.93 -11.22
C HIS E 69 34.02 -11.57 -10.10
N GLU E 70 33.27 -10.79 -9.32
CA GLU E 70 32.44 -11.30 -8.22
C GLU E 70 30.96 -11.36 -8.63
N LEU E 71 30.60 -10.90 -9.84
CA LEU E 71 29.21 -11.00 -10.33
C LEU E 71 28.96 -12.45 -10.72
N PRO E 72 27.93 -13.11 -10.14
CA PRO E 72 27.54 -14.45 -10.54
C PRO E 72 27.30 -14.53 -12.06
N SER E 73 27.82 -15.57 -12.71
CA SER E 73 27.61 -15.86 -14.16
C SER E 73 26.81 -17.15 -14.34
N GLY E 74 26.53 -17.89 -13.24
CA GLY E 74 26.05 -19.28 -13.30
C GLY E 74 24.53 -19.45 -13.25
N GLY E 75 23.75 -18.43 -13.62
CA GLY E 75 22.27 -18.45 -13.52
C GLY E 75 21.79 -18.17 -12.10
N ARG E 76 22.63 -17.49 -11.30
CA ARG E 76 22.28 -16.99 -9.95
C ARG E 76 22.00 -15.47 -10.06
N ASP E 77 21.20 -14.96 -9.15
CA ASP E 77 20.87 -13.51 -9.10
C ASP E 77 22.14 -12.76 -8.73
N PRO E 78 22.61 -11.85 -9.60
CA PRO E 78 23.81 -11.07 -9.28
C PRO E 78 23.60 -9.95 -8.22
N LEU E 79 22.35 -9.62 -7.94
CA LEU E 79 22.01 -8.50 -7.04
C LEU E 79 21.01 -8.98 -5.99
N SER E 80 21.30 -10.11 -5.33
CA SER E 80 20.43 -10.60 -4.24
C SER E 80 20.67 -9.79 -2.97
N TYR E 81 19.80 -10.00 -2.00
CA TYR E 81 19.66 -9.17 -0.80
C TYR E 81 20.99 -9.03 -0.07
N ASP E 82 21.78 -10.10 0.01
CA ASP E 82 23.04 -10.08 0.79
C ASP E 82 24.28 -9.87 -0.10
N ASP E 83 24.10 -9.48 -1.36
CA ASP E 83 25.23 -8.97 -2.18
C ASP E 83 25.79 -7.74 -1.47
N PRO E 84 27.12 -7.56 -1.47
CA PRO E 84 27.75 -6.40 -0.85
C PRO E 84 27.15 -5.02 -1.21
N LEU E 85 26.91 -4.74 -2.49
CA LEU E 85 26.32 -3.44 -2.91
C LEU E 85 24.94 -3.27 -2.23
N ARG E 86 24.13 -4.34 -2.20
CA ARG E 86 22.78 -4.29 -1.58
C ARG E 86 22.92 -4.05 -0.07
N GLN E 87 23.92 -4.68 0.55
CA GLN E 87 24.17 -4.47 1.98
C GLN E 87 24.56 -3.01 2.26
N ILE E 88 25.51 -2.45 1.53
CA ILE E 88 26.06 -1.12 1.88
C ILE E 88 24.98 -0.04 1.66
N THR E 89 24.16 -0.15 0.60
CA THR E 89 23.09 0.86 0.37
C THR E 89 22.12 0.82 1.55
N ARG E 90 21.71 -0.34 2.03
CA ARG E 90 20.81 -0.41 3.20
C ARG E 90 21.51 0.20 4.40
N MET E 91 22.78 -0.11 4.61
CA MET E 91 23.47 0.42 5.81
C MET E 91 23.55 1.95 5.73
N ILE E 92 23.91 2.50 4.57
CA ILE E 92 24.02 3.98 4.39
C ILE E 92 22.67 4.60 4.72
N GLN E 93 21.59 4.00 4.20
CA GLN E 93 20.23 4.58 4.30
C GLN E 93 19.70 4.46 5.74
N LYS E 94 20.09 3.42 6.48
CA LYS E 94 19.60 3.18 7.86
C LYS E 94 20.51 3.87 8.89
N PHE E 95 21.61 4.43 8.47
CA PHE E 95 22.64 4.95 9.41
C PHE E 95 22.08 6.22 10.00
N PRO E 96 22.10 6.39 11.33
CA PRO E 96 21.41 7.51 11.97
C PRO E 96 22.14 8.86 11.94
N LYS E 97 23.11 8.98 11.07
CA LYS E 97 23.89 10.22 10.87
C LYS E 97 23.90 10.49 9.38
N PRO E 98 23.94 11.76 8.98
CA PRO E 98 24.08 12.07 7.57
C PRO E 98 25.40 11.54 7.02
N ILE E 99 25.31 10.96 5.82
CA ILE E 99 26.47 10.43 5.04
C ILE E 99 26.57 11.26 3.75
N ILE E 100 27.66 12.01 3.61
CA ILE E 100 27.91 12.87 2.43
C ILE E 100 28.89 12.14 1.53
N SER E 101 28.49 11.92 0.28
CA SER E 101 29.43 11.40 -0.73
C SER E 101 30.20 12.59 -1.29
N MET E 102 31.53 12.61 -1.13
CA MET E 102 32.39 13.70 -1.67
C MET E 102 33.18 13.11 -2.84
N VAL E 103 32.78 13.48 -4.04
CA VAL E 103 33.14 12.78 -5.29
C VAL E 103 34.20 13.55 -6.07
N GLU E 104 35.33 12.90 -6.25
CA GLU E 104 36.41 13.27 -7.20
C GLU E 104 36.60 12.06 -8.07
N GLY E 105 36.56 12.26 -9.39
CA GLY E 105 36.78 11.19 -10.36
C GLY E 105 35.49 10.68 -10.92
N SER E 106 35.60 9.61 -11.68
CA SER E 106 34.51 9.03 -12.46
C SER E 106 33.80 8.00 -11.57
N VAL E 107 32.49 7.92 -11.69
CA VAL E 107 31.61 7.01 -10.89
C VAL E 107 30.85 6.10 -11.86
N TRP E 108 30.83 4.79 -11.56
CA TRP E 108 30.31 3.74 -12.45
C TRP E 108 29.31 2.83 -11.75
N GLY E 109 28.18 2.58 -12.39
CA GLY E 109 27.25 1.47 -12.05
C GLY E 109 26.88 1.41 -10.58
N GLY E 110 27.20 0.31 -9.93
CA GLY E 110 26.83 0.11 -8.52
C GLY E 110 27.31 1.27 -7.65
N ALA E 111 28.44 1.89 -7.98
CA ALA E 111 29.01 2.97 -7.16
C ALA E 111 28.15 4.22 -7.36
N PHE E 112 27.54 4.38 -8.55
CA PHE E 112 26.59 5.50 -8.74
C PHE E 112 25.38 5.28 -7.83
N GLU E 113 24.85 4.06 -7.79
CA GLU E 113 23.72 3.75 -6.88
C GLU E 113 24.15 3.97 -5.45
N MET E 114 25.39 3.56 -5.09
CA MET E 114 25.86 3.77 -3.71
C MET E 114 25.85 5.28 -3.36
N ILE E 115 26.38 6.18 -4.17
CA ILE E 115 26.35 7.63 -3.80
C ILE E 115 24.92 8.15 -3.85
N MET E 116 24.07 7.62 -4.74
CA MET E 116 22.66 8.08 -4.80
C MET E 116 21.94 7.67 -3.51
N SER E 117 22.35 6.58 -2.86
CA SER E 117 21.76 6.08 -1.59
C SER E 117 22.17 6.98 -0.42
N SER E 118 23.26 7.75 -0.55
CA SER E 118 23.75 8.62 0.53
C SER E 118 22.87 9.86 0.62
N ASP E 119 23.11 10.69 1.61
CA ASP E 119 22.21 11.82 1.93
C ASP E 119 22.48 13.05 1.07
N LEU E 120 23.75 13.38 0.85
CA LEU E 120 24.18 14.56 0.05
C LEU E 120 25.32 14.09 -0.86
N ILE E 121 25.40 14.68 -2.05
CA ILE E 121 26.57 14.49 -2.95
C ILE E 121 27.14 15.88 -3.28
N ILE E 122 28.41 16.07 -2.95
CA ILE E 122 29.23 17.26 -3.33
C ILE E 122 30.33 16.74 -4.24
N ALA E 123 30.47 17.30 -5.43
CA ALA E 123 31.34 16.73 -6.48
C ALA E 123 32.26 17.80 -7.04
N ALA E 124 33.45 17.36 -7.44
CA ALA E 124 34.40 18.12 -8.28
C ALA E 124 33.75 18.47 -9.61
N SER E 125 34.13 19.61 -10.19
CA SER E 125 33.62 20.05 -11.50
C SER E 125 34.05 19.05 -12.61
N THR E 126 35.06 18.21 -12.38
CA THR E 126 35.57 17.28 -13.40
C THR E 126 35.04 15.84 -13.24
N SER E 127 34.24 15.62 -12.21
CA SER E 127 33.66 14.28 -11.90
CA SER E 127 33.67 14.27 -11.92
C SER E 127 32.65 13.94 -12.99
N THR E 128 32.45 12.66 -13.24
CA THR E 128 31.48 12.15 -14.24
C THR E 128 30.79 10.93 -13.66
N PHE E 129 29.61 10.62 -14.20
CA PHE E 129 28.66 9.64 -13.61
C PHE E 129 28.06 8.80 -14.72
N SER E 130 28.13 7.48 -14.59
CA SER E 130 27.57 6.52 -15.58
CA SER E 130 27.48 6.58 -15.57
C SER E 130 26.80 5.42 -14.82
N MET E 131 25.66 5.03 -15.34
CA MET E 131 24.94 3.83 -14.88
C MET E 131 25.02 2.76 -15.97
N THR E 132 25.64 1.60 -15.68
CA THR E 132 26.15 0.66 -16.72
C THR E 132 25.46 -0.70 -16.87
N PRO E 133 24.33 -1.09 -16.20
CA PRO E 133 23.82 -2.45 -16.37
C PRO E 133 23.59 -2.81 -17.84
N VAL E 134 23.14 -1.86 -18.67
CA VAL E 134 22.75 -2.22 -20.05
C VAL E 134 24.02 -2.49 -20.89
N ASN E 135 25.21 -2.14 -20.41
CA ASN E 135 26.51 -2.47 -21.07
C ASN E 135 26.76 -3.97 -20.92
N LEU E 136 26.27 -4.57 -19.84
CA LEU E 136 26.65 -5.95 -19.44
C LEU E 136 25.46 -6.89 -19.60
N GLY E 137 24.24 -6.37 -19.70
CA GLY E 137 23.03 -7.22 -19.72
C GLY E 137 22.53 -7.60 -18.36
N VAL E 138 22.87 -6.83 -17.33
CA VAL E 138 22.51 -7.08 -15.91
C VAL E 138 21.05 -6.68 -15.69
N PRO E 139 20.18 -7.55 -15.14
CA PRO E 139 18.85 -7.15 -14.70
C PRO E 139 18.92 -6.49 -13.32
N TYR E 140 19.12 -5.19 -13.30
CA TYR E 140 19.23 -4.44 -12.04
C TYR E 140 17.96 -4.68 -11.22
N ASN E 141 18.08 -4.77 -9.90
CA ASN E 141 16.96 -5.15 -9.02
C ASN E 141 16.07 -3.94 -8.69
N LEU E 142 14.87 -4.24 -8.19
CA LEU E 142 13.83 -3.23 -7.91
C LEU E 142 14.36 -2.23 -6.91
N VAL E 143 14.95 -2.71 -5.82
CA VAL E 143 15.40 -1.81 -4.73
C VAL E 143 16.47 -0.88 -5.31
N GLY E 144 17.38 -1.46 -6.10
CA GLY E 144 18.53 -0.72 -6.69
C GLY E 144 18.04 0.36 -7.63
N ILE E 145 17.10 0.01 -8.51
CA ILE E 145 16.48 0.97 -9.44
C ILE E 145 15.75 2.05 -8.63
N HIS E 146 14.98 1.67 -7.62
CA HIS E 146 14.23 2.60 -6.74
CA HIS E 146 14.22 2.64 -6.79
C HIS E 146 15.19 3.68 -6.22
N ASN E 147 16.37 3.25 -5.78
CA ASN E 147 17.41 4.15 -5.18
C ASN E 147 17.89 5.20 -6.19
N LEU E 148 17.65 5.01 -7.50
CA LEU E 148 18.07 5.97 -8.54
C LEU E 148 16.94 6.96 -8.89
N THR E 149 15.77 6.88 -8.26
CA THR E 149 14.58 7.60 -8.76
C THR E 149 14.16 8.75 -7.86
N ARG E 150 14.93 9.08 -6.82
CA ARG E 150 14.51 10.04 -5.79
C ARG E 150 15.09 11.43 -6.01
N ASP E 151 15.84 11.65 -7.09
CA ASP E 151 16.51 12.96 -7.30
C ASP E 151 16.12 13.55 -8.66
N ALA E 152 16.49 12.91 -9.75
CA ALA E 152 16.13 13.31 -11.12
C ALA E 152 14.83 12.62 -11.56
N GLY E 153 14.14 13.17 -12.53
CA GLY E 153 12.86 12.63 -13.01
C GLY E 153 13.04 11.38 -13.84
N PHE E 154 11.92 10.74 -14.16
CA PHE E 154 11.90 9.46 -14.86
C PHE E 154 12.60 9.56 -16.21
N HIS E 155 12.31 10.59 -17.02
CA HIS E 155 12.89 10.70 -18.38
C HIS E 155 14.43 10.76 -18.24
N ILE E 156 14.91 11.50 -17.27
CA ILE E 156 16.37 11.65 -17.05
C ILE E 156 16.94 10.31 -16.63
N VAL E 157 16.32 9.65 -15.67
CA VAL E 157 16.83 8.36 -15.16
C VAL E 157 16.87 7.38 -16.34
N LYS E 158 15.82 7.34 -17.16
CA LYS E 158 15.79 6.37 -18.30
C LYS E 158 16.88 6.68 -19.33
N GLU E 159 17.17 7.96 -19.56
CA GLU E 159 18.30 8.33 -20.43
C GLU E 159 19.59 7.74 -19.84
N LEU E 160 19.86 7.98 -18.56
CA LEU E 160 21.10 7.50 -17.91
C LEU E 160 21.26 5.99 -18.09
N ILE E 161 20.20 5.24 -17.78
CA ILE E 161 20.25 3.77 -17.76
C ILE E 161 20.21 3.24 -19.19
N PHE E 162 19.33 3.74 -20.07
CA PHE E 162 19.24 3.15 -21.42
C PHE E 162 20.49 3.47 -22.27
N THR E 163 21.16 4.60 -22.05
CA THR E 163 22.34 5.01 -22.85
C THR E 163 23.62 4.51 -22.19
N ALA E 164 23.64 4.41 -20.87
CA ALA E 164 24.86 4.12 -20.09
C ALA E 164 25.95 5.16 -20.41
N SER E 165 25.57 6.33 -20.90
CA SER E 165 26.53 7.40 -21.27
C SER E 165 26.84 8.20 -20.03
N PRO E 166 28.12 8.56 -19.79
N PRO E 166 28.07 8.75 -19.97
CA PRO E 166 28.45 9.40 -18.63
CA PRO E 166 28.50 9.55 -18.84
C PRO E 166 27.92 10.84 -18.79
C PRO E 166 27.74 10.87 -18.85
N ILE E 167 27.49 11.44 -17.67
CA ILE E 167 27.07 12.86 -17.60
C ILE E 167 28.09 13.60 -16.75
N THR E 168 28.27 14.87 -17.10
CA THR E 168 29.15 15.79 -16.38
C THR E 168 28.55 16.10 -15.01
N ALA E 169 29.40 16.66 -14.13
CA ALA E 169 28.97 17.19 -12.82
C ALA E 169 27.96 18.31 -13.04
N GLN E 170 28.17 19.15 -14.07
CA GLN E 170 27.31 20.31 -14.36
C GLN E 170 25.88 19.81 -14.68
N ARG E 171 25.77 18.79 -15.48
CA ARG E 171 24.45 18.24 -15.83
C ARG E 171 23.86 17.54 -14.61
N ALA E 172 24.67 16.82 -13.85
CA ALA E 172 24.21 16.07 -12.67
C ALA E 172 23.66 17.07 -11.64
N LEU E 173 24.21 18.29 -11.56
CA LEU E 173 23.68 19.35 -10.68
C LEU E 173 22.34 19.86 -11.24
N ALA E 174 22.30 20.14 -12.52
CA ALA E 174 21.13 20.73 -13.21
C ALA E 174 19.92 19.81 -13.08
N VAL E 175 20.11 18.50 -13.15
CA VAL E 175 18.95 17.54 -13.10
C VAL E 175 18.62 17.13 -11.68
N GLY E 176 19.40 17.56 -10.66
CA GLY E 176 19.05 17.34 -9.24
C GLY E 176 19.78 16.18 -8.57
N ILE E 177 20.72 15.51 -9.25
CA ILE E 177 21.48 14.41 -8.66
C ILE E 177 22.43 14.97 -7.57
N LEU E 178 23.12 16.08 -7.82
CA LEU E 178 24.16 16.58 -6.92
C LEU E 178 23.59 17.75 -6.10
N ASN E 179 24.16 18.01 -4.94
CA ASN E 179 23.87 19.21 -4.13
C ASN E 179 24.70 20.39 -4.59
N HIS E 180 25.98 20.17 -4.76
CA HIS E 180 26.98 21.21 -5.08
C HIS E 180 28.06 20.64 -5.98
N VAL E 181 28.59 21.52 -6.82
CA VAL E 181 29.73 21.25 -7.72
C VAL E 181 30.78 22.31 -7.39
N VAL E 182 31.98 21.88 -7.09
CA VAL E 182 33.10 22.71 -6.53
CA VAL E 182 33.03 22.88 -6.75
C VAL E 182 34.34 22.47 -7.43
N GLU E 183 35.21 23.45 -7.60
CA GLU E 183 36.55 23.20 -8.16
C GLU E 183 37.24 22.19 -7.24
N VAL E 184 37.99 21.28 -7.82
CA VAL E 184 38.58 20.14 -7.05
C VAL E 184 39.46 20.67 -5.92
N GLU E 185 40.13 21.81 -6.09
CA GLU E 185 41.05 22.33 -5.05
C GLU E 185 40.23 22.77 -3.82
N GLU E 186 38.93 23.07 -3.98
CA GLU E 186 38.07 23.56 -2.88
C GLU E 186 37.16 22.44 -2.33
N LEU E 187 37.17 21.25 -2.92
CA LEU E 187 36.16 20.18 -2.65
C LEU E 187 36.22 19.80 -1.16
N GLU E 188 37.41 19.43 -0.68
CA GLU E 188 37.61 18.97 0.71
CA GLU E 188 37.65 18.98 0.72
C GLU E 188 37.16 20.07 1.67
N ASP E 189 37.63 21.29 1.49
CA ASP E 189 37.36 22.40 2.46
C ASP E 189 35.85 22.64 2.52
N PHE E 190 35.22 22.71 1.35
CA PHE E 190 33.77 23.04 1.20
C PHE E 190 32.95 21.94 1.91
N THR E 191 33.27 20.68 1.66
CA THR E 191 32.54 19.51 2.22
C THR E 191 32.73 19.48 3.74
N LEU E 192 33.96 19.67 4.23
CA LEU E 192 34.20 19.64 5.67
C LEU E 192 33.45 20.78 6.34
N GLN E 193 33.42 21.96 5.74
CA GLN E 193 32.69 23.09 6.36
C GLN E 193 31.21 22.73 6.52
N MET E 194 30.61 22.11 5.51
CA MET E 194 29.20 21.71 5.60
C MET E 194 29.04 20.61 6.67
N ALA E 195 29.91 19.62 6.70
CA ALA E 195 29.85 18.50 7.66
C ALA E 195 29.98 19.07 9.07
N HIS E 196 30.88 20.03 9.33
CA HIS E 196 31.01 20.61 10.67
C HIS E 196 29.73 21.38 11.02
N HIS E 197 29.16 22.13 10.08
CA HIS E 197 27.90 22.90 10.31
C HIS E 197 26.75 21.94 10.73
N ILE E 198 26.57 20.87 9.99
CA ILE E 198 25.49 19.86 10.27
C ILE E 198 25.74 19.36 11.67
N SER E 199 27.02 19.16 12.04
CA SER E 199 27.41 18.50 13.30
C SER E 199 27.06 19.36 14.50
N GLU E 200 26.69 20.65 14.30
CA GLU E 200 26.27 21.56 15.39
C GLU E 200 24.78 21.43 15.65
N LYS E 201 24.08 20.71 14.78
CA LYS E 201 22.60 20.60 14.80
C LYS E 201 22.20 19.41 15.68
N ALA E 202 20.91 19.29 15.96
CA ALA E 202 20.35 18.26 16.87
C ALA E 202 20.37 16.89 16.21
N PRO E 203 21.26 15.98 16.68
CA PRO E 203 21.45 14.70 15.99
C PRO E 203 20.25 13.76 16.07
N LEU E 204 19.46 13.85 17.14
CA LEU E 204 18.26 12.98 17.29
C LEU E 204 17.18 13.45 16.29
N ALA E 205 17.09 14.75 16.04
CA ALA E 205 16.13 15.29 15.06
C ALA E 205 16.58 14.88 13.66
N ILE E 206 17.87 15.05 13.36
CA ILE E 206 18.46 14.60 12.08
C ILE E 206 18.16 13.11 11.89
N ALA E 207 18.42 12.26 12.87
CA ALA E 207 18.25 10.79 12.69
C ALA E 207 16.80 10.48 12.40
N VAL E 208 15.86 11.07 13.13
CA VAL E 208 14.43 10.65 12.95
C VAL E 208 13.95 11.22 11.61
N ILE E 209 14.40 12.40 11.21
CA ILE E 209 13.93 12.95 9.92
C ILE E 209 14.54 12.11 8.80
N LYS E 210 15.79 11.70 8.95
CA LYS E 210 16.42 10.85 7.92
C LYS E 210 15.59 9.59 7.77
N GLU E 211 15.23 8.96 8.88
CA GLU E 211 14.49 7.66 8.86
C GLU E 211 13.08 7.85 8.27
N GLU E 212 12.41 8.95 8.57
CA GLU E 212 11.09 9.30 7.97
C GLU E 212 11.24 9.40 6.47
N LEU E 213 12.29 10.08 5.99
CA LEU E 213 12.52 10.16 4.53
C LEU E 213 12.83 8.78 3.94
N ARG E 214 13.59 7.96 4.65
CA ARG E 214 13.90 6.61 4.16
C ARG E 214 12.59 5.83 3.96
N VAL E 215 11.73 5.86 4.96
CA VAL E 215 10.49 5.00 4.92
CA VAL E 215 10.44 5.09 5.01
C VAL E 215 9.52 5.58 3.90
N LEU E 216 9.42 6.90 3.76
CA LEU E 216 8.59 7.54 2.71
C LEU E 216 9.15 7.20 1.34
N GLY E 217 10.47 7.26 1.20
CA GLY E 217 11.12 6.91 -0.09
C GLY E 217 10.85 5.47 -0.51
N GLU E 218 10.74 4.57 0.45
CA GLU E 218 10.53 3.13 0.19
C GLU E 218 9.04 2.80 0.01
N ALA E 219 8.14 3.73 0.32
CA ALA E 219 6.69 3.41 0.49
C ALA E 219 5.96 3.41 -0.86
N HIS E 220 6.53 2.75 -1.84
CA HIS E 220 5.90 2.42 -3.13
C HIS E 220 5.59 0.92 -3.06
N THR E 221 4.35 0.56 -2.84
CA THR E 221 4.00 -0.80 -2.41
C THR E 221 3.28 -1.48 -3.57
N MET E 222 3.47 -2.79 -3.65
CA MET E 222 2.89 -3.65 -4.73
CA MET E 222 2.91 -3.65 -4.72
C MET E 222 2.50 -4.98 -4.09
N ASN E 223 1.69 -5.74 -4.80
CA ASN E 223 1.26 -7.06 -4.29
C ASN E 223 2.32 -8.12 -4.65
N SER E 224 2.21 -9.30 -4.02
CA SER E 224 3.18 -10.40 -4.17
C SER E 224 3.25 -10.85 -5.63
N ASP E 225 2.12 -10.91 -6.33
CA ASP E 225 2.10 -11.37 -7.73
C ASP E 225 3.02 -10.47 -8.57
N GLU E 226 2.92 -9.15 -8.41
CA GLU E 226 3.73 -8.20 -9.22
C GLU E 226 5.20 -8.45 -8.93
N PHE E 227 5.56 -8.54 -7.67
CA PHE E 227 6.98 -8.81 -7.30
CA PHE E 227 6.97 -8.82 -7.28
C PHE E 227 7.43 -10.13 -7.92
N GLU E 228 6.62 -11.17 -7.85
CA GLU E 228 7.05 -12.50 -8.35
C GLU E 228 7.15 -12.45 -9.88
N ARG E 229 6.29 -11.67 -10.55
CA ARG E 229 6.33 -11.54 -12.02
C ARG E 229 7.63 -10.82 -12.41
N ILE E 230 8.00 -9.78 -11.69
CA ILE E 230 9.26 -9.02 -11.93
C ILE E 230 10.43 -9.97 -11.70
N GLN E 231 10.41 -10.73 -10.61
CA GLN E 231 11.51 -11.69 -10.28
C GLN E 231 11.65 -12.70 -11.44
N GLY E 232 10.53 -13.20 -12.01
CA GLY E 232 10.56 -14.09 -13.19
C GLY E 232 11.22 -13.41 -14.39
N MET E 233 10.85 -12.17 -14.66
CA MET E 233 11.50 -11.42 -15.77
C MET E 233 12.99 -11.30 -15.49
N ARG E 234 13.40 -10.94 -14.27
CA ARG E 234 14.83 -10.75 -13.95
C ARG E 234 15.55 -12.09 -14.15
N ARG E 235 14.99 -13.21 -13.72
CA ARG E 235 15.67 -14.52 -13.87
C ARG E 235 15.82 -14.85 -15.36
N ALA E 236 14.86 -14.52 -16.22
CA ALA E 236 14.99 -14.78 -17.66
C ALA E 236 16.21 -13.99 -18.17
N VAL E 237 16.46 -12.80 -17.62
CA VAL E 237 17.62 -11.97 -18.05
C VAL E 237 18.93 -12.59 -17.52
N TYR E 238 19.01 -12.99 -16.25
CA TYR E 238 20.31 -13.45 -15.72
C TYR E 238 20.55 -14.90 -16.19
N ASP E 239 19.57 -15.53 -16.84
CA ASP E 239 19.70 -16.86 -17.49
C ASP E 239 19.96 -16.71 -18.99
N SER E 240 20.05 -15.48 -19.53
CA SER E 240 20.05 -15.25 -21.01
C SER E 240 21.46 -15.48 -21.56
N GLU E 241 21.54 -15.74 -22.86
CA GLU E 241 22.83 -15.71 -23.60
C GLU E 241 23.42 -14.30 -23.54
N ASP E 242 22.58 -13.28 -23.64
CA ASP E 242 23.04 -11.86 -23.63
C ASP E 242 23.79 -11.56 -22.34
N TYR E 243 23.34 -12.06 -21.19
CA TYR E 243 24.02 -11.76 -19.90
C TYR E 243 25.42 -12.40 -19.92
N GLN E 244 25.54 -13.61 -20.48
CA GLN E 244 26.87 -14.31 -20.56
C GLN E 244 27.80 -13.50 -21.46
N GLU E 245 27.24 -13.06 -22.59
CA GLU E 245 27.98 -12.31 -23.63
C GLU E 245 28.48 -10.99 -23.02
N GLY E 246 27.65 -10.31 -22.23
CA GLY E 246 28.04 -9.02 -21.67
C GLY E 246 29.19 -9.18 -20.73
N MET E 247 29.15 -10.19 -19.85
CA MET E 247 30.24 -10.43 -18.86
C MET E 247 31.51 -10.79 -19.65
N ASN E 248 31.38 -11.73 -20.58
CA ASN E 248 32.53 -12.22 -21.40
C ASN E 248 33.17 -11.06 -22.15
N ALA E 249 32.35 -10.24 -22.84
CA ALA E 249 32.84 -9.14 -23.70
C ALA E 249 33.64 -8.17 -22.83
N PHE E 250 33.12 -7.84 -21.64
CA PHE E 250 33.85 -6.93 -20.73
C PHE E 250 35.22 -7.55 -20.37
N LEU E 251 35.26 -8.82 -19.96
CA LEU E 251 36.50 -9.49 -19.46
C LEU E 251 37.50 -9.60 -20.63
N GLU E 252 37.02 -9.84 -21.86
CA GLU E 252 37.84 -10.04 -23.09
C GLU E 252 38.09 -8.69 -23.72
N LYS E 253 37.61 -7.60 -23.11
CA LYS E 253 37.82 -6.22 -23.63
C LYS E 253 37.44 -6.11 -25.11
N ARG E 254 36.23 -6.52 -25.48
CA ARG E 254 35.66 -6.33 -26.84
C ARG E 254 34.24 -5.79 -26.70
N LYS E 255 33.63 -5.31 -27.79
CA LYS E 255 32.23 -4.84 -27.82
C LYS E 255 31.34 -6.07 -27.77
N PRO E 256 30.30 -6.10 -26.89
CA PRO E 256 29.38 -7.24 -26.86
C PRO E 256 28.47 -7.33 -28.09
N ASN E 257 28.02 -8.54 -28.42
CA ASN E 257 27.03 -8.77 -29.49
C ASN E 257 25.74 -9.29 -28.86
N PHE E 258 24.82 -8.37 -28.53
CA PHE E 258 23.54 -8.70 -27.87
C PHE E 258 22.53 -9.11 -28.94
N VAL E 259 21.76 -10.18 -28.73
CA VAL E 259 20.81 -10.73 -29.74
C VAL E 259 19.36 -10.80 -29.20
N GLY E 260 19.10 -10.48 -27.93
CA GLY E 260 17.71 -10.51 -27.43
C GLY E 260 17.29 -11.88 -26.96
N HIS E 261 18.22 -12.76 -26.57
CA HIS E 261 17.90 -13.95 -25.74
C HIS E 261 19.15 -14.36 -24.96
N ALA F 2 -13.04 42.46 9.64
CA ALA F 2 -13.71 41.16 9.91
C ALA F 2 -12.76 40.17 10.58
N TYR F 3 -11.43 40.33 10.42
CA TYR F 3 -10.44 39.46 11.13
C TYR F 3 -9.40 40.32 11.82
N GLN F 4 -8.97 39.87 13.00
CA GLN F 4 -7.93 40.58 13.79
C GLN F 4 -6.55 40.39 13.15
N TYR F 5 -6.21 39.19 12.64
CA TYR F 5 -4.81 38.87 12.29
C TYR F 5 -4.60 38.65 10.79
N VAL F 6 -5.61 38.88 9.95
CA VAL F 6 -5.46 38.90 8.47
C VAL F 6 -6.34 40.01 7.92
N ASN F 7 -5.99 40.50 6.74
CA ASN F 7 -6.81 41.43 5.94
C ASN F 7 -7.11 40.71 4.63
N VAL F 8 -8.36 40.74 4.20
CA VAL F 8 -8.82 40.07 2.96
C VAL F 8 -9.26 41.16 1.99
N VAL F 9 -8.78 41.13 0.76
CA VAL F 9 -9.41 41.92 -0.33
C VAL F 9 -9.78 40.99 -1.46
N THR F 10 -10.89 41.29 -2.13
CA THR F 10 -11.32 40.58 -3.36
CA THR F 10 -11.33 40.58 -3.37
C THR F 10 -11.24 41.54 -4.57
N ILE F 11 -10.69 41.03 -5.68
CA ILE F 11 -10.55 41.75 -6.95
C ILE F 11 -11.13 40.82 -8.01
N ASN F 12 -12.36 41.09 -8.45
CA ASN F 12 -13.11 40.21 -9.37
C ASN F 12 -13.18 38.82 -8.69
N LYS F 13 -12.57 37.77 -9.22
CA LYS F 13 -12.74 36.39 -8.68
C LYS F 13 -11.50 35.98 -7.88
N VAL F 14 -10.62 36.92 -7.57
CA VAL F 14 -9.36 36.62 -6.82
C VAL F 14 -9.50 37.20 -5.41
N ALA F 15 -9.11 36.44 -4.41
CA ALA F 15 -9.09 36.89 -3.01
C ALA F 15 -7.64 36.87 -2.55
N VAL F 16 -7.20 37.96 -1.96
CA VAL F 16 -5.85 38.09 -1.40
C VAL F 16 -6.01 38.08 0.10
N ILE F 17 -5.37 37.12 0.75
CA ILE F 17 -5.37 37.04 2.22
C ILE F 17 -3.99 37.54 2.64
N GLU F 18 -3.97 38.68 3.29
CA GLU F 18 -2.70 39.33 3.70
C GLU F 18 -2.52 39.14 5.20
N PHE F 19 -1.35 38.72 5.62
CA PHE F 19 -1.09 38.53 7.07
C PHE F 19 -1.14 39.91 7.77
N ASN F 20 -1.66 39.93 8.99
CA ASN F 20 -1.66 41.14 9.86
C ASN F 20 -1.19 40.79 11.28
N TYR F 21 0.02 40.26 11.41
CA TYR F 21 0.60 39.75 12.68
C TYR F 21 2.08 40.09 12.72
N GLY F 22 2.41 41.26 12.16
CA GLY F 22 3.80 41.74 11.97
C GLY F 22 4.53 41.94 13.30
N ARG F 23 3.76 42.20 14.36
CA ARG F 23 4.25 42.35 15.75
C ARG F 23 4.99 41.06 16.17
N LYS F 24 4.56 39.89 15.68
CA LYS F 24 5.23 38.60 16.00
C LYS F 24 5.77 38.00 14.69
N LEU F 25 6.06 38.83 13.70
CA LEU F 25 6.68 38.45 12.40
C LEU F 25 5.88 37.30 11.78
N ASN F 26 4.55 37.36 11.92
CA ASN F 26 3.60 36.39 11.30
C ASN F 26 3.96 34.98 11.74
N ALA F 27 4.44 34.82 12.98
CA ALA F 27 4.62 33.49 13.60
C ALA F 27 3.28 32.77 13.62
N LEU F 28 3.31 31.44 13.49
CA LEU F 28 2.09 30.64 13.31
C LEU F 28 1.48 30.30 14.70
N SER F 29 1.13 31.33 15.47
CA SER F 29 0.34 31.20 16.71
C SER F 29 -1.04 30.64 16.37
N LYS F 30 -1.63 29.93 17.32
CA LYS F 30 -3.01 29.44 17.18
C LYS F 30 -3.96 30.58 16.79
N VAL F 31 -3.85 31.76 17.39
CA VAL F 31 -4.84 32.85 17.10
C VAL F 31 -4.70 33.27 15.64
N PHE F 32 -3.49 33.29 15.10
CA PHE F 32 -3.22 33.72 13.71
C PHE F 32 -3.77 32.67 12.75
N ILE F 33 -3.43 31.42 13.02
CA ILE F 33 -3.84 30.29 12.14
C ILE F 33 -5.35 30.16 12.15
N ASP F 34 -5.98 30.33 13.31
CA ASP F 34 -7.46 30.23 13.41
C ASP F 34 -8.09 31.30 12.53
N ASP F 35 -7.51 32.50 12.49
CA ASP F 35 -7.99 33.61 11.64
C ASP F 35 -7.74 33.27 10.16
N LEU F 36 -6.55 32.80 9.80
CA LEU F 36 -6.27 32.40 8.40
CA LEU F 36 -6.24 32.36 8.41
C LEU F 36 -7.26 31.31 7.95
N MET F 37 -7.51 30.31 8.78
CA MET F 37 -8.47 29.23 8.41
C MET F 37 -9.88 29.79 8.30
N GLN F 38 -10.27 30.71 9.17
CA GLN F 38 -11.64 31.27 9.08
C GLN F 38 -11.74 32.04 7.78
N ALA F 39 -10.73 32.81 7.42
CA ALA F 39 -10.77 33.65 6.19
C ALA F 39 -10.86 32.72 4.98
N LEU F 40 -10.08 31.65 4.99
CA LEU F 40 -10.09 30.69 3.85
C LEU F 40 -11.45 30.02 3.74
N SER F 41 -12.04 29.57 4.85
CA SER F 41 -13.38 28.96 4.88
C SER F 41 -14.42 29.97 4.37
N ASP F 42 -14.31 31.23 4.79
CA ASP F 42 -15.26 32.28 4.36
C ASP F 42 -15.19 32.49 2.84
N LEU F 43 -14.03 32.21 2.22
CA LEU F 43 -13.77 32.46 0.78
C LEU F 43 -14.11 31.23 -0.07
N ASN F 44 -14.64 30.17 0.53
CA ASN F 44 -15.02 28.96 -0.23
C ASN F 44 -16.39 29.21 -0.83
N ARG F 45 -16.45 30.06 -1.83
CA ARG F 45 -17.72 30.56 -2.45
C ARG F 45 -17.59 30.48 -3.96
N PRO F 46 -18.71 30.34 -4.70
CA PRO F 46 -18.67 30.10 -6.13
C PRO F 46 -18.12 31.32 -6.89
N GLU F 47 -18.21 32.53 -6.33
CA GLU F 47 -17.67 33.74 -7.01
C GLU F 47 -16.18 33.94 -6.71
N ILE F 48 -15.56 33.07 -5.92
CA ILE F 48 -14.09 33.17 -5.66
C ILE F 48 -13.45 32.02 -6.43
N ARG F 49 -12.42 32.29 -7.22
CA ARG F 49 -11.82 31.23 -8.06
C ARG F 49 -10.36 30.95 -7.71
N CYS F 50 -9.66 31.89 -7.08
CA CYS F 50 -8.24 31.75 -6.79
C CYS F 50 -7.91 32.57 -5.54
N ILE F 51 -7.03 32.02 -4.71
CA ILE F 51 -6.58 32.68 -3.47
C ILE F 51 -5.10 32.97 -3.61
N ILE F 52 -4.67 34.12 -3.11
CA ILE F 52 -3.26 34.48 -2.90
C ILE F 52 -3.06 34.66 -1.39
N LEU F 53 -2.04 34.01 -0.83
CA LEU F 53 -1.53 34.24 0.54
C LEU F 53 -0.32 35.15 0.42
N ARG F 54 -0.27 36.20 1.22
CA ARG F 54 0.89 37.12 1.22
C ARG F 54 1.11 37.72 2.59
N ALA F 55 2.32 38.20 2.81
CA ALA F 55 2.62 39.14 3.90
C ALA F 55 2.47 40.55 3.35
N PRO F 56 2.33 41.57 4.23
CA PRO F 56 2.25 42.94 3.76
C PRO F 56 3.47 43.35 2.93
N SER F 57 3.22 44.18 1.92
CA SER F 57 4.26 44.83 1.09
C SER F 57 5.41 45.33 1.98
N GLY F 58 6.66 45.12 1.56
CA GLY F 58 7.86 45.55 2.31
C GLY F 58 8.30 44.63 3.44
N SER F 59 7.59 43.52 3.72
CA SER F 59 7.93 42.66 4.87
C SER F 59 9.35 42.13 4.74
N LYS F 60 10.14 42.26 5.79
CA LYS F 60 11.47 41.61 5.89
C LYS F 60 11.25 40.11 6.17
N VAL F 61 10.25 39.79 6.99
CA VAL F 61 9.94 38.41 7.40
C VAL F 61 8.54 38.06 6.92
N PHE F 62 8.44 37.12 5.99
CA PHE F 62 7.16 36.55 5.52
C PHE F 62 6.49 35.85 6.69
N SER F 63 7.20 34.94 7.36
CA SER F 63 6.73 34.28 8.58
C SER F 63 7.91 33.63 9.32
N ALA F 64 7.99 33.85 10.62
CA ALA F 64 9.08 33.32 11.46
C ALA F 64 8.78 31.89 11.86
N GLY F 65 7.70 31.32 11.34
CA GLY F 65 7.42 29.87 11.52
C GLY F 65 6.60 29.61 12.77
N HIS F 66 6.68 28.41 13.32
CA HIS F 66 5.90 28.01 14.51
C HIS F 66 6.20 29.00 15.65
N ASP F 67 5.17 29.32 16.41
CA ASP F 67 5.32 30.15 17.62
C ASP F 67 6.00 29.25 18.66
N ILE F 68 7.27 29.53 18.98
CA ILE F 68 8.10 28.63 19.84
C ILE F 68 7.49 28.61 21.26
N HIS F 69 6.83 29.70 21.70
CA HIS F 69 6.14 29.76 23.00
C HIS F 69 4.96 28.78 23.02
N GLU F 70 4.47 28.32 21.87
CA GLU F 70 3.29 27.40 21.84
C GLU F 70 3.71 25.95 21.58
N LEU F 71 5.00 25.65 21.44
CA LEU F 71 5.50 24.25 21.37
C LEU F 71 5.45 23.64 22.76
N PRO F 72 4.90 22.42 22.94
CA PRO F 72 5.02 21.74 24.23
C PRO F 72 6.48 21.58 24.67
N SER F 73 6.76 21.91 25.93
CA SER F 73 7.93 21.38 26.68
C SER F 73 7.75 19.86 26.78
N GLY F 74 8.86 19.13 26.73
CA GLY F 74 8.96 17.73 26.29
C GLY F 74 7.93 16.79 26.90
N GLY F 75 7.96 15.57 26.42
CA GLY F 75 7.00 14.52 26.80
C GLY F 75 5.73 14.62 26.01
N ARG F 76 5.52 15.72 25.27
CA ARG F 76 4.33 15.92 24.40
C ARG F 76 4.77 16.05 22.94
N ASP F 77 4.08 15.33 22.06
CA ASP F 77 4.24 15.49 20.60
C ASP F 77 4.01 16.95 20.23
N PRO F 78 4.99 17.66 19.67
CA PRO F 78 4.78 19.06 19.27
C PRO F 78 4.06 19.25 17.91
N LEU F 79 3.86 18.16 17.17
CA LEU F 79 3.24 18.28 15.82
C LEU F 79 2.16 17.20 15.67
N SER F 80 1.22 17.21 16.58
CA SER F 80 0.08 16.25 16.61
CA SER F 80 0.09 16.25 16.60
C SER F 80 -0.93 16.68 15.55
N TYR F 81 -1.84 15.79 15.23
CA TYR F 81 -2.80 15.96 14.13
C TYR F 81 -3.54 17.30 14.24
N ASP F 82 -3.95 17.71 15.44
CA ASP F 82 -4.83 18.91 15.53
C ASP F 82 -4.01 20.15 15.95
N ASP F 83 -2.69 20.14 15.85
CA ASP F 83 -1.79 21.33 15.96
CA ASP F 83 -1.89 21.37 16.03
C ASP F 83 -2.16 22.28 14.83
N PRO F 84 -2.19 23.62 15.05
CA PRO F 84 -2.60 24.58 14.02
C PRO F 84 -1.87 24.49 12.67
N LEU F 85 -0.55 24.31 12.67
CA LEU F 85 0.22 24.09 11.41
C LEU F 85 -0.31 22.85 10.67
N ARG F 86 -0.51 21.74 11.37
CA ARG F 86 -1.03 20.50 10.75
C ARG F 86 -2.45 20.77 10.21
N GLN F 87 -3.28 21.57 10.91
CA GLN F 87 -4.65 21.84 10.43
C GLN F 87 -4.59 22.69 9.16
N ILE F 88 -3.77 23.72 9.12
CA ILE F 88 -3.76 24.70 7.99
CA ILE F 88 -3.85 24.66 7.97
C ILE F 88 -3.24 24.00 6.73
N THR F 89 -2.22 23.15 6.88
CA THR F 89 -1.68 22.46 5.67
C THR F 89 -2.74 21.52 5.09
N ARG F 90 -3.50 20.77 5.90
CA ARG F 90 -4.59 19.92 5.36
C ARG F 90 -5.63 20.83 4.71
N MET F 91 -5.98 21.93 5.34
CA MET F 91 -7.06 22.80 4.79
C MET F 91 -6.62 23.39 3.44
N ILE F 92 -5.37 23.85 3.36
CA ILE F 92 -4.82 24.37 2.07
C ILE F 92 -4.90 23.28 0.99
N GLN F 93 -4.51 22.05 1.33
CA GLN F 93 -4.39 20.97 0.34
C GLN F 93 -5.77 20.49 -0.11
N LYS F 94 -6.76 20.57 0.77
CA LYS F 94 -8.15 20.10 0.47
C LYS F 94 -8.99 21.25 -0.09
N PHE F 95 -8.48 22.47 -0.10
CA PHE F 95 -9.28 23.63 -0.54
C PHE F 95 -9.56 23.51 -2.04
N PRO F 96 -10.85 23.61 -2.49
CA PRO F 96 -11.16 23.34 -3.89
C PRO F 96 -10.85 24.44 -4.89
N LYS F 97 -10.01 25.38 -4.51
CA LYS F 97 -9.55 26.49 -5.37
C LYS F 97 -8.03 26.51 -5.29
N PRO F 98 -7.34 27.00 -6.33
CA PRO F 98 -5.90 27.13 -6.24
C PRO F 98 -5.56 28.16 -5.17
N ILE F 99 -4.51 27.86 -4.41
CA ILE F 99 -3.91 28.77 -3.42
C ILE F 99 -2.47 29.03 -3.83
N ILE F 100 -2.16 30.30 -4.08
CA ILE F 100 -0.81 30.74 -4.52
C ILE F 100 -0.17 31.45 -3.36
N SER F 101 1.04 31.04 -2.96
CA SER F 101 1.79 31.73 -1.91
C SER F 101 2.65 32.77 -2.64
N MET F 102 2.42 34.04 -2.33
CA MET F 102 3.17 35.18 -2.91
C MET F 102 4.13 35.70 -1.84
N VAL F 103 5.41 35.38 -2.00
CA VAL F 103 6.42 35.47 -0.91
C VAL F 103 7.33 36.67 -1.12
N GLU F 104 7.28 37.56 -0.14
CA GLU F 104 8.26 38.64 0.07
C GLU F 104 8.83 38.40 1.47
N GLY F 105 10.14 38.38 1.59
CA GLY F 105 10.79 38.27 2.89
C GLY F 105 11.25 36.85 3.18
N SER F 106 11.72 36.62 4.38
CA SER F 106 12.33 35.33 4.77
C SER F 106 11.23 34.38 5.27
N VAL F 107 11.38 33.09 5.00
CA VAL F 107 10.40 32.05 5.39
C VAL F 107 11.11 31.02 6.27
N TRP F 108 10.55 30.66 7.42
CA TRP F 108 11.18 29.80 8.44
C TRP F 108 10.26 28.64 8.83
N GLY F 109 10.83 27.42 8.80
CA GLY F 109 10.31 26.25 9.54
C GLY F 109 8.90 25.91 9.12
N GLY F 110 7.95 25.86 10.04
CA GLY F 110 6.56 25.52 9.70
C GLY F 110 6.00 26.42 8.60
N ALA F 111 6.44 27.67 8.49
CA ALA F 111 5.94 28.55 7.41
C ALA F 111 6.42 28.05 6.03
N PHE F 112 7.61 27.45 5.96
CA PHE F 112 8.14 26.87 4.72
C PHE F 112 7.22 25.69 4.35
N GLU F 113 6.92 24.83 5.32
CA GLU F 113 6.00 23.68 5.06
C GLU F 113 4.66 24.24 4.56
N MET F 114 4.18 25.31 5.19
CA MET F 114 2.87 25.90 4.81
C MET F 114 2.88 26.34 3.36
N ILE F 115 3.88 27.12 2.92
CA ILE F 115 3.89 27.49 1.48
C ILE F 115 4.11 26.25 0.60
N MET F 116 4.88 25.26 1.00
CA MET F 116 5.13 24.07 0.14
C MET F 116 3.77 23.36 -0.05
N SER F 117 2.87 23.45 0.93
CA SER F 117 1.56 22.77 0.89
C SER F 117 0.62 23.49 -0.07
N SER F 118 0.90 24.76 -0.38
CA SER F 118 0.10 25.54 -1.35
C SER F 118 0.39 25.08 -2.79
N ASP F 119 -0.38 25.56 -3.75
CA ASP F 119 -0.39 24.98 -5.10
C ASP F 119 0.73 25.58 -5.94
N LEU F 120 0.98 26.86 -5.80
CA LEU F 120 2.04 27.56 -6.56
C LEU F 120 2.76 28.47 -5.57
N ILE F 121 4.04 28.73 -5.85
CA ILE F 121 4.81 29.73 -5.06
C ILE F 121 5.48 30.72 -6.04
N ILE F 122 5.15 31.99 -5.87
CA ILE F 122 5.85 33.07 -6.64
CA ILE F 122 5.74 33.14 -6.63
C ILE F 122 6.54 33.97 -5.61
N ALA F 123 7.83 34.22 -5.84
CA ALA F 123 8.65 34.83 -4.77
C ALA F 123 9.42 36.05 -5.29
N ALA F 124 9.66 37.00 -4.41
CA ALA F 124 10.60 38.10 -4.66
C ALA F 124 12.02 37.53 -4.81
N SER F 125 12.83 38.17 -5.65
CA SER F 125 14.26 37.85 -5.86
C SER F 125 15.04 37.89 -4.55
N THR F 126 14.56 38.58 -3.50
CA THR F 126 15.29 38.80 -2.24
C THR F 126 14.77 37.88 -1.16
N SER F 127 13.76 37.07 -1.45
CA SER F 127 13.15 36.19 -0.43
C SER F 127 14.14 35.06 -0.13
N THR F 128 14.09 34.50 1.09
CA THR F 128 14.95 33.37 1.51
C THR F 128 14.11 32.32 2.24
N PHE F 129 14.57 31.07 2.25
CA PHE F 129 13.80 29.90 2.72
C PHE F 129 14.69 29.04 3.61
N SER F 130 14.24 28.73 4.83
CA SER F 130 14.99 27.85 5.79
CA SER F 130 14.99 27.82 5.74
C SER F 130 14.02 26.81 6.37
N MET F 131 14.45 25.57 6.51
CA MET F 131 13.67 24.54 7.25
C MET F 131 14.44 24.26 8.54
N THR F 132 13.84 24.48 9.69
CA THR F 132 14.61 24.72 10.95
C THR F 132 14.50 23.66 12.05
N PRO F 133 13.83 22.48 11.93
CA PRO F 133 13.69 21.64 13.11
C PRO F 133 15.00 21.21 13.77
N VAL F 134 16.07 21.01 13.01
CA VAL F 134 17.35 20.53 13.61
C VAL F 134 18.04 21.66 14.40
N ASN F 135 17.59 22.90 14.29
CA ASN F 135 18.12 23.99 15.15
C ASN F 135 17.56 23.86 16.58
N LEU F 136 16.41 23.22 16.72
CA LEU F 136 15.66 23.18 17.98
C LEU F 136 15.57 21.75 18.52
N GLY F 137 15.93 20.75 17.74
CA GLY F 137 15.80 19.36 18.17
C GLY F 137 14.41 18.81 17.98
N VAL F 138 13.59 19.42 17.12
CA VAL F 138 12.18 18.99 16.88
C VAL F 138 12.12 17.74 16.02
N PRO F 139 11.37 16.71 16.44
CA PRO F 139 11.15 15.55 15.60
C PRO F 139 9.97 15.85 14.67
N TYR F 140 10.24 16.43 13.50
CA TYR F 140 9.19 16.78 12.50
C TYR F 140 8.39 15.51 12.23
N ASN F 141 7.09 15.64 11.97
CA ASN F 141 6.21 14.46 11.76
C ASN F 141 6.26 14.00 10.30
N LEU F 142 5.84 12.76 10.05
CA LEU F 142 5.86 12.12 8.73
C LEU F 142 5.06 12.97 7.73
N VAL F 143 3.84 13.34 8.06
CA VAL F 143 3.01 14.08 7.06
C VAL F 143 3.75 15.36 6.67
N GLY F 144 4.32 16.04 7.69
CA GLY F 144 5.00 17.35 7.51
C GLY F 144 6.19 17.18 6.60
N ILE F 145 7.00 16.16 6.85
CA ILE F 145 8.19 15.88 6.01
C ILE F 145 7.73 15.54 4.59
N HIS F 146 6.71 14.70 4.46
CA HIS F 146 6.17 14.29 3.14
CA HIS F 146 6.15 14.29 3.14
C HIS F 146 5.82 15.56 2.34
N ASN F 147 5.28 16.57 2.98
CA ASN F 147 4.83 17.82 2.30
C ASN F 147 6.03 18.57 1.69
N LEU F 148 7.25 18.27 2.12
CA LEU F 148 8.51 18.91 1.66
C LEU F 148 9.18 18.09 0.54
N THR F 149 8.61 16.98 0.10
CA THR F 149 9.30 16.01 -0.80
C THR F 149 8.70 15.95 -2.20
N ARG F 150 7.76 16.82 -2.57
CA ARG F 150 7.06 16.70 -3.88
C ARG F 150 7.57 17.70 -4.93
N ASP F 151 8.61 18.49 -4.64
CA ASP F 151 9.11 19.57 -5.55
C ASP F 151 10.59 19.32 -5.87
N ALA F 152 11.43 19.34 -4.85
CA ALA F 152 12.89 19.12 -4.97
C ALA F 152 13.22 17.65 -4.67
N GLY F 153 14.38 17.21 -5.14
CA GLY F 153 14.84 15.84 -4.90
C GLY F 153 15.28 15.58 -3.47
N PHE F 154 15.43 14.32 -3.12
CA PHE F 154 15.82 13.87 -1.77
C PHE F 154 17.12 14.55 -1.32
N HIS F 155 18.18 14.53 -2.12
CA HIS F 155 19.50 15.10 -1.67
C HIS F 155 19.29 16.57 -1.31
N ILE F 156 18.51 17.28 -2.10
CA ILE F 156 18.29 18.72 -1.88
C ILE F 156 17.49 18.89 -0.60
N VAL F 157 16.45 18.09 -0.36
CA VAL F 157 15.61 18.26 0.83
C VAL F 157 16.48 17.97 2.07
N LYS F 158 17.30 16.93 2.01
CA LYS F 158 18.19 16.56 3.13
C LYS F 158 19.21 17.65 3.42
N GLU F 159 19.80 18.27 2.40
CA GLU F 159 20.68 19.44 2.63
C GLU F 159 19.89 20.54 3.39
N LEU F 160 18.71 20.92 2.88
CA LEU F 160 17.88 21.99 3.50
CA LEU F 160 17.90 22.00 3.49
C LEU F 160 17.62 21.69 4.97
N ILE F 161 17.16 20.47 5.26
CA ILE F 161 16.77 20.10 6.64
C ILE F 161 18.02 19.91 7.49
N PHE F 162 19.01 19.18 6.99
CA PHE F 162 20.19 18.82 7.83
C PHE F 162 21.09 20.02 8.12
N THR F 163 21.16 20.99 7.23
CA THR F 163 21.95 22.22 7.48
C THR F 163 21.09 23.27 8.18
N ALA F 164 19.78 23.28 7.95
CA ALA F 164 18.89 24.40 8.32
C ALA F 164 19.42 25.72 7.75
N SER F 165 20.24 25.72 6.70
CA SER F 165 20.79 26.96 6.12
C SER F 165 19.76 27.52 5.15
N PRO F 166 19.60 28.86 5.10
CA PRO F 166 18.69 29.49 4.14
C PRO F 166 19.21 29.29 2.71
N ILE F 167 18.27 29.14 1.80
CA ILE F 167 18.55 29.19 0.35
C ILE F 167 17.89 30.43 -0.23
N THR F 168 18.49 30.93 -1.30
CA THR F 168 17.99 32.10 -2.06
C THR F 168 16.78 31.68 -2.89
N ALA F 169 15.96 32.65 -3.27
CA ALA F 169 14.92 32.53 -4.31
C ALA F 169 15.49 31.90 -5.58
N GLN F 170 16.69 32.28 -6.00
CA GLN F 170 17.26 31.78 -7.26
C GLN F 170 17.50 30.28 -7.12
N ARG F 171 18.08 29.87 -6.01
CA ARG F 171 18.38 28.42 -5.87
C ARG F 171 17.05 27.67 -5.69
N ALA F 172 16.12 28.22 -4.92
CA ALA F 172 14.81 27.53 -4.73
C ALA F 172 14.12 27.37 -6.09
N LEU F 173 14.30 28.32 -7.01
CA LEU F 173 13.72 28.19 -8.37
C LEU F 173 14.42 27.02 -9.10
N ALA F 174 15.74 26.99 -9.04
CA ALA F 174 16.59 26.02 -9.75
C ALA F 174 16.21 24.59 -9.32
N VAL F 175 15.96 24.39 -8.03
CA VAL F 175 15.78 23.00 -7.48
C VAL F 175 14.32 22.56 -7.57
N GLY F 176 13.41 23.44 -7.95
CA GLY F 176 12.00 23.08 -8.23
C GLY F 176 10.99 23.49 -7.14
N ILE F 177 11.43 24.19 -6.10
CA ILE F 177 10.58 24.66 -4.99
C ILE F 177 9.63 25.77 -5.47
N LEU F 178 10.13 26.72 -6.24
CA LEU F 178 9.35 27.91 -6.70
C LEU F 178 8.87 27.72 -8.13
N ASN F 179 7.78 28.40 -8.44
CA ASN F 179 7.28 28.50 -9.83
C ASN F 179 8.01 29.64 -10.57
N HIS F 180 8.06 30.82 -9.97
CA HIS F 180 8.66 32.04 -10.57
C HIS F 180 9.32 32.88 -9.51
N VAL F 181 10.36 33.59 -9.95
CA VAL F 181 11.06 34.59 -9.13
C VAL F 181 10.97 35.90 -9.89
N VAL F 182 10.53 36.94 -9.24
CA VAL F 182 10.44 38.27 -9.91
CA VAL F 182 10.21 38.28 -9.80
C VAL F 182 10.95 39.34 -8.96
N GLU F 183 11.30 40.49 -9.53
CA GLU F 183 11.74 41.67 -8.74
C GLU F 183 10.58 42.04 -7.83
N VAL F 184 10.84 42.48 -6.62
CA VAL F 184 9.79 42.75 -5.63
C VAL F 184 8.77 43.76 -6.16
N GLU F 185 9.20 44.75 -6.95
CA GLU F 185 8.31 45.82 -7.50
C GLU F 185 7.29 45.19 -8.45
N GLU F 186 7.62 44.04 -9.05
CA GLU F 186 6.77 43.40 -10.07
C GLU F 186 5.94 42.28 -9.44
N LEU F 187 6.21 41.90 -8.19
CA LEU F 187 5.67 40.66 -7.58
C LEU F 187 4.12 40.65 -7.55
N GLU F 188 3.51 41.69 -7.01
CA GLU F 188 2.04 41.76 -6.88
CA GLU F 188 2.03 41.86 -6.88
C GLU F 188 1.37 41.72 -8.26
N ASP F 189 1.81 42.50 -9.25
CA ASP F 189 1.14 42.52 -10.59
C ASP F 189 1.33 41.19 -11.30
N PHE F 190 2.51 40.60 -11.20
CA PHE F 190 2.79 39.31 -11.86
C PHE F 190 1.83 38.28 -11.25
N THR F 191 1.75 38.21 -9.92
CA THR F 191 0.94 37.16 -9.22
C THR F 191 -0.55 37.40 -9.51
N LEU F 192 -1.03 38.64 -9.40
CA LEU F 192 -2.44 38.95 -9.71
C LEU F 192 -2.77 38.54 -11.14
N GLN F 193 -1.90 38.81 -12.13
CA GLN F 193 -2.25 38.46 -13.52
C GLN F 193 -2.35 36.95 -13.66
N MET F 194 -1.53 36.21 -12.95
CA MET F 194 -1.62 34.75 -13.08
C MET F 194 -2.92 34.29 -12.38
N ALA F 195 -3.25 34.87 -11.23
CA ALA F 195 -4.47 34.47 -10.49
C ALA F 195 -5.70 34.78 -11.33
N HIS F 196 -5.74 35.97 -11.95
CA HIS F 196 -6.89 36.38 -12.80
CA HIS F 196 -6.94 36.35 -12.76
C HIS F 196 -7.08 35.42 -13.97
N HIS F 197 -5.98 35.01 -14.57
CA HIS F 197 -5.95 34.09 -15.71
C HIS F 197 -6.59 32.75 -15.27
N ILE F 198 -6.10 32.21 -14.16
CA ILE F 198 -6.60 30.93 -13.61
C ILE F 198 -8.11 31.06 -13.35
N SER F 199 -8.54 32.23 -12.86
CA SER F 199 -9.95 32.50 -12.48
C SER F 199 -10.91 32.34 -13.67
N GLU F 200 -10.42 32.30 -14.91
CA GLU F 200 -11.31 32.17 -16.10
C GLU F 200 -11.42 30.71 -16.51
N LYS F 201 -10.63 29.83 -15.90
CA LYS F 201 -10.62 28.40 -16.28
C LYS F 201 -11.74 27.66 -15.57
N ALA F 202 -11.93 26.39 -15.90
CA ALA F 202 -13.04 25.55 -15.39
C ALA F 202 -12.78 25.16 -13.93
N PRO F 203 -13.55 25.71 -12.97
CA PRO F 203 -13.26 25.53 -11.56
C PRO F 203 -13.49 24.11 -11.08
N LEU F 204 -14.44 23.39 -11.68
CA LEU F 204 -14.71 22.00 -11.21
C LEU F 204 -13.57 21.09 -11.68
N ALA F 205 -12.99 21.38 -12.85
CA ALA F 205 -11.89 20.57 -13.39
C ALA F 205 -10.64 20.86 -12.54
N ILE F 206 -10.42 22.13 -12.20
CA ILE F 206 -9.31 22.52 -11.30
C ILE F 206 -9.49 21.77 -9.97
N ALA F 207 -10.68 21.82 -9.37
CA ALA F 207 -10.89 21.23 -8.02
C ALA F 207 -10.66 19.71 -8.08
N VAL F 208 -11.19 19.01 -9.09
CA VAL F 208 -11.00 17.53 -9.08
C VAL F 208 -9.54 17.17 -9.38
N ILE F 209 -8.82 17.91 -10.22
CA ILE F 209 -7.42 17.57 -10.55
C ILE F 209 -6.56 17.87 -9.33
N LYS F 210 -6.86 18.96 -8.63
CA LYS F 210 -6.14 19.30 -7.38
C LYS F 210 -6.29 18.15 -6.39
N GLU F 211 -7.51 17.62 -6.27
CA GLU F 211 -7.80 16.55 -5.29
C GLU F 211 -7.12 15.24 -5.73
N GLU F 212 -7.16 14.91 -7.01
CA GLU F 212 -6.40 13.76 -7.57
C GLU F 212 -4.93 13.89 -7.24
N LEU F 213 -4.36 15.08 -7.43
CA LEU F 213 -2.94 15.30 -7.09
C LEU F 213 -2.74 15.11 -5.59
N ARG F 214 -3.58 15.68 -4.76
CA ARG F 214 -3.43 15.51 -3.29
C ARG F 214 -3.39 14.02 -2.96
N VAL F 215 -4.35 13.25 -3.45
CA VAL F 215 -4.50 11.80 -3.12
CA VAL F 215 -4.42 11.83 -2.99
C VAL F 215 -3.27 11.01 -3.63
N LEU F 216 -2.85 11.31 -4.86
CA LEU F 216 -1.65 10.62 -5.44
C LEU F 216 -0.41 11.01 -4.60
N GLY F 217 -0.35 12.26 -4.17
CA GLY F 217 0.77 12.74 -3.33
C GLY F 217 0.85 12.07 -1.98
N GLU F 218 -0.29 11.68 -1.42
CA GLU F 218 -0.37 11.03 -0.08
C GLU F 218 -0.18 9.52 -0.18
N ALA F 219 -0.28 8.94 -1.40
CA ALA F 219 -0.40 7.49 -1.65
C ALA F 219 0.95 6.78 -1.55
N HIS F 220 1.79 7.18 -0.62
CA HIS F 220 2.95 6.39 -0.17
C HIS F 220 2.52 5.65 1.11
N THR F 221 2.31 4.34 1.02
CA THR F 221 1.62 3.62 2.10
C THR F 221 2.63 2.74 2.84
N MET F 222 2.34 2.53 4.12
CA MET F 222 3.19 1.68 4.95
C MET F 222 2.30 0.93 5.93
N ASN F 223 2.85 -0.13 6.52
CA ASN F 223 2.12 -0.96 7.50
C ASN F 223 2.17 -0.28 8.88
N SER F 224 1.30 -0.72 9.76
CA SER F 224 1.10 -0.11 11.09
C SER F 224 2.41 -0.16 11.91
N ASP F 225 3.18 -1.23 11.77
CA ASP F 225 4.40 -1.44 12.57
C ASP F 225 5.42 -0.36 12.19
N GLU F 226 5.50 -0.03 10.92
CA GLU F 226 6.44 0.98 10.41
C GLU F 226 6.06 2.32 11.01
N PHE F 227 4.79 2.69 10.95
CA PHE F 227 4.28 3.96 11.51
CA PHE F 227 4.31 3.98 11.50
C PHE F 227 4.55 4.01 13.02
N GLU F 228 4.21 2.93 13.72
CA GLU F 228 4.39 2.95 15.20
C GLU F 228 5.87 2.97 15.58
N ARG F 229 6.75 2.39 14.75
CA ARG F 229 8.21 2.38 15.00
C ARG F 229 8.71 3.81 14.87
N ILE F 230 8.20 4.53 13.88
CA ILE F 230 8.55 5.95 13.66
C ILE F 230 8.03 6.77 14.82
N GLN F 231 6.79 6.55 15.22
CA GLN F 231 6.21 7.34 16.33
C GLN F 231 7.06 7.13 17.60
N GLY F 232 7.54 5.93 17.82
CA GLY F 232 8.40 5.61 18.99
C GLY F 232 9.73 6.36 18.92
N MET F 233 10.32 6.44 17.74
CA MET F 233 11.53 7.25 17.51
CA MET F 233 11.54 7.24 17.50
C MET F 233 11.23 8.73 17.79
N ARG F 234 10.10 9.25 17.29
CA ARG F 234 9.74 10.68 17.46
C ARG F 234 9.55 10.98 18.96
N ARG F 235 8.91 10.07 19.69
CA ARG F 235 8.66 10.23 21.15
C ARG F 235 10.03 10.23 21.87
N ALA F 236 10.96 9.37 21.50
CA ALA F 236 12.32 9.38 22.11
C ALA F 236 12.96 10.78 21.90
N VAL F 237 12.69 11.43 20.76
CA VAL F 237 13.24 12.78 20.44
C VAL F 237 12.52 13.83 21.31
N TYR F 238 11.19 13.82 21.40
CA TYR F 238 10.47 14.86 22.20
C TYR F 238 10.59 14.57 23.70
N ASP F 239 11.09 13.39 24.10
CA ASP F 239 11.45 13.08 25.52
C ASP F 239 12.90 13.48 25.82
N SER F 240 13.70 13.93 24.85
CA SER F 240 15.19 13.98 24.93
C SER F 240 15.64 15.21 25.71
N GLU F 241 16.83 15.15 26.29
CA GLU F 241 17.50 16.33 26.88
C GLU F 241 17.69 17.38 25.76
N ASP F 242 18.08 16.93 24.56
CA ASP F 242 18.42 17.83 23.41
C ASP F 242 17.22 18.67 23.05
N TYR F 243 16.02 18.07 22.99
CA TYR F 243 14.79 18.85 22.66
C TYR F 243 14.60 20.00 23.66
N GLN F 244 14.67 19.70 24.97
CA GLN F 244 14.50 20.77 26.02
C GLN F 244 15.61 21.80 25.85
N GLU F 245 16.85 21.36 25.64
CA GLU F 245 18.01 22.27 25.39
C GLU F 245 17.74 23.14 24.16
N GLY F 246 17.17 22.61 23.07
CA GLY F 246 16.94 23.41 21.87
C GLY F 246 15.96 24.55 22.13
N MET F 247 14.83 24.24 22.78
CA MET F 247 13.79 25.20 23.22
C MET F 247 14.43 26.24 24.18
N ASN F 248 15.15 25.78 25.21
CA ASN F 248 15.73 26.68 26.23
C ASN F 248 16.69 27.64 25.55
N ALA F 249 17.58 27.13 24.70
CA ALA F 249 18.61 27.93 23.98
C ALA F 249 17.94 29.03 23.17
N PHE F 250 16.85 28.76 22.48
CA PHE F 250 16.23 29.78 21.62
C PHE F 250 15.71 30.91 22.52
N LEU F 251 14.94 30.57 23.55
CA LEU F 251 14.31 31.53 24.50
C LEU F 251 15.40 32.35 25.19
N GLU F 252 16.51 31.73 25.58
CA GLU F 252 17.66 32.38 26.28
C GLU F 252 18.65 32.99 25.27
N LYS F 253 18.37 32.96 23.97
CA LYS F 253 19.19 33.64 22.94
C LYS F 253 20.65 33.17 23.00
N ARG F 254 20.90 31.86 23.10
CA ARG F 254 22.27 31.29 23.05
C ARG F 254 22.32 30.12 22.04
N LYS F 255 23.53 29.72 21.64
CA LYS F 255 23.75 28.54 20.76
C LYS F 255 23.42 27.29 21.58
N PRO F 256 22.55 26.38 21.09
CA PRO F 256 22.33 25.13 21.82
C PRO F 256 23.60 24.28 21.86
N ASN F 257 23.73 23.49 22.93
CA ASN F 257 24.76 22.43 23.03
C ASN F 257 24.06 21.06 22.99
N PHE F 258 24.01 20.44 21.81
CA PHE F 258 23.32 19.15 21.63
C PHE F 258 24.32 18.02 21.92
N VAL F 259 23.87 16.93 22.53
CA VAL F 259 24.76 15.82 22.98
C VAL F 259 24.25 14.45 22.52
N GLY F 260 23.09 14.31 21.88
CA GLY F 260 22.69 12.97 21.38
C GLY F 260 21.91 12.15 22.39
N HIS F 261 21.31 12.80 23.39
CA HIS F 261 20.29 12.19 24.28
C HIS F 261 19.34 13.26 24.77
#